data_7WSW
#
_entry.id   7WSW
#
_cell.length_a   1.00
_cell.length_b   1.00
_cell.length_c   1.00
_cell.angle_alpha   90.00
_cell.angle_beta   90.00
_cell.angle_gamma   90.00
#
_symmetry.space_group_name_H-M   'P 1'
#
loop_
_entity.id
_entity.type
_entity.pdbx_description
1 polymer 'Potassium channel AKT1'
2 non-polymer PHOSPHATIDYLETHANOLAMINE
3 non-polymer 'POTASSIUM ION'
#
_entity_poly.entity_id   1
_entity_poly.type   'polypeptide(L)'
_entity_poly.pdbx_seq_one_letter_code
;MASDYKDDDDKASDEVDAGTATMRGGALLCGQVQDEIEQLSRESSHFSLSTGILPSLGARSNRRVKLRRFVVSPYDHKYR
IWEAFLVVLVVYTAWVSPFEFGFLRKPRPPLSITDNIVNAFFAIDIIMTFFVGYLDKSTYLIVDDRKQIAFKYLRSWFLL
DLVSTIPSEAAMRISSQSYGLFNMLRLWRLRRVGALFARLEKDRNFNYFWVRCAKLVCVTLFAVHCAACFYYLIAARNSN
PAKTWIGANVANFLEESLWMRYVTSMYWSITTLTTVGYGDLHPVNTKEMIFDIFYMLFNLGLTAYLIGNMTNLVVHGTSR
TRNFRDTIQAASNFAHRNHLPPRLQDQMLAHLCLKYRTDSEGLQQQETLDALPKAIRSSISHFLFYSLMDKVYLFRGVSN
DLLFQLVSEMKAEYFPPKEDVILQNEAPTDFYILVNGTADLVDVDTGTESIVREVKAGDIIGEIGVLCYRPQLFTVRTKR
LCQLLRMNRTTFLNIIQANVGDGTIIMNNLLQHLKEMNDPVMTNVLLEIENMLARGKMDLPLNLCFAAIREDDLLLHQLL
KRGLDPNESDNNGRTPLHIAASKGTLNCVLLLLEYHADPNCRDAEGSVPLWEAMVEGHEKVVKVLLEHGSTIDAGDVGHF
ACTAAEQGNLKLLKEIVLHGGDVTRPRATGTSALHTAVCEENIEMVKYLLEQGADVNKQDMHGWTPRDLAEQQGHEDIKA
LFREKLHERRVHIETSSSVPILKTGIRFLGRFTSEPNIRPASREVSFRIRETRARRKTNNFDNSLFGILANQSVPKNGLA
TVDEGRTGNPVRVTISCAEKDDIAGKLVLLPGSFKELLELGSNKFGIVATKVMNKDNNAEIDDVDVIRDGDHLIFATDS
;
_entity_poly.pdbx_strand_id   A,B,D,C
#
loop_
_chem_comp.id
_chem_comp.type
_chem_comp.name
_chem_comp.formula
K non-polymer 'POTASSIUM ION' 'K 1'
PTY non-polymer PHOSPHATIDYLETHANOLAMINE 'C40 H80 N O8 P'
#
# COMPACT_ATOMS: atom_id res chain seq x y z
N LEU A 28 -18.97 15.39 16.51
CA LEU A 28 -19.37 15.62 15.13
C LEU A 28 -18.52 16.72 14.50
N LEU A 29 -18.45 17.87 15.17
CA LEU A 29 -17.65 18.98 14.66
C LEU A 29 -16.17 18.61 14.61
N CYS A 30 -15.67 17.95 15.65
CA CYS A 30 -14.27 17.54 15.66
C CYS A 30 -13.97 16.53 14.56
N GLY A 31 -14.90 15.57 14.36
CA GLY A 31 -14.69 14.56 13.32
C GLY A 31 -14.63 15.20 11.94
N GLN A 32 -15.47 16.20 11.69
CA GLN A 32 -15.43 16.90 10.40
C GLN A 32 -14.09 17.61 10.22
N VAL A 33 -13.56 18.22 11.29
CA VAL A 33 -12.28 18.91 11.19
C VAL A 33 -11.15 17.92 10.90
N GLN A 34 -11.18 16.75 11.53
CA GLN A 34 -10.14 15.75 11.29
C GLN A 34 -10.16 15.26 9.85
N ASP A 35 -11.36 15.06 9.29
CA ASP A 35 -11.45 14.64 7.90
C ASP A 35 -10.87 15.69 6.95
N GLU A 36 -11.15 16.97 7.23
CA GLU A 36 -10.62 18.05 6.42
C GLU A 36 -9.12 18.23 6.63
N PHE A 70 34.09 38.10 -13.81
CA PHE A 70 32.77 38.56 -13.41
C PHE A 70 31.76 37.43 -13.47
N VAL A 71 32.00 36.37 -12.70
CA VAL A 71 31.10 35.23 -12.71
C VAL A 71 29.79 35.57 -12.00
N VAL A 72 28.78 34.73 -12.21
CA VAL A 72 27.48 34.89 -11.58
C VAL A 72 27.07 33.57 -10.95
N SER A 73 26.28 33.66 -9.89
CA SER A 73 25.80 32.48 -9.19
C SER A 73 24.75 31.75 -10.02
N PRO A 74 24.68 30.42 -9.89
CA PRO A 74 23.65 29.67 -10.62
C PRO A 74 22.27 29.78 -9.98
N TYR A 75 22.14 30.67 -8.98
CA TYR A 75 20.87 30.85 -8.29
C TYR A 75 20.37 32.29 -8.36
N ASP A 76 21.03 33.15 -9.12
CA ASP A 76 20.59 34.54 -9.24
C ASP A 76 19.22 34.61 -9.91
N HIS A 77 18.40 35.56 -9.47
CA HIS A 77 17.08 35.72 -10.04
C HIS A 77 17.15 36.09 -11.52
N LYS A 78 18.07 36.99 -11.87
CA LYS A 78 18.23 37.39 -13.27
C LYS A 78 18.76 36.25 -14.13
N TYR A 79 19.37 35.23 -13.55
CA TYR A 79 19.81 34.06 -14.32
C TYR A 79 18.73 32.99 -14.40
N ARG A 80 17.97 32.79 -13.31
CA ARG A 80 16.88 31.83 -13.35
C ARG A 80 15.74 32.30 -14.24
N ILE A 81 15.50 33.60 -14.29
CA ILE A 81 14.46 34.13 -15.17
C ILE A 81 14.86 34.05 -16.64
N TRP A 82 16.15 33.90 -16.93
CA TRP A 82 16.60 33.78 -18.31
C TRP A 82 16.76 32.33 -18.74
N GLU A 83 17.19 31.46 -17.82
CA GLU A 83 17.30 30.04 -18.14
C GLU A 83 15.93 29.45 -18.45
N ALA A 84 14.92 29.83 -17.68
CA ALA A 84 13.56 29.37 -17.95
C ALA A 84 13.02 29.90 -19.26
N PHE A 85 13.54 31.04 -19.74
CA PHE A 85 13.13 31.55 -21.04
C PHE A 85 13.58 30.62 -22.16
N LEU A 86 14.73 29.96 -22.00
CA LEU A 86 15.22 29.04 -23.02
C LEU A 86 14.35 27.81 -23.16
N VAL A 87 13.48 27.53 -22.19
CA VAL A 87 12.56 26.41 -22.34
C VAL A 87 11.57 26.65 -23.46
N VAL A 88 11.16 27.90 -23.66
CA VAL A 88 10.27 28.23 -24.78
C VAL A 88 10.96 27.93 -26.10
N LEU A 89 12.24 28.33 -26.22
CA LEU A 89 12.98 28.03 -27.44
C LEU A 89 13.21 26.52 -27.61
N VAL A 90 13.40 25.80 -26.51
CA VAL A 90 13.55 24.35 -26.60
C VAL A 90 12.27 23.72 -27.13
N VAL A 91 11.11 24.18 -26.64
CA VAL A 91 9.83 23.68 -27.16
C VAL A 91 9.68 24.01 -28.64
N TYR A 92 10.05 25.24 -29.02
CA TYR A 92 9.94 25.65 -30.41
C TYR A 92 10.79 24.77 -31.31
N THR A 93 12.05 24.53 -30.93
CA THR A 93 12.92 23.72 -31.78
C THR A 93 12.50 22.26 -31.76
N ALA A 94 11.97 21.76 -30.63
CA ALA A 94 11.48 20.39 -30.58
C ALA A 94 10.28 20.21 -31.50
N TRP A 95 9.48 21.25 -31.68
CA TRP A 95 8.41 21.15 -32.67
C TRP A 95 8.95 21.28 -34.10
N VAL A 96 9.89 22.20 -34.32
CA VAL A 96 10.29 22.54 -35.68
C VAL A 96 11.14 21.44 -36.30
N SER A 97 12.13 20.94 -35.56
CA SER A 97 13.12 20.04 -36.16
C SER A 97 12.51 18.80 -36.82
N PRO A 98 11.54 18.09 -36.25
CA PRO A 98 10.95 16.99 -37.00
C PRO A 98 10.12 17.46 -38.18
N PHE A 99 9.41 18.57 -38.03
CA PHE A 99 8.63 19.11 -39.15
C PHE A 99 9.54 19.51 -40.30
N GLU A 100 10.65 20.18 -39.99
CA GLU A 100 11.61 20.54 -41.03
C GLU A 100 12.30 19.32 -41.61
N PHE A 101 12.50 18.27 -40.79
CA PHE A 101 13.15 17.07 -41.26
C PHE A 101 12.26 16.29 -42.21
N GLY A 102 10.95 16.30 -41.98
CA GLY A 102 10.04 15.50 -42.79
C GLY A 102 9.41 16.22 -43.95
N PHE A 103 8.89 17.42 -43.72
CA PHE A 103 8.10 18.13 -44.71
C PHE A 103 8.92 19.07 -45.59
N LEU A 104 10.14 19.41 -45.21
CA LEU A 104 10.95 20.39 -45.92
C LEU A 104 12.28 19.78 -46.35
N ARG A 105 12.71 20.09 -47.57
CA ARG A 105 14.01 19.67 -48.07
C ARG A 105 14.99 20.81 -48.26
N LYS A 106 14.51 22.05 -48.33
CA LYS A 106 15.36 23.22 -48.44
C LYS A 106 14.91 24.29 -47.45
N PRO A 107 15.83 25.10 -46.95
CA PRO A 107 15.46 26.11 -45.94
C PRO A 107 14.58 27.20 -46.54
N ARG A 108 13.34 27.26 -46.08
CA ARG A 108 12.41 28.32 -46.47
C ARG A 108 12.66 29.56 -45.62
N PRO A 109 12.37 30.74 -46.17
CA PRO A 109 12.66 32.00 -45.44
C PRO A 109 11.98 32.05 -44.07
N PRO A 110 10.64 31.89 -43.99
CA PRO A 110 9.97 32.14 -42.70
C PRO A 110 10.42 31.21 -41.60
N LEU A 111 10.97 30.05 -41.93
CA LEU A 111 11.54 29.14 -40.93
C LEU A 111 13.03 29.32 -40.75
N SER A 112 13.77 29.58 -41.83
CA SER A 112 15.21 29.75 -41.71
C SER A 112 15.56 30.98 -40.88
N ILE A 113 14.79 32.06 -41.02
CA ILE A 113 15.09 33.27 -40.25
C ILE A 113 14.95 32.99 -38.76
N THR A 114 13.84 32.34 -38.37
CA THR A 114 13.64 32.04 -36.96
C THR A 114 14.65 31.02 -36.46
N ASP A 115 15.05 30.06 -37.30
CA ASP A 115 16.07 29.11 -36.91
C ASP A 115 17.39 29.81 -36.66
N ASN A 116 17.76 30.77 -37.51
CA ASN A 116 18.97 31.54 -37.29
C ASN A 116 18.89 32.34 -36.00
N ILE A 117 17.73 32.94 -35.72
CA ILE A 117 17.56 33.69 -34.48
C ILE A 117 17.76 32.79 -33.27
N VAL A 118 17.15 31.60 -33.30
CA VAL A 118 17.25 30.68 -32.17
C VAL A 118 18.69 30.17 -32.03
N ASN A 119 19.36 29.92 -33.15
CA ASN A 119 20.76 29.50 -33.10
C ASN A 119 21.63 30.59 -32.49
N ALA A 120 21.37 31.85 -32.83
CA ALA A 120 22.10 32.95 -32.22
C ALA A 120 21.86 33.00 -30.72
N PHE A 121 20.60 32.80 -30.30
CA PHE A 121 20.30 32.80 -28.88
C PHE A 121 21.03 31.68 -28.15
N PHE A 122 21.07 30.49 -28.74
CA PHE A 122 21.77 29.38 -28.09
C PHE A 122 23.27 29.56 -28.11
N ALA A 123 23.82 30.21 -29.14
CA ALA A 123 25.24 30.56 -29.14
C ALA A 123 25.55 31.55 -28.02
N ILE A 124 24.65 32.51 -27.80
CA ILE A 124 24.80 33.43 -26.68
C ILE A 124 24.79 32.66 -25.37
N ASP A 125 23.88 31.69 -25.25
CA ASP A 125 23.85 30.86 -24.06
C ASP A 125 25.17 30.10 -23.86
N ILE A 126 25.72 29.56 -24.95
CA ILE A 126 26.97 28.82 -24.87
C ILE A 126 28.11 29.73 -24.40
N ILE A 127 28.20 30.92 -24.99
CA ILE A 127 29.30 31.81 -24.63
C ILE A 127 29.10 32.38 -23.23
N MET A 128 27.87 32.41 -22.72
CA MET A 128 27.62 32.90 -21.37
C MET A 128 27.82 31.83 -20.30
N THR A 129 27.57 30.55 -20.62
CA THR A 129 27.63 29.51 -19.61
C THR A 129 29.05 29.29 -19.07
N PHE A 130 30.07 29.84 -19.71
CA PHE A 130 31.42 29.77 -19.16
C PHE A 130 31.59 30.66 -17.93
N PHE A 131 30.64 31.56 -17.66
CA PHE A 131 30.72 32.50 -16.54
C PHE A 131 29.74 32.16 -15.44
N VAL A 132 29.32 30.90 -15.36
CA VAL A 132 28.34 30.46 -14.36
C VAL A 132 28.96 29.34 -13.54
N GLY A 133 29.04 29.55 -12.23
CA GLY A 133 29.57 28.51 -11.35
C GLY A 133 28.58 27.41 -11.11
N TYR A 134 29.09 26.27 -10.66
CA TYR A 134 28.28 25.11 -10.33
C TYR A 134 28.48 24.73 -8.87
N LEU A 135 27.68 23.78 -8.41
CA LEU A 135 27.69 23.32 -7.02
C LEU A 135 28.35 21.96 -6.97
N ASP A 136 29.50 21.88 -6.30
CA ASP A 136 30.20 20.61 -6.14
C ASP A 136 29.41 19.68 -5.23
N LYS A 137 29.36 18.40 -5.61
CA LYS A 137 28.61 17.43 -4.83
C LYS A 137 29.31 17.04 -3.54
N SER A 138 30.64 17.08 -3.53
CA SER A 138 31.42 16.73 -2.35
C SER A 138 31.68 17.92 -1.43
N THR A 139 31.22 19.11 -1.80
CA THR A 139 31.46 20.31 -1.02
C THR A 139 30.20 21.13 -0.75
N TYR A 140 29.20 21.07 -1.63
CA TYR A 140 27.97 21.87 -1.50
C TYR A 140 28.29 23.36 -1.43
N LEU A 141 29.25 23.79 -2.25
CA LEU A 141 29.65 25.18 -2.33
C LEU A 141 29.81 25.59 -3.78
N ILE A 142 29.60 26.88 -4.05
CA ILE A 142 29.83 27.40 -5.39
C ILE A 142 31.33 27.36 -5.68
N VAL A 143 31.69 26.78 -6.82
CA VAL A 143 33.10 26.55 -7.13
C VAL A 143 33.84 27.86 -7.33
N ASP A 144 33.28 28.75 -8.15
CA ASP A 144 33.85 30.09 -8.40
C ASP A 144 35.31 29.99 -8.83
N ASP A 145 35.61 29.01 -9.69
CA ASP A 145 36.95 28.81 -10.23
C ASP A 145 36.84 28.70 -11.75
N ARG A 146 37.20 29.77 -12.45
CA ARG A 146 37.07 29.81 -13.90
C ARG A 146 37.93 28.74 -14.57
N LYS A 147 39.01 28.32 -13.93
CA LYS A 147 39.78 27.19 -14.45
C LYS A 147 38.97 25.90 -14.43
N GLN A 148 38.28 25.63 -13.32
CA GLN A 148 37.51 24.40 -13.19
C GLN A 148 36.21 24.44 -13.97
N ILE A 149 35.60 25.62 -14.09
CA ILE A 149 34.32 25.73 -14.78
C ILE A 149 34.45 25.32 -16.25
N ALA A 150 35.49 25.82 -16.92
CA ALA A 150 35.70 25.49 -18.32
C ALA A 150 36.01 24.01 -18.50
N PHE A 151 36.87 23.46 -17.65
CA PHE A 151 37.22 22.04 -17.76
C PHE A 151 36.10 21.12 -17.30
N LYS A 152 35.06 21.64 -16.66
CA LYS A 152 33.87 20.84 -16.42
C LYS A 152 32.89 20.94 -17.58
N TYR A 153 32.70 22.15 -18.12
CA TYR A 153 31.78 22.34 -19.23
C TYR A 153 32.25 21.58 -20.47
N LEU A 154 33.56 21.65 -20.76
CA LEU A 154 34.08 20.94 -21.92
C LEU A 154 33.91 19.44 -21.79
N ARG A 155 34.15 18.90 -20.59
CA ARG A 155 34.05 17.46 -20.40
C ARG A 155 32.59 16.99 -20.36
N SER A 156 31.68 17.84 -19.91
CA SER A 156 30.29 17.41 -19.79
C SER A 156 29.56 17.48 -21.12
N TRP A 157 29.36 18.69 -21.65
CA TRP A 157 28.76 18.84 -22.98
C TRP A 157 29.16 20.20 -23.53
N PHE A 158 30.11 20.21 -24.46
CA PHE A 158 30.46 21.42 -25.19
C PHE A 158 30.35 21.25 -26.70
N LEU A 159 30.84 20.13 -27.24
CA LEU A 159 30.74 19.91 -28.67
C LEU A 159 29.30 19.59 -29.09
N LEU A 160 28.56 18.87 -28.24
CA LEU A 160 27.16 18.58 -28.54
C LEU A 160 26.33 19.85 -28.57
N ASP A 161 26.61 20.78 -27.66
CA ASP A 161 25.92 22.07 -27.69
C ASP A 161 26.36 22.90 -28.89
N LEU A 162 27.63 22.76 -29.30
CA LEU A 162 28.13 23.55 -30.43
C LEU A 162 27.51 23.09 -31.74
N VAL A 163 27.44 21.78 -31.96
CA VAL A 163 26.90 21.27 -33.22
C VAL A 163 25.42 21.58 -33.34
N SER A 164 24.72 21.75 -32.22
CA SER A 164 23.31 22.08 -32.23
C SER A 164 23.05 23.58 -32.39
N THR A 165 24.08 24.34 -32.78
CA THR A 165 23.93 25.78 -33.00
C THR A 165 24.38 26.24 -34.38
N ILE A 166 25.01 25.38 -35.17
CA ILE A 166 25.43 25.78 -36.51
C ILE A 166 24.21 26.04 -37.38
N PRO A 167 24.13 27.18 -38.07
CA PRO A 167 22.96 27.43 -38.93
C PRO A 167 22.87 26.41 -40.05
N SER A 168 21.63 26.12 -40.47
CA SER A 168 21.39 25.11 -41.49
C SER A 168 21.98 25.50 -42.84
N GLU A 169 22.23 26.78 -43.07
CA GLU A 169 22.86 27.20 -44.33
C GLU A 169 24.26 26.62 -44.46
N ALA A 170 25.02 26.61 -43.36
CA ALA A 170 26.36 26.03 -43.39
C ALA A 170 26.31 24.54 -43.66
N ALA A 171 25.32 23.85 -43.09
CA ALA A 171 25.18 22.41 -43.34
C ALA A 171 24.89 22.12 -44.81
N MET A 172 24.03 22.93 -45.43
CA MET A 172 23.76 22.76 -46.85
C MET A 172 25.00 23.03 -47.70
N ARG A 173 25.83 23.98 -47.26
CA ARG A 173 27.07 24.28 -47.98
C ARG A 173 28.00 23.07 -48.01
N ILE A 174 28.04 22.30 -46.92
CA ILE A 174 28.88 21.10 -46.89
C ILE A 174 28.36 20.07 -47.89
N SER A 175 27.05 19.83 -47.89
CA SER A 175 26.46 18.85 -48.79
C SER A 175 24.96 19.08 -48.85
N SER A 176 24.38 18.95 -50.05
CA SER A 176 22.94 19.07 -50.20
C SER A 176 22.20 17.86 -49.65
N GLN A 177 22.85 16.70 -49.59
CA GLN A 177 22.24 15.52 -49.00
C GLN A 177 22.01 15.70 -47.50
N SER A 178 22.71 16.63 -46.88
CA SER A 178 22.50 16.96 -45.47
C SER A 178 21.30 17.88 -45.33
N TYR A 179 21.16 18.51 -44.17
CA TYR A 179 20.09 19.42 -43.75
C TYR A 179 18.83 18.64 -43.38
N GLY A 180 18.76 17.34 -43.65
CA GLY A 180 17.70 16.53 -43.10
C GLY A 180 18.11 15.95 -41.76
N LEU A 181 19.22 15.21 -41.75
CA LEU A 181 19.73 14.61 -40.53
C LEU A 181 20.45 15.61 -39.64
N PHE A 182 20.84 16.77 -40.16
CA PHE A 182 21.48 17.79 -39.36
C PHE A 182 20.49 18.53 -38.46
N ASN A 183 19.24 18.68 -38.91
CA ASN A 183 18.23 19.33 -38.08
C ASN A 183 17.85 18.47 -36.89
N MET A 184 17.91 17.15 -37.03
CA MET A 184 17.64 16.26 -35.91
C MET A 184 18.70 16.34 -34.83
N LEU A 185 19.88 16.89 -35.13
CA LEU A 185 20.89 17.09 -34.10
C LEU A 185 20.49 18.19 -33.13
N ARG A 186 19.60 19.10 -33.55
CA ARG A 186 19.11 20.15 -32.67
C ARG A 186 18.23 19.61 -31.54
N LEU A 187 17.82 18.35 -31.62
CA LEU A 187 17.05 17.74 -30.54
C LEU A 187 17.88 17.52 -29.28
N TRP A 188 19.20 17.73 -29.35
CA TRP A 188 20.05 17.61 -28.16
C TRP A 188 19.63 18.61 -27.09
N ARG A 189 18.97 19.70 -27.48
CA ARG A 189 18.51 20.72 -26.54
C ARG A 189 17.36 20.23 -25.66
N LEU A 190 17.00 18.95 -25.69
CA LEU A 190 15.91 18.43 -24.88
C LEU A 190 16.36 18.02 -23.47
N ARG A 191 17.62 18.25 -23.12
CA ARG A 191 18.05 17.99 -21.75
C ARG A 191 17.52 19.05 -20.79
N ARG A 192 17.27 20.26 -21.30
CA ARG A 192 16.80 21.35 -20.44
C ARG A 192 15.43 21.05 -19.87
N VAL A 193 14.52 20.53 -20.68
CA VAL A 193 13.18 20.22 -20.19
C VAL A 193 13.22 19.07 -19.20
N GLY A 194 14.09 18.08 -19.43
CA GLY A 194 14.25 17.01 -18.46
C GLY A 194 14.76 17.51 -17.12
N ALA A 195 15.76 18.37 -17.16
CA ALA A 195 16.28 18.95 -15.91
C ALA A 195 15.21 19.78 -15.22
N LEU A 196 14.44 20.56 -15.98
CA LEU A 196 13.37 21.35 -15.39
C LEU A 196 12.32 20.47 -14.73
N PHE A 197 11.95 19.37 -15.39
CA PHE A 197 10.97 18.47 -14.80
C PHE A 197 11.51 17.81 -13.54
N ALA A 198 12.79 17.44 -13.54
CA ALA A 198 13.39 16.88 -12.34
C ALA A 198 13.36 17.88 -11.18
N ARG A 199 13.71 19.14 -11.47
CA ARG A 199 13.67 20.18 -10.45
C ARG A 199 12.25 20.40 -9.93
N LEU A 200 11.27 20.40 -10.83
CA LEU A 200 9.88 20.57 -10.41
C LEU A 200 9.42 19.41 -9.54
N GLU A 201 9.82 18.20 -9.89
CA GLU A 201 9.48 17.05 -9.06
C GLU A 201 10.11 17.15 -7.68
N LYS A 202 11.36 17.64 -7.62
CA LYS A 202 12.04 17.83 -6.35
C LYS A 202 11.73 19.18 -5.70
N ASP A 203 10.60 19.80 -6.06
CA ASP A 203 10.21 21.08 -5.50
C ASP A 203 8.88 20.94 -4.76
N ARG A 204 8.72 21.74 -3.71
CA ARG A 204 7.54 21.66 -2.86
C ARG A 204 6.39 22.55 -3.35
N ASN A 205 6.71 23.71 -3.92
CA ASN A 205 5.67 24.66 -4.29
C ASN A 205 4.76 24.16 -5.40
N PHE A 206 5.20 23.17 -6.17
CA PHE A 206 4.45 22.66 -7.31
C PHE A 206 3.84 21.31 -6.99
N ASN A 207 2.57 21.14 -7.36
CA ASN A 207 1.87 19.89 -7.08
C ASN A 207 2.47 18.75 -7.88
N TYR A 208 2.68 17.61 -7.22
CA TYR A 208 3.27 16.46 -7.89
C TYR A 208 2.37 15.93 -9.00
N PHE A 209 1.06 15.90 -8.76
CA PHE A 209 0.12 15.36 -9.72
C PHE A 209 0.16 16.13 -11.03
N TRP A 210 0.12 17.46 -10.96
CA TRP A 210 0.12 18.26 -12.18
C TRP A 210 1.46 18.20 -12.90
N VAL A 211 2.57 18.12 -12.17
CA VAL A 211 3.87 17.97 -12.82
C VAL A 211 3.93 16.66 -13.58
N ARG A 212 3.48 15.57 -12.96
CA ARG A 212 3.48 14.28 -13.66
C ARG A 212 2.57 14.31 -14.87
N CYS A 213 1.38 14.91 -14.73
CA CYS A 213 0.46 14.98 -15.87
C CYS A 213 1.06 15.78 -17.02
N ALA A 214 1.70 16.92 -16.71
CA ALA A 214 2.32 17.73 -17.74
C ALA A 214 3.45 16.97 -18.43
N LYS A 215 4.26 16.24 -17.65
CA LYS A 215 5.34 15.46 -18.24
C LYS A 215 4.78 14.41 -19.19
N LEU A 216 3.73 13.69 -18.78
CA LEU A 216 3.14 12.67 -19.65
C LEU A 216 2.57 13.29 -20.91
N VAL A 217 1.89 14.43 -20.79
CA VAL A 217 1.32 15.10 -21.94
C VAL A 217 2.41 15.53 -22.92
N CYS A 218 3.50 16.11 -22.39
CA CYS A 218 4.60 16.52 -23.26
C CYS A 218 5.21 15.33 -23.97
N VAL A 219 5.40 14.23 -23.26
CA VAL A 219 6.02 13.04 -23.86
C VAL A 219 5.14 12.50 -24.99
N THR A 220 3.83 12.36 -24.72
CA THR A 220 2.97 11.79 -25.75
C THR A 220 2.81 12.71 -26.95
N LEU A 221 2.75 14.03 -26.70
CA LEU A 221 2.66 14.96 -27.82
C LEU A 221 3.91 14.93 -28.69
N PHE A 222 5.09 14.88 -28.05
CA PHE A 222 6.32 14.80 -28.82
C PHE A 222 6.39 13.50 -29.62
N ALA A 223 5.97 12.38 -29.02
CA ALA A 223 5.96 11.13 -29.75
C ALA A 223 5.04 11.19 -30.96
N VAL A 224 3.84 11.77 -30.78
CA VAL A 224 2.90 11.89 -31.89
C VAL A 224 3.51 12.72 -33.01
N HIS A 225 4.09 13.87 -32.67
CA HIS A 225 4.64 14.75 -33.68
C HIS A 225 5.79 14.08 -34.44
N CYS A 226 6.71 13.45 -33.71
CA CYS A 226 7.85 12.80 -34.36
C CYS A 226 7.39 11.67 -35.28
N ALA A 227 6.44 10.85 -34.81
CA ALA A 227 5.95 9.75 -35.64
C ALA A 227 5.26 10.28 -36.90
N ALA A 228 4.45 11.33 -36.76
CA ALA A 228 3.77 11.90 -37.91
C ALA A 228 4.76 12.41 -38.93
N CYS A 229 5.78 13.14 -38.47
CA CYS A 229 6.78 13.68 -39.39
C CYS A 229 7.54 12.55 -40.09
N PHE A 230 7.96 11.53 -39.33
CA PHE A 230 8.70 10.43 -39.94
C PHE A 230 7.86 9.69 -40.96
N TYR A 231 6.57 9.48 -40.66
CA TYR A 231 5.73 8.70 -41.57
C TYR A 231 5.43 9.48 -42.84
N TYR A 232 5.20 10.80 -42.72
CA TYR A 232 5.06 11.60 -43.93
C TYR A 232 6.35 11.64 -44.74
N LEU A 233 7.51 11.65 -44.06
CA LEU A 233 8.77 11.59 -44.80
C LEU A 233 8.90 10.29 -45.57
N ILE A 234 8.52 9.18 -44.95
CA ILE A 234 8.55 7.89 -45.65
C ILE A 234 7.62 7.93 -46.86
N ALA A 235 6.45 8.56 -46.71
CA ALA A 235 5.51 8.66 -47.82
C ALA A 235 6.09 9.49 -48.96
N ALA A 236 6.66 10.66 -48.64
CA ALA A 236 7.09 11.59 -49.68
C ALA A 236 8.33 11.08 -50.42
N ARG A 237 9.32 10.59 -49.67
CA ARG A 237 10.55 10.11 -50.29
C ARG A 237 10.33 8.74 -50.91
N ASN A 238 9.49 8.67 -51.95
CA ASN A 238 9.18 7.41 -52.60
C ASN A 238 8.69 7.70 -54.02
N SER A 239 9.26 6.99 -54.98
CA SER A 239 8.77 7.07 -56.35
C SER A 239 7.39 6.44 -56.44
N ASN A 240 6.64 6.83 -57.49
CA ASN A 240 5.27 6.38 -57.70
C ASN A 240 4.42 6.74 -56.49
N PRO A 241 4.10 8.02 -56.30
CA PRO A 241 3.37 8.44 -55.09
C PRO A 241 2.00 7.81 -54.95
N ALA A 242 1.42 7.28 -56.03
CA ALA A 242 0.11 6.63 -55.94
C ALA A 242 0.14 5.33 -55.15
N LYS A 243 1.32 4.80 -54.84
CA LYS A 243 1.48 3.57 -54.08
C LYS A 243 1.90 3.85 -52.64
N THR A 244 1.42 4.95 -52.07
CA THR A 244 1.71 5.33 -50.70
C THR A 244 0.40 5.42 -49.91
N TRP A 245 0.54 5.53 -48.59
CA TRP A 245 -0.65 5.58 -47.73
C TRP A 245 -1.45 6.84 -47.99
N ILE A 246 -0.79 7.98 -48.22
CA ILE A 246 -1.51 9.21 -48.50
C ILE A 246 -1.81 9.37 -49.99
N GLY A 247 -1.04 8.71 -50.87
CA GLY A 247 -1.33 8.78 -52.28
C GLY A 247 -2.49 7.94 -52.73
N ALA A 248 -2.87 6.93 -51.94
CA ALA A 248 -4.02 6.09 -52.26
C ALA A 248 -5.32 6.67 -51.73
N ASN A 249 -5.27 7.69 -50.88
CA ASN A 249 -6.46 8.32 -50.33
C ASN A 249 -6.75 9.67 -50.95
N VAL A 250 -5.79 10.58 -50.95
CA VAL A 250 -5.97 11.89 -51.55
C VAL A 250 -5.69 11.86 -53.05
N ALA A 251 -4.64 11.16 -53.47
CA ALA A 251 -4.21 10.97 -54.85
C ALA A 251 -3.72 12.26 -55.49
N ASN A 252 -3.68 13.38 -54.74
CA ASN A 252 -3.19 14.63 -55.31
C ASN A 252 -2.28 15.38 -54.33
N PHE A 253 -1.68 14.69 -53.37
CA PHE A 253 -0.75 15.33 -52.47
C PHE A 253 0.53 15.74 -53.20
N LEU A 254 1.41 16.45 -52.49
CA LEU A 254 2.55 17.17 -53.03
C LEU A 254 2.14 18.35 -53.90
N GLU A 255 0.85 18.67 -53.96
CA GLU A 255 0.37 19.80 -54.75
C GLU A 255 -0.52 20.77 -53.98
N GLU A 256 -1.20 20.34 -52.93
CA GLU A 256 -2.05 21.23 -52.16
C GLU A 256 -1.27 21.79 -50.96
N SER A 257 -2.01 22.46 -50.08
CA SER A 257 -1.39 23.20 -48.99
C SER A 257 -0.62 22.29 -48.04
N LEU A 258 0.48 22.82 -47.51
CA LEU A 258 1.26 22.09 -46.52
C LEU A 258 0.46 21.85 -45.24
N TRP A 259 -0.45 22.76 -44.92
CA TRP A 259 -1.27 22.61 -43.73
C TRP A 259 -2.13 21.36 -43.80
N MET A 260 -2.72 21.08 -44.97
CA MET A 260 -3.54 19.89 -45.11
C MET A 260 -2.71 18.63 -44.87
N ARG A 261 -1.53 18.56 -45.48
CA ARG A 261 -0.69 17.37 -45.31
C ARG A 261 -0.25 17.21 -43.86
N TYR A 262 0.11 18.32 -43.20
CA TYR A 262 0.52 18.25 -41.81
C TYR A 262 -0.61 17.74 -40.93
N VAL A 263 -1.82 18.30 -41.10
CA VAL A 263 -2.92 17.87 -40.25
C VAL A 263 -3.34 16.45 -40.57
N THR A 264 -3.24 16.03 -41.83
CA THR A 264 -3.55 14.64 -42.18
C THR A 264 -2.59 13.68 -41.51
N SER A 265 -1.29 13.97 -41.58
CA SER A 265 -0.30 13.10 -40.95
C SER A 265 -0.49 13.08 -39.43
N MET A 266 -0.76 14.23 -38.83
CA MET A 266 -1.00 14.28 -37.39
C MET A 266 -2.25 13.49 -37.00
N TYR A 267 -3.30 13.59 -37.81
CA TYR A 267 -4.52 12.83 -37.55
C TYR A 267 -4.25 11.33 -37.63
N TRP A 268 -3.46 10.91 -38.62
CA TRP A 268 -3.09 9.50 -38.70
C TRP A 268 -2.32 9.07 -37.46
N SER A 269 -1.36 9.89 -37.02
CA SER A 269 -0.56 9.53 -35.85
C SER A 269 -1.42 9.43 -34.61
N ILE A 270 -2.36 10.36 -34.43
CA ILE A 270 -3.24 10.33 -33.27
C ILE A 270 -4.14 9.09 -33.32
N THR A 271 -4.69 8.77 -34.49
CA THR A 271 -5.53 7.59 -34.59
C THR A 271 -4.74 6.32 -34.30
N THR A 272 -3.49 6.25 -34.75
CA THR A 272 -2.69 5.06 -34.48
C THR A 272 -2.32 4.96 -33.00
N LEU A 273 -1.98 6.08 -32.37
CA LEU A 273 -1.57 6.04 -30.97
C LEU A 273 -2.72 5.64 -30.06
N THR A 274 -3.86 6.27 -30.19
CA THR A 274 -5.02 5.95 -29.35
C THR A 274 -5.68 4.64 -29.74
N THR A 275 -5.08 3.88 -30.66
CA THR A 275 -5.57 2.58 -31.08
C THR A 275 -7.01 2.64 -31.59
N VAL A 276 -7.36 3.74 -32.26
CA VAL A 276 -8.66 3.82 -32.91
C VAL A 276 -8.64 3.07 -34.23
N GLY A 277 -7.71 3.44 -35.11
CA GLY A 277 -7.55 2.75 -36.38
C GLY A 277 -8.80 2.76 -37.23
N TYR A 278 -9.17 3.93 -37.74
CA TYR A 278 -10.38 4.03 -38.55
C TYR A 278 -10.30 3.15 -39.79
N GLY A 279 -9.20 3.26 -40.53
CA GLY A 279 -9.01 2.43 -41.70
C GLY A 279 -8.47 3.18 -42.89
N ASP A 280 -8.87 4.44 -43.03
CA ASP A 280 -8.23 5.30 -44.01
C ASP A 280 -6.81 5.62 -43.55
N LEU A 281 -5.94 5.90 -44.51
CA LEU A 281 -4.53 6.20 -44.25
C LEU A 281 -3.86 5.04 -43.51
N HIS A 282 -3.79 3.90 -44.21
CA HIS A 282 -3.14 2.71 -43.71
C HIS A 282 -1.94 2.35 -44.60
N PRO A 283 -0.93 1.68 -44.04
CA PRO A 283 0.26 1.36 -44.83
C PRO A 283 -0.07 0.47 -46.03
N VAL A 284 0.69 0.66 -47.10
CA VAL A 284 0.48 -0.07 -48.34
C VAL A 284 1.72 -0.88 -48.69
N ASN A 285 2.86 -0.22 -48.83
CA ASN A 285 4.10 -0.90 -49.18
C ASN A 285 4.76 -1.45 -47.92
N THR A 286 5.95 -2.04 -48.08
CA THR A 286 6.62 -2.74 -46.99
C THR A 286 7.25 -1.78 -45.97
N LYS A 287 7.85 -0.69 -46.43
CA LYS A 287 8.52 0.23 -45.51
C LYS A 287 7.52 0.83 -44.52
N GLU A 288 6.35 1.24 -45.01
CA GLU A 288 5.32 1.77 -44.12
C GLU A 288 4.85 0.70 -43.15
N MET A 289 4.74 -0.55 -43.59
CA MET A 289 4.33 -1.62 -42.68
C MET A 289 5.36 -1.81 -41.57
N ILE A 290 6.65 -1.81 -41.91
CA ILE A 290 7.68 -1.99 -40.88
C ILE A 290 7.66 -0.83 -39.89
N PHE A 291 7.58 0.40 -40.40
CA PHE A 291 7.56 1.55 -39.51
C PHE A 291 6.33 1.52 -38.61
N ASP A 292 5.18 1.15 -39.16
CA ASP A 292 3.96 1.06 -38.36
C ASP A 292 4.08 -0.03 -37.31
N ILE A 293 4.69 -1.16 -37.66
CA ILE A 293 4.88 -2.24 -36.69
C ILE A 293 5.67 -1.73 -35.50
N PHE A 294 6.81 -1.07 -35.77
CA PHE A 294 7.62 -0.55 -34.67
C PHE A 294 6.87 0.52 -33.90
N TYR A 295 6.11 1.36 -34.60
CA TYR A 295 5.39 2.44 -33.94
C TYR A 295 4.34 1.90 -32.98
N MET A 296 3.56 0.90 -33.41
CA MET A 296 2.55 0.35 -32.50
C MET A 296 3.21 -0.44 -31.37
N LEU A 297 4.35 -1.08 -31.65
CA LEU A 297 5.06 -1.77 -30.57
C LEU A 297 5.49 -0.77 -29.50
N PHE A 298 5.97 0.40 -29.90
CA PHE A 298 6.27 1.44 -28.92
C PHE A 298 5.01 1.95 -28.24
N ASN A 299 3.92 2.08 -28.99
CA ASN A 299 2.68 2.64 -28.46
C ASN A 299 2.09 1.78 -27.36
N LEU A 300 2.19 0.46 -27.50
CA LEU A 300 1.68 -0.42 -26.45
C LEU A 300 2.33 -0.09 -25.11
N GLY A 301 3.67 -0.02 -25.10
CA GLY A 301 4.37 0.33 -23.87
C GLY A 301 4.06 1.73 -23.40
N LEU A 302 3.91 2.66 -24.34
CA LEU A 302 3.60 4.05 -23.94
C LEU A 302 2.25 4.12 -23.23
N THR A 303 1.23 3.45 -23.79
CA THR A 303 -0.08 3.45 -23.15
C THR A 303 -0.05 2.74 -21.82
N ALA A 304 0.69 1.63 -21.72
CA ALA A 304 0.81 0.95 -20.44
C ALA A 304 1.46 1.86 -19.40
N TYR A 305 2.51 2.59 -19.79
CA TYR A 305 3.18 3.51 -18.89
C TYR A 305 2.24 4.63 -18.45
N LEU A 306 1.45 5.18 -19.38
CA LEU A 306 0.52 6.23 -19.02
C LEU A 306 -0.54 5.73 -18.04
N ILE A 307 -1.07 4.53 -18.28
CA ILE A 307 -2.08 3.98 -17.38
C ILE A 307 -1.49 3.71 -16.01
N GLY A 308 -0.26 3.18 -15.97
CA GLY A 308 0.38 2.95 -14.69
C GLY A 308 0.61 4.22 -13.91
N ASN A 309 1.07 5.28 -14.59
CA ASN A 309 1.27 6.56 -13.91
C ASN A 309 -0.05 7.13 -13.41
N MET A 310 -1.12 7.02 -14.21
CA MET A 310 -2.41 7.53 -13.78
C MET A 310 -2.91 6.77 -12.56
N THR A 311 -2.75 5.44 -12.55
CA THR A 311 -3.14 4.66 -11.39
C THR A 311 -2.33 5.04 -10.16
N ASN A 312 -1.02 5.24 -10.33
CA ASN A 312 -0.16 5.62 -9.22
C ASN A 312 -0.56 6.98 -8.66
N LEU A 313 -0.92 7.92 -9.53
CA LEU A 313 -1.37 9.22 -9.05
C LEU A 313 -2.73 9.13 -8.35
N VAL A 314 -3.63 8.28 -8.87
CA VAL A 314 -4.94 8.13 -8.26
C VAL A 314 -4.84 7.47 -6.89
N VAL A 315 -3.93 6.53 -6.70
CA VAL A 315 -3.77 5.86 -5.41
C VAL A 315 -2.67 6.58 -4.64
N HIS A 316 -2.58 6.30 -3.34
CA HIS A 316 -1.57 6.87 -2.45
C HIS A 316 -1.88 8.34 -2.16
N GLY A 317 -2.87 8.89 -2.87
CA GLY A 317 -3.32 10.24 -2.56
C GLY A 317 -4.52 10.22 -1.62
N THR A 318 -5.50 9.37 -1.92
CA THR A 318 -6.62 9.14 -1.03
C THR A 318 -6.42 7.90 -0.16
N SER A 319 -5.27 7.24 -0.25
CA SER A 319 -5.05 6.01 0.49
C SER A 319 -4.96 6.27 1.99
N ARG A 320 -4.20 7.30 2.39
CA ARG A 320 -4.07 7.58 3.82
C ARG A 320 -5.29 8.31 4.39
N THR A 321 -6.26 8.65 3.53
CA THR A 321 -7.58 9.02 4.03
C THR A 321 -8.36 7.80 4.49
N ARG A 322 -8.22 6.66 3.80
CA ARG A 322 -9.13 5.54 3.99
C ARG A 322 -8.87 4.78 5.28
N ASN A 323 -7.64 4.80 5.79
CA ASN A 323 -7.38 4.18 7.09
C ASN A 323 -8.19 4.86 8.18
N PHE A 324 -8.11 6.19 8.24
CA PHE A 324 -8.92 6.94 9.19
C PHE A 324 -10.40 6.74 8.89
N ARG A 325 -10.77 6.75 7.61
CA ARG A 325 -12.18 6.66 7.24
C ARG A 325 -12.80 5.36 7.74
N ASP A 326 -12.14 4.23 7.50
CA ASP A 326 -12.75 2.97 7.91
C ASP A 326 -12.58 2.71 9.41
N THR A 327 -11.47 3.16 10.03
CA THR A 327 -11.33 2.95 11.46
C THR A 327 -12.34 3.79 12.23
N ILE A 328 -12.82 4.88 11.64
CA ILE A 328 -13.91 5.62 12.28
C ILE A 328 -15.27 5.12 11.84
N GLN A 329 -15.37 4.53 10.64
CA GLN A 329 -16.63 3.95 10.19
C GLN A 329 -17.02 2.77 11.07
N ALA A 330 -16.05 1.92 11.43
CA ALA A 330 -16.34 0.81 12.32
C ALA A 330 -16.83 1.31 13.68
N ALA A 331 -16.19 2.33 14.22
CA ALA A 331 -16.63 2.89 15.50
C ALA A 331 -18.03 3.47 15.38
N SER A 332 -18.30 4.20 14.30
CA SER A 332 -19.61 4.83 14.12
C SER A 332 -20.71 3.79 14.00
N ASN A 333 -20.48 2.72 13.23
CA ASN A 333 -21.55 1.74 13.04
C ASN A 333 -21.74 0.90 14.31
N PHE A 334 -20.65 0.58 15.02
CA PHE A 334 -20.80 -0.13 16.28
C PHE A 334 -21.53 0.73 17.31
N ALA A 335 -21.29 2.04 17.31
CA ALA A 335 -22.02 2.92 18.21
C ALA A 335 -23.50 3.01 17.82
N HIS A 336 -23.77 3.11 16.52
CA HIS A 336 -25.15 3.21 16.07
C HIS A 336 -25.95 1.95 16.41
N ARG A 337 -25.35 0.78 16.19
CA ARG A 337 -26.01 -0.47 16.54
C ARG A 337 -25.68 -0.85 17.98
N ASN A 338 -26.26 -1.94 18.45
CA ASN A 338 -25.92 -2.56 19.73
C ASN A 338 -26.08 -1.56 20.89
N HIS A 339 -27.32 -1.13 21.10
CA HIS A 339 -27.68 -0.30 22.26
C HIS A 339 -26.88 1.00 22.28
N LEU A 340 -27.17 1.85 21.31
CA LEU A 340 -26.49 3.11 21.14
C LEU A 340 -26.59 3.96 22.41
N PRO A 341 -25.46 4.39 22.98
CA PRO A 341 -25.49 5.21 24.19
C PRO A 341 -26.07 6.58 23.91
N PRO A 342 -26.63 7.25 24.92
CA PRO A 342 -27.20 8.59 24.70
C PRO A 342 -26.14 9.60 24.29
N ARG A 343 -25.08 9.74 25.09
CA ARG A 343 -24.01 10.66 24.82
C ARG A 343 -22.62 10.07 24.98
N LEU A 344 -22.49 8.86 25.52
CA LEU A 344 -21.18 8.23 25.63
C LEU A 344 -20.59 7.93 24.25
N GLN A 345 -21.44 7.54 23.30
CA GLN A 345 -20.97 7.30 21.94
C GLN A 345 -20.43 8.56 21.30
N ASP A 346 -20.97 9.73 21.67
CA ASP A 346 -20.42 10.99 21.19
C ASP A 346 -19.06 11.27 21.81
N GLN A 347 -18.88 10.87 23.07
CA GLN A 347 -17.61 11.12 23.75
C GLN A 347 -16.47 10.32 23.13
N MET A 348 -16.73 9.05 22.77
CA MET A 348 -15.65 8.19 22.31
C MET A 348 -15.16 8.58 20.93
N LEU A 349 -16.07 9.01 20.05
CA LEU A 349 -15.65 9.41 18.71
C LEU A 349 -14.76 10.65 18.77
N ALA A 350 -15.06 11.57 19.69
CA ALA A 350 -14.19 12.72 19.90
C ALA A 350 -12.82 12.28 20.38
N HIS A 351 -12.77 11.27 21.26
CA HIS A 351 -11.49 10.74 21.72
C HIS A 351 -10.70 10.13 20.56
N LEU A 352 -11.37 9.39 19.68
CA LEU A 352 -10.67 8.83 18.52
C LEU A 352 -10.17 9.94 17.60
N CYS A 353 -10.98 10.97 17.39
CA CYS A 353 -10.56 12.10 16.56
C CYS A 353 -9.33 12.78 17.14
N LEU A 354 -9.32 12.99 18.46
CA LEU A 354 -8.16 13.61 19.10
C LEU A 354 -6.94 12.71 19.05
N LYS A 355 -7.13 11.39 19.22
CA LYS A 355 -6.01 10.47 19.15
C LYS A 355 -5.40 10.45 17.75
N TYR A 356 -6.23 10.47 16.72
CA TYR A 356 -5.70 10.49 15.35
C TYR A 356 -4.89 11.75 15.09
N ARG A 357 -5.28 12.87 15.72
CA ARG A 357 -4.46 14.08 15.64
C ARG A 357 -3.21 13.97 16.52
N THR A 358 -3.35 13.38 17.70
CA THR A 358 -2.24 13.35 18.65
C THR A 358 -1.10 12.48 18.14
N ASP A 359 -1.39 11.26 17.71
CA ASP A 359 -0.33 10.37 17.27
C ASP A 359 0.31 10.85 15.97
N SER A 360 -0.48 11.50 15.10
CA SER A 360 0.08 12.05 13.86
C SER A 360 1.11 13.13 14.16
N GLU A 361 0.75 14.10 15.01
CA GLU A 361 1.70 15.13 15.40
C GLU A 361 2.85 14.54 16.20
N GLY A 362 2.56 13.57 17.07
CA GLY A 362 3.61 12.90 17.82
C GLY A 362 4.55 12.10 16.96
N LEU A 363 4.12 11.71 15.77
CA LEU A 363 4.98 10.99 14.82
C LEU A 363 5.71 11.94 13.88
N GLN A 364 5.06 13.01 13.42
CA GLN A 364 5.73 13.99 12.57
C GLN A 364 6.87 14.66 13.33
N GLN A 365 6.62 15.04 14.59
CA GLN A 365 7.68 15.61 15.42
C GLN A 365 8.81 14.61 15.64
N GLN A 366 8.46 13.35 15.90
CA GLN A 366 9.49 12.32 16.06
C GLN A 366 10.21 12.05 14.75
N GLU A 367 9.53 12.18 13.62
CA GLU A 367 10.17 11.93 12.34
C GLU A 367 11.14 13.05 11.97
N THR A 368 10.73 14.31 12.16
CA THR A 368 11.61 15.42 11.81
C THR A 368 12.78 15.51 12.78
N LEU A 369 12.57 15.14 14.04
CA LEU A 369 13.67 15.05 14.99
C LEU A 369 14.32 13.68 14.88
N ASP A 370 15.36 13.46 15.70
CA ASP A 370 16.14 12.23 15.70
C ASP A 370 16.86 12.03 14.37
N ALA A 371 16.75 13.01 13.48
CA ALA A 371 17.48 13.02 12.22
C ALA A 371 18.40 14.23 12.09
N LEU A 372 18.31 15.19 12.99
CA LEU A 372 19.08 16.41 13.11
C LEU A 372 20.15 16.26 14.17
N PRO A 373 21.25 17.00 14.08
CA PRO A 373 22.29 16.92 15.10
C PRO A 373 21.80 17.44 16.44
N LYS A 374 22.49 16.99 17.50
CA LYS A 374 22.10 17.38 18.85
C LYS A 374 22.22 18.88 19.04
N ALA A 375 23.16 19.52 18.34
CA ALA A 375 23.39 20.95 18.52
C ALA A 375 22.20 21.81 18.11
N ILE A 376 21.35 21.32 17.21
CA ILE A 376 20.21 22.11 16.76
C ILE A 376 18.95 21.66 17.50
N ARG A 377 18.88 20.37 17.84
CA ARG A 377 17.75 19.89 18.64
C ARG A 377 17.76 20.53 20.02
N SER A 378 18.95 20.68 20.61
CA SER A 378 19.05 21.37 21.90
C SER A 378 18.59 22.81 21.79
N SER A 379 18.96 23.50 20.70
CA SER A 379 18.54 24.88 20.52
C SER A 379 17.02 24.96 20.37
N ILE A 380 16.43 24.03 19.62
CA ILE A 380 14.97 24.02 19.45
C ILE A 380 14.28 23.80 20.79
N SER A 381 14.77 22.83 21.56
CA SER A 381 14.16 22.55 22.86
C SER A 381 14.32 23.74 23.81
N HIS A 382 15.48 24.41 23.77
CA HIS A 382 15.68 25.60 24.59
C HIS A 382 14.72 26.71 24.19
N PHE A 383 14.52 26.90 22.89
CA PHE A 383 13.57 27.91 22.44
C PHE A 383 12.15 27.57 22.90
N LEU A 384 11.81 26.28 22.92
CA LEU A 384 10.43 25.89 23.20
C LEU A 384 10.14 25.84 24.71
N PHE A 385 11.05 25.28 25.50
CA PHE A 385 10.72 24.88 26.86
C PHE A 385 11.55 25.53 27.96
N TYR A 386 12.65 26.22 27.63
CA TYR A 386 13.50 26.77 28.68
C TYR A 386 12.75 27.82 29.50
N SER A 387 11.98 28.68 28.84
CA SER A 387 11.24 29.71 29.56
C SER A 387 10.21 29.08 30.49
N LEU A 388 9.52 28.04 30.03
CA LEU A 388 8.49 27.40 30.84
C LEU A 388 9.07 26.74 32.08
N MET A 389 10.20 26.04 31.93
CA MET A 389 10.79 25.32 33.05
C MET A 389 11.36 26.24 34.13
N ASP A 390 11.50 27.54 33.85
CA ASP A 390 11.93 28.47 34.89
C ASP A 390 10.96 28.49 36.05
N LYS A 391 9.69 28.19 35.80
CA LYS A 391 8.67 28.19 36.84
C LYS A 391 8.62 26.89 37.63
N VAL A 392 9.43 25.90 37.26
CA VAL A 392 9.42 24.62 37.96
C VAL A 392 9.98 24.81 39.36
N TYR A 393 9.28 24.27 40.36
CA TYR A 393 9.65 24.52 41.75
C TYR A 393 10.91 23.76 42.18
N LEU A 394 11.12 22.55 41.67
CA LEU A 394 12.30 21.80 42.06
C LEU A 394 13.58 22.48 41.61
N PHE A 395 13.60 23.00 40.38
CA PHE A 395 14.78 23.65 39.84
C PHE A 395 14.70 25.16 40.10
N ARG A 396 14.86 25.51 41.37
CA ARG A 396 14.90 26.89 41.82
C ARG A 396 16.20 27.11 42.58
N GLY A 397 17.08 27.94 42.04
CA GLY A 397 18.38 28.20 42.63
C GLY A 397 19.48 27.31 42.10
N VAL A 398 19.16 26.30 41.30
CA VAL A 398 20.19 25.45 40.73
C VAL A 398 21.02 26.22 39.72
N SER A 399 22.22 25.71 39.44
CA SER A 399 23.10 26.34 38.47
C SER A 399 22.45 26.38 37.10
N ASN A 400 22.68 27.48 36.37
CA ASN A 400 21.96 27.70 35.12
C ASN A 400 22.31 26.66 34.06
N ASP A 401 23.57 26.20 34.04
CA ASP A 401 23.98 25.22 33.04
C ASP A 401 23.21 23.91 33.20
N LEU A 402 22.95 23.50 34.45
CA LEU A 402 22.18 22.28 34.66
C LEU A 402 20.77 22.40 34.08
N LEU A 403 20.17 23.59 34.15
CA LEU A 403 18.88 23.80 33.51
C LEU A 403 18.98 23.58 32.01
N PHE A 404 20.04 24.09 31.37
CA PHE A 404 20.22 23.88 29.94
C PHE A 404 20.37 22.40 29.62
N GLN A 405 21.16 21.68 30.41
CA GLN A 405 21.34 20.25 30.17
C GLN A 405 20.02 19.49 30.33
N LEU A 406 19.22 19.87 31.33
CA LEU A 406 17.92 19.23 31.50
C LEU A 406 17.02 19.52 30.30
N VAL A 407 17.00 20.78 29.84
CA VAL A 407 16.14 21.15 28.73
C VAL A 407 16.53 20.41 27.46
N SER A 408 17.83 20.16 27.27
CA SER A 408 18.28 19.49 26.06
C SER A 408 17.77 18.05 25.93
N GLU A 409 17.27 17.45 27.00
CA GLU A 409 16.89 16.04 27.02
C GLU A 409 15.54 15.84 27.69
N MET A 410 14.52 16.60 27.25
CA MET A 410 13.21 16.49 27.87
C MET A 410 12.23 15.61 27.11
N LYS A 411 12.38 15.45 25.80
CA LYS A 411 11.61 14.48 25.01
C LYS A 411 10.10 14.74 25.16
N ALA A 412 9.67 15.88 24.63
CA ALA A 412 8.28 16.29 24.73
C ALA A 412 7.36 15.27 24.05
N GLU A 413 6.16 15.12 24.61
CA GLU A 413 5.18 14.16 24.13
C GLU A 413 3.79 14.78 24.19
N TYR A 414 2.82 14.07 23.62
CA TYR A 414 1.43 14.49 23.64
C TYR A 414 0.56 13.34 24.16
N PHE A 415 -0.59 13.69 24.72
CA PHE A 415 -1.49 12.70 25.29
C PHE A 415 -2.94 13.10 25.07
N PRO A 416 -3.79 12.17 24.66
CA PRO A 416 -5.21 12.49 24.47
C PRO A 416 -5.90 12.70 25.80
N PRO A 417 -7.08 13.32 25.81
CA PRO A 417 -7.81 13.49 27.08
C PRO A 417 -8.26 12.16 27.64
N LYS A 418 -8.42 12.12 28.97
CA LYS A 418 -8.80 10.91 29.70
C LYS A 418 -7.82 9.77 29.44
N GLU A 419 -6.53 10.11 29.49
CA GLU A 419 -5.45 9.15 29.34
C GLU A 419 -4.62 9.12 30.62
N ASP A 420 -4.24 7.92 31.04
CA ASP A 420 -3.46 7.73 32.26
C ASP A 420 -1.98 7.75 31.91
N VAL A 421 -1.34 8.90 32.10
CA VAL A 421 0.10 9.00 31.83
C VAL A 421 0.88 8.21 32.86
N ILE A 422 0.47 8.26 34.12
CA ILE A 422 1.10 7.53 35.21
C ILE A 422 0.03 6.82 36.01
N LEU A 423 0.21 5.53 36.25
CA LEU A 423 -0.73 4.73 37.02
C LEU A 423 -0.14 4.42 38.39
N GLN A 424 -1.02 4.34 39.39
CA GLN A 424 -0.58 4.16 40.77
C GLN A 424 0.09 2.80 40.94
N ASN A 425 1.11 2.77 41.81
CA ASN A 425 1.84 1.55 42.17
C ASN A 425 2.49 0.92 40.95
N GLU A 426 3.39 1.67 40.33
CA GLU A 426 4.20 1.20 39.22
C GLU A 426 5.67 1.49 39.50
N ALA A 427 6.53 0.84 38.73
CA ALA A 427 7.97 1.03 38.91
C ALA A 427 8.35 2.46 38.58
N PRO A 428 9.13 3.13 39.43
CA PRO A 428 9.50 4.53 39.14
C PRO A 428 10.52 4.65 38.04
N THR A 429 10.09 5.11 36.87
CA THR A 429 10.97 5.25 35.72
C THR A 429 11.06 6.69 35.22
N ASP A 430 9.93 7.37 35.05
CA ASP A 430 9.90 8.70 34.49
C ASP A 430 9.07 9.63 35.36
N PHE A 431 9.38 10.92 35.27
CA PHE A 431 8.55 11.96 35.87
C PHE A 431 8.23 13.01 34.82
N TYR A 432 7.00 13.50 34.85
CA TYR A 432 6.44 14.32 33.78
C TYR A 432 6.29 15.77 34.23
N ILE A 433 6.17 16.64 33.24
CA ILE A 433 5.91 18.07 33.45
C ILE A 433 4.86 18.50 32.44
N LEU A 434 3.89 19.29 32.89
CA LEU A 434 2.82 19.75 32.01
C LEU A 434 3.24 21.00 31.24
N VAL A 435 2.72 21.12 30.03
CA VAL A 435 2.91 22.30 29.19
C VAL A 435 1.57 22.94 28.83
N ASN A 436 0.62 22.14 28.39
CA ASN A 436 -0.71 22.62 28.04
C ASN A 436 -1.76 21.69 28.65
N GLY A 437 -2.94 22.25 28.87
CA GLY A 437 -4.01 21.47 29.47
C GLY A 437 -3.83 21.30 30.96
N THR A 438 -4.61 20.37 31.51
CA THR A 438 -4.56 20.08 32.94
C THR A 438 -4.89 18.62 33.17
N ALA A 439 -4.47 18.11 34.32
CA ALA A 439 -4.69 16.72 34.70
C ALA A 439 -5.14 16.66 36.16
N ASP A 440 -5.79 15.55 36.50
CA ASP A 440 -6.33 15.35 37.83
C ASP A 440 -5.62 14.17 38.50
N LEU A 441 -5.33 14.31 39.79
CA LEU A 441 -4.64 13.29 40.56
C LEU A 441 -5.67 12.40 41.24
N VAL A 442 -5.69 11.13 40.87
CA VAL A 442 -6.60 10.16 41.44
C VAL A 442 -5.81 8.99 41.99
N ASP A 443 -6.39 8.29 42.97
CA ASP A 443 -5.74 7.14 43.58
C ASP A 443 -6.81 6.13 43.98
N VAL A 444 -6.52 4.85 43.72
CA VAL A 444 -7.44 3.78 44.06
C VAL A 444 -7.07 3.10 45.38
N ASP A 445 -6.19 3.73 46.16
CA ASP A 445 -5.79 3.15 47.44
C ASP A 445 -6.94 3.09 48.43
N THR A 446 -7.93 3.96 48.29
CA THR A 446 -9.10 3.95 49.15
C THR A 446 -10.24 3.08 48.62
N GLY A 447 -10.03 2.40 47.50
CA GLY A 447 -11.05 1.57 46.89
C GLY A 447 -11.95 2.28 45.92
N THR A 448 -11.82 3.60 45.77
CA THR A 448 -12.64 4.38 44.86
C THR A 448 -11.75 5.34 44.08
N GLU A 449 -12.23 5.72 42.89
CA GLU A 449 -11.50 6.65 42.03
C GLU A 449 -11.96 8.07 42.36
N SER A 450 -11.31 8.66 43.36
CA SER A 450 -11.63 10.01 43.81
C SER A 450 -10.44 10.92 43.56
N ILE A 451 -10.69 12.08 42.94
CA ILE A 451 -9.62 13.02 42.66
C ILE A 451 -9.14 13.65 43.95
N VAL A 452 -7.85 13.98 43.98
CA VAL A 452 -7.23 14.60 45.15
C VAL A 452 -6.88 16.06 44.89
N ARG A 453 -6.22 16.34 43.77
CA ARG A 453 -5.87 17.70 43.41
C ARG A 453 -5.72 17.76 41.90
N GLU A 454 -5.93 18.96 41.35
CA GLU A 454 -5.79 19.20 39.92
C GLU A 454 -4.50 19.96 39.66
N VAL A 455 -3.70 19.46 38.74
CA VAL A 455 -2.40 20.05 38.40
C VAL A 455 -2.56 20.83 37.10
N LYS A 456 -2.02 22.04 37.08
CA LYS A 456 -2.09 22.92 35.92
C LYS A 456 -0.78 22.86 35.14
N ALA A 457 -0.71 23.65 34.07
CA ALA A 457 0.49 23.69 33.23
C ALA A 457 1.61 24.40 33.97
N GLY A 458 2.68 23.68 34.28
CA GLY A 458 3.81 24.27 34.96
C GLY A 458 4.19 23.58 36.26
N ASP A 459 3.77 22.33 36.44
CA ASP A 459 4.11 21.58 37.64
C ASP A 459 4.58 20.19 37.25
N ILE A 460 5.35 19.57 38.14
CA ILE A 460 5.93 18.26 37.90
C ILE A 460 4.91 17.19 38.25
N ILE A 461 5.06 16.03 37.63
CA ILE A 461 4.16 14.90 37.83
C ILE A 461 4.99 13.70 38.27
N GLY A 462 4.64 13.14 39.43
CA GLY A 462 5.28 11.92 39.91
C GLY A 462 6.76 12.06 40.19
N GLU A 463 7.20 13.21 40.69
CA GLU A 463 8.60 13.41 41.01
C GLU A 463 9.01 12.77 42.33
N ILE A 464 8.04 12.47 43.21
CA ILE A 464 8.38 11.86 44.49
C ILE A 464 8.84 10.42 44.31
N GLY A 465 8.17 9.66 43.44
CA GLY A 465 8.52 8.27 43.25
C GLY A 465 9.90 8.08 42.63
N VAL A 466 10.24 8.91 41.65
CA VAL A 466 11.51 8.77 40.96
C VAL A 466 12.67 9.15 41.87
N LEU A 467 12.50 10.20 42.68
CA LEU A 467 13.59 10.65 43.54
C LEU A 467 13.85 9.68 44.69
N CYS A 468 12.79 9.18 45.31
CA CYS A 468 12.93 8.28 46.45
C CYS A 468 13.01 6.82 46.06
N TYR A 469 12.88 6.50 44.77
CA TYR A 469 12.95 5.13 44.27
C TYR A 469 11.90 4.23 44.94
N ARG A 470 10.65 4.67 44.85
CA ARG A 470 9.51 3.96 45.39
C ARG A 470 8.37 4.02 44.39
N PRO A 471 7.41 3.11 44.48
CA PRO A 471 6.29 3.12 43.53
C PRO A 471 5.49 4.41 43.61
N GLN A 472 4.87 4.77 42.49
CA GLN A 472 4.18 6.04 42.37
C GLN A 472 3.05 6.16 43.38
N LEU A 473 2.64 7.40 43.64
CA LEU A 473 1.65 7.70 44.66
C LEU A 473 0.23 7.74 44.12
N PHE A 474 0.00 8.50 43.06
CA PHE A 474 -1.34 8.71 42.53
C PHE A 474 -1.36 8.48 41.03
N THR A 475 -2.49 7.96 40.54
CA THR A 475 -2.70 7.84 39.10
C THR A 475 -3.05 9.21 38.52
N VAL A 476 -2.41 9.57 37.42
CA VAL A 476 -2.58 10.87 36.80
C VAL A 476 -3.41 10.69 35.53
N ARG A 477 -4.57 11.33 35.49
CA ARG A 477 -5.47 11.27 34.35
C ARG A 477 -5.58 12.66 33.73
N THR A 478 -5.35 12.74 32.42
CA THR A 478 -5.40 14.01 31.71
C THR A 478 -6.84 14.28 31.29
N LYS A 479 -7.49 15.21 31.99
CA LYS A 479 -8.88 15.56 31.67
C LYS A 479 -9.00 16.39 30.40
N ARG A 480 -7.91 16.61 29.68
CA ARG A 480 -7.92 17.42 28.47
C ARG A 480 -6.70 17.03 27.64
N LEU A 481 -6.68 17.52 26.39
CA LEU A 481 -5.54 17.26 25.52
C LEU A 481 -4.32 17.97 26.09
N CYS A 482 -3.41 17.19 26.67
CA CYS A 482 -2.26 17.72 27.40
C CYS A 482 -0.97 17.37 26.67
N GLN A 483 -0.08 18.35 26.58
CA GLN A 483 1.26 18.15 26.04
C GLN A 483 2.24 18.04 27.20
N LEU A 484 2.93 16.91 27.29
CA LEU A 484 3.84 16.63 28.39
C LEU A 484 5.24 16.42 27.87
N LEU A 485 6.20 16.37 28.78
CA LEU A 485 7.59 16.17 28.44
C LEU A 485 8.27 15.41 29.57
N ARG A 486 8.72 14.19 29.28
CA ARG A 486 9.18 13.24 30.28
C ARG A 486 10.64 12.88 30.03
N MET A 487 11.40 12.78 31.11
CA MET A 487 12.81 12.44 31.02
C MET A 487 13.14 11.39 32.09
N ASN A 488 13.99 10.45 31.71
CA ASN A 488 14.15 9.21 32.45
C ASN A 488 14.86 9.41 33.79
N ARG A 489 14.73 8.41 34.65
CA ARG A 489 15.40 8.43 35.94
C ARG A 489 16.91 8.23 35.79
N THR A 490 17.31 7.29 34.93
CA THR A 490 18.74 7.04 34.73
C THR A 490 19.44 8.25 34.15
N THR A 491 18.80 8.93 33.20
CA THR A 491 19.37 10.17 32.66
C THR A 491 19.49 11.24 33.74
N PHE A 492 18.48 11.35 34.61
CA PHE A 492 18.54 12.33 35.69
C PHE A 492 19.70 12.03 36.63
N LEU A 493 19.87 10.76 37.00
CA LEU A 493 20.96 10.39 37.90
C LEU A 493 22.31 10.61 37.25
N ASN A 494 22.42 10.33 35.94
CA ASN A 494 23.68 10.58 35.24
C ASN A 494 24.00 12.08 35.21
N ILE A 495 22.99 12.91 34.95
CA ILE A 495 23.21 14.35 34.90
C ILE A 495 23.60 14.88 36.28
N ILE A 496 22.92 14.43 37.32
CA ILE A 496 23.22 14.88 38.67
C ILE A 496 24.62 14.43 39.09
N GLN A 497 24.99 13.21 38.70
CA GLN A 497 26.30 12.67 39.08
C GLN A 497 27.44 13.50 38.48
N ALA A 498 27.29 13.94 37.23
CA ALA A 498 28.31 14.76 36.59
C ALA A 498 28.08 16.25 36.86
N ASN A 499 27.93 16.58 38.13
CA ASN A 499 27.71 17.96 38.57
C ASN A 499 28.01 18.04 40.07
N VAL A 500 28.01 19.27 40.58
CA VAL A 500 28.19 19.52 42.01
C VAL A 500 26.97 20.15 42.65
N GLY A 501 26.04 20.69 41.86
CA GLY A 501 24.83 21.26 42.43
C GLY A 501 23.69 20.28 42.49
N ASP A 502 23.51 19.63 43.64
CA ASP A 502 22.42 18.69 43.84
C ASP A 502 21.69 18.85 45.16
N GLY A 503 22.30 19.45 46.19
CA GLY A 503 21.61 19.65 47.44
C GLY A 503 20.41 20.57 47.30
N THR A 504 20.49 21.53 46.38
CA THR A 504 19.38 22.45 46.18
C THR A 504 18.11 21.70 45.79
N ILE A 505 18.24 20.69 44.94
CA ILE A 505 17.08 19.92 44.50
C ILE A 505 16.41 19.22 45.69
N ILE A 506 17.20 18.54 46.51
CA ILE A 506 16.62 17.79 47.62
C ILE A 506 16.05 18.73 48.68
N MET A 507 16.71 19.86 48.94
CA MET A 507 16.13 20.83 49.87
C MET A 507 14.82 21.40 49.34
N ASN A 508 14.75 21.70 48.05
CA ASN A 508 13.48 22.17 47.48
C ASN A 508 12.39 21.11 47.59
N ASN A 509 12.75 19.84 47.33
CA ASN A 509 11.79 18.76 47.46
C ASN A 509 11.27 18.65 48.90
N LEU A 510 12.18 18.61 49.87
CA LEU A 510 11.77 18.48 51.26
C LEU A 510 10.93 19.68 51.71
N LEU A 511 11.28 20.87 51.23
CA LEU A 511 10.45 22.05 51.52
C LEU A 511 9.06 21.89 50.94
N GLN A 512 8.96 21.32 49.74
CA GLN A 512 7.65 21.09 49.13
C GLN A 512 6.84 20.07 49.92
N HIS A 513 7.50 19.04 50.47
CA HIS A 513 6.77 18.05 51.27
C HIS A 513 6.11 18.67 52.49
N LEU A 514 6.67 19.77 53.02
CA LEU A 514 6.07 20.44 54.17
C LEU A 514 4.81 21.22 53.80
N LYS A 515 4.70 21.69 52.57
CA LYS A 515 3.52 22.46 52.16
C LYS A 515 2.29 21.59 51.92
N GLU A 516 2.45 20.28 51.84
CA GLU A 516 1.34 19.35 51.70
C GLU A 516 1.23 18.53 52.98
N MET A 517 0.03 18.48 53.54
CA MET A 517 -0.18 17.92 54.87
C MET A 517 -0.47 16.42 54.79
N ASN A 518 0.37 15.64 55.48
CA ASN A 518 0.17 14.24 55.85
C ASN A 518 0.10 13.28 54.67
N ASP A 519 0.08 13.80 53.44
CA ASP A 519 0.20 12.90 52.31
C ASP A 519 1.68 12.62 52.01
N PRO A 520 2.55 13.66 51.92
CA PRO A 520 3.98 13.37 51.75
C PRO A 520 4.68 13.10 53.07
N VAL A 521 4.05 13.47 54.18
CA VAL A 521 4.73 13.47 55.47
C VAL A 521 5.13 12.05 55.86
N MET A 522 4.25 11.07 55.61
CA MET A 522 4.62 9.68 55.87
C MET A 522 5.83 9.28 55.06
N THR A 523 5.85 9.62 53.77
CA THR A 523 7.05 9.43 52.96
C THR A 523 8.20 10.28 53.48
N ASN A 524 7.91 11.52 53.89
CA ASN A 524 8.95 12.37 54.47
C ASN A 524 9.46 11.80 55.79
N VAL A 525 8.54 11.26 56.61
CA VAL A 525 8.96 10.65 57.87
C VAL A 525 9.86 9.44 57.60
N LEU A 526 9.52 8.64 56.60
CA LEU A 526 10.37 7.52 56.22
C LEU A 526 11.72 8.00 55.72
N LEU A 527 11.72 9.08 54.92
CA LEU A 527 12.98 9.61 54.38
C LEU A 527 13.89 10.10 55.50
N GLU A 528 13.31 10.74 56.52
CA GLU A 528 14.10 11.19 57.65
C GLU A 528 14.79 10.03 58.35
N ILE A 529 14.11 8.88 58.44
CA ILE A 529 14.75 7.70 58.99
C ILE A 529 15.61 7.00 57.95
N GLU A 530 15.27 7.15 56.66
CA GLU A 530 16.06 6.53 55.60
C GLU A 530 17.40 7.22 55.41
N ASN A 531 17.43 8.55 55.56
CA ASN A 531 18.69 9.27 55.39
C ASN A 531 19.70 8.89 56.47
N MET A 532 19.25 8.71 57.70
CA MET A 532 20.13 8.34 58.80
C MET A 532 20.66 6.92 58.63
N VAL B 71 35.17 -33.07 -14.71
CA VAL B 71 34.10 -32.53 -13.87
C VAL B 71 34.30 -31.03 -13.65
N VAL B 72 33.25 -30.25 -13.88
CA VAL B 72 33.29 -28.80 -13.72
C VAL B 72 32.15 -28.39 -12.80
N SER B 73 32.36 -27.28 -12.10
CA SER B 73 31.40 -26.75 -11.16
C SER B 73 30.70 -25.52 -11.73
N PRO B 74 29.45 -25.27 -11.33
CA PRO B 74 28.76 -24.04 -11.79
C PRO B 74 29.46 -22.78 -11.32
N TYR B 75 28.96 -21.62 -11.77
CA TYR B 75 29.49 -20.30 -11.51
C TYR B 75 30.86 -20.07 -12.15
N ASP B 76 31.42 -21.07 -12.83
CA ASP B 76 32.71 -20.90 -13.50
C ASP B 76 32.56 -19.97 -14.70
N HIS B 77 33.59 -19.18 -14.95
CA HIS B 77 33.57 -18.23 -16.05
C HIS B 77 33.71 -18.88 -17.41
N LYS B 78 34.08 -20.16 -17.47
CA LYS B 78 34.07 -20.91 -18.72
C LYS B 78 32.75 -21.63 -18.97
N TYR B 79 31.82 -21.55 -18.04
CA TYR B 79 30.52 -22.20 -18.15
C TYR B 79 29.36 -21.23 -18.19
N ARG B 80 29.40 -20.17 -17.36
CA ARG B 80 28.36 -19.15 -17.42
C ARG B 80 28.38 -18.43 -18.77
N ILE B 81 29.57 -18.17 -19.30
CA ILE B 81 29.68 -17.58 -20.63
C ILE B 81 29.11 -18.53 -21.68
N TRP B 82 29.34 -19.83 -21.50
CA TRP B 82 28.79 -20.80 -22.43
C TRP B 82 27.26 -20.80 -22.39
N GLU B 83 26.68 -20.71 -21.19
CA GLU B 83 25.22 -20.61 -21.09
C GLU B 83 24.71 -19.33 -21.74
N ALA B 84 25.38 -18.20 -21.50
CA ALA B 84 24.97 -16.95 -22.11
C ALA B 84 25.05 -17.02 -23.62
N PHE B 85 26.03 -17.77 -24.16
CA PHE B 85 26.12 -17.94 -25.60
C PHE B 85 25.03 -18.86 -26.12
N LEU B 86 24.67 -19.89 -25.36
CA LEU B 86 23.55 -20.74 -25.76
C LEU B 86 22.23 -20.00 -25.72
N VAL B 87 22.13 -18.93 -24.93
CA VAL B 87 20.90 -18.17 -24.87
C VAL B 87 20.55 -17.54 -26.22
N VAL B 88 21.55 -17.00 -26.91
CA VAL B 88 21.26 -16.39 -28.22
C VAL B 88 20.88 -17.46 -29.23
N LEU B 89 21.45 -18.66 -29.12
CA LEU B 89 21.01 -19.76 -29.98
C LEU B 89 19.58 -20.16 -29.67
N VAL B 90 19.19 -20.13 -28.40
CA VAL B 90 17.81 -20.39 -28.03
C VAL B 90 16.89 -19.35 -28.65
N VAL B 91 17.30 -18.08 -28.62
CA VAL B 91 16.50 -17.02 -29.23
C VAL B 91 16.37 -17.24 -30.74
N TYR B 92 17.48 -17.62 -31.38
CA TYR B 92 17.45 -17.90 -32.81
C TYR B 92 16.48 -19.04 -33.12
N THR B 93 16.52 -20.10 -32.32
CA THR B 93 15.61 -21.22 -32.52
C THR B 93 14.16 -20.78 -32.33
N ALA B 94 13.91 -19.99 -31.29
CA ALA B 94 12.55 -19.53 -31.02
C ALA B 94 12.02 -18.67 -32.15
N TRP B 95 12.88 -17.91 -32.81
CA TRP B 95 12.42 -17.15 -33.97
C TRP B 95 12.24 -18.03 -35.19
N VAL B 96 13.15 -18.98 -35.43
CA VAL B 96 13.19 -19.67 -36.71
C VAL B 96 12.14 -20.77 -36.78
N SER B 97 11.98 -21.54 -35.70
CA SER B 97 11.12 -22.72 -35.77
C SER B 97 9.69 -22.40 -36.21
N PRO B 98 9.00 -21.41 -35.65
CA PRO B 98 7.67 -21.06 -36.19
C PRO B 98 7.72 -20.59 -37.63
N PHE B 99 8.78 -19.89 -38.03
CA PHE B 99 8.89 -19.42 -39.40
C PHE B 99 8.95 -20.58 -40.37
N GLU B 100 9.77 -21.60 -40.07
CA GLU B 100 9.84 -22.77 -40.93
C GLU B 100 8.55 -23.58 -40.85
N PHE B 101 7.89 -23.58 -39.69
CA PHE B 101 6.62 -24.28 -39.57
C PHE B 101 5.55 -23.68 -40.46
N GLY B 102 5.50 -22.35 -40.53
CA GLY B 102 4.48 -21.68 -41.30
C GLY B 102 4.80 -21.44 -42.76
N PHE B 103 5.91 -20.77 -43.03
CA PHE B 103 6.21 -20.30 -44.38
C PHE B 103 7.00 -21.30 -45.22
N LEU B 104 7.46 -22.40 -44.64
CA LEU B 104 8.38 -23.30 -45.33
C LEU B 104 7.81 -24.71 -45.41
N ARG B 105 8.20 -25.42 -46.47
CA ARG B 105 7.84 -26.81 -46.67
C ARG B 105 9.05 -27.73 -46.73
N LYS B 106 10.07 -27.34 -47.48
CA LYS B 106 11.28 -28.13 -47.67
C LYS B 106 12.37 -27.66 -46.72
N PRO B 107 13.44 -28.44 -46.58
CA PRO B 107 14.54 -28.02 -45.68
C PRO B 107 15.16 -26.68 -46.06
N ARG B 108 15.10 -26.26 -47.32
CA ARG B 108 15.62 -24.96 -47.76
C ARG B 108 17.08 -24.77 -47.35
N PRO B 109 18.01 -25.37 -48.09
CA PRO B 109 19.44 -25.35 -47.70
C PRO B 109 19.95 -23.98 -47.26
N PRO B 110 19.40 -22.86 -47.79
CA PRO B 110 19.72 -21.56 -47.19
C PRO B 110 19.59 -21.49 -45.66
N LEU B 111 18.83 -22.40 -45.07
CA LEU B 111 18.62 -22.39 -43.62
C LEU B 111 18.89 -23.73 -42.93
N SER B 112 18.84 -24.86 -43.64
CA SER B 112 19.05 -26.15 -43.00
C SER B 112 20.48 -26.30 -42.50
N ILE B 113 21.44 -25.66 -43.16
CA ILE B 113 22.82 -25.72 -42.68
C ILE B 113 22.94 -25.03 -41.32
N THR B 114 22.31 -23.87 -41.16
CA THR B 114 22.31 -23.20 -39.86
C THR B 114 21.57 -24.02 -38.82
N ASP B 115 20.45 -24.65 -39.22
CA ASP B 115 19.73 -25.51 -38.29
C ASP B 115 20.61 -26.66 -37.82
N ASN B 116 21.35 -27.28 -38.74
CA ASN B 116 22.25 -28.37 -38.37
C ASN B 116 23.38 -27.89 -37.47
N ILE B 117 23.89 -26.68 -37.74
CA ILE B 117 24.94 -26.12 -36.88
C ILE B 117 24.43 -25.94 -35.46
N VAL B 118 23.23 -25.38 -35.32
CA VAL B 118 22.67 -25.17 -33.99
C VAL B 118 22.37 -26.50 -33.31
N ASN B 119 21.91 -27.48 -34.07
CA ASN B 119 21.65 -28.81 -33.51
C ASN B 119 22.95 -29.45 -33.02
N ALA B 120 24.03 -29.29 -33.77
CA ALA B 120 25.32 -29.81 -33.34
C ALA B 120 25.79 -29.12 -32.07
N PHE B 121 25.59 -27.80 -31.98
CA PHE B 121 25.96 -27.08 -30.77
C PHE B 121 25.17 -27.58 -29.57
N PHE B 122 23.87 -27.80 -29.74
CA PHE B 122 23.07 -28.30 -28.63
C PHE B 122 23.41 -29.74 -28.29
N ALA B 123 23.85 -30.54 -29.27
CA ALA B 123 24.35 -31.87 -28.96
C ALA B 123 25.63 -31.80 -28.15
N ILE B 124 26.52 -30.86 -28.48
CA ILE B 124 27.71 -30.64 -27.68
C ILE B 124 27.32 -30.27 -26.25
N ASP B 125 26.31 -29.42 -26.10
CA ASP B 125 25.86 -29.06 -24.76
C ASP B 125 25.28 -30.26 -24.01
N ILE B 126 24.46 -31.07 -24.69
CA ILE B 126 23.81 -32.19 -23.99
C ILE B 126 24.83 -33.25 -23.62
N ILE B 127 25.90 -33.40 -24.39
CA ILE B 127 26.93 -34.35 -23.97
C ILE B 127 27.83 -33.73 -22.91
N MET B 128 27.93 -32.39 -22.87
CA MET B 128 28.76 -31.73 -21.88
C MET B 128 28.09 -31.67 -20.50
N THR B 129 26.76 -31.67 -20.46
CA THR B 129 26.05 -31.46 -19.20
C THR B 129 26.22 -32.62 -18.23
N PHE B 130 26.76 -33.75 -18.66
CA PHE B 130 27.03 -34.85 -17.75
C PHE B 130 28.21 -34.56 -16.82
N PHE B 131 28.96 -33.49 -17.05
CA PHE B 131 30.17 -33.20 -16.31
C PHE B 131 30.05 -31.93 -15.46
N VAL B 132 28.84 -31.47 -15.18
CA VAL B 132 28.63 -30.25 -14.41
C VAL B 132 27.82 -30.58 -13.17
N GLY B 133 28.22 -30.01 -12.04
CA GLY B 133 27.54 -30.21 -10.78
C GLY B 133 26.36 -29.26 -10.62
N TYR B 134 25.78 -29.29 -9.43
CA TYR B 134 24.62 -28.46 -9.12
C TYR B 134 24.57 -28.23 -7.61
N LEU B 135 23.57 -27.48 -7.18
CA LEU B 135 23.30 -27.22 -5.77
C LEU B 135 21.97 -27.84 -5.39
N ASP B 136 21.98 -28.66 -4.35
CA ASP B 136 20.77 -29.29 -3.85
C ASP B 136 20.14 -28.43 -2.77
N LYS B 137 19.16 -28.97 -2.05
CA LYS B 137 18.51 -28.23 -0.98
C LYS B 137 19.50 -27.90 0.14
N SER B 138 20.37 -28.85 0.49
CA SER B 138 21.35 -28.65 1.56
C SER B 138 22.74 -29.10 1.14
N THR B 139 23.03 -29.09 -0.16
CA THR B 139 24.34 -29.50 -0.63
C THR B 139 25.39 -28.45 -0.28
N TYR B 140 26.66 -28.88 -0.26
CA TYR B 140 27.77 -28.00 0.05
C TYR B 140 28.19 -27.21 -1.18
N LEU B 141 27.25 -26.53 -1.81
CA LEU B 141 27.42 -25.65 -2.98
C LEU B 141 27.84 -26.40 -4.24
N ILE B 142 28.05 -27.73 -4.17
CA ILE B 142 28.45 -28.50 -5.33
C ILE B 142 28.24 -29.98 -5.07
N VAL B 143 27.86 -30.72 -6.11
CA VAL B 143 27.74 -32.18 -6.06
C VAL B 143 28.51 -32.71 -7.26
N ASP B 144 29.76 -33.09 -7.06
CA ASP B 144 30.65 -33.51 -8.14
C ASP B 144 30.84 -35.02 -8.07
N ASP B 145 30.00 -35.75 -8.81
CA ASP B 145 30.08 -37.20 -8.89
C ASP B 145 29.71 -37.60 -10.32
N ARG B 146 29.57 -38.91 -10.53
CA ARG B 146 28.99 -39.42 -11.78
C ARG B 146 27.49 -39.66 -11.59
N LYS B 147 27.13 -40.53 -10.65
CA LYS B 147 25.75 -40.69 -10.27
C LYS B 147 25.29 -39.51 -9.41
N GLN B 148 23.98 -39.39 -9.23
CA GLN B 148 23.28 -38.29 -8.57
C GLN B 148 23.36 -37.00 -9.37
N ILE B 149 24.12 -36.96 -10.47
CA ILE B 149 23.99 -35.94 -11.48
C ILE B 149 23.64 -36.53 -12.85
N ALA B 150 24.29 -37.64 -13.22
CA ALA B 150 23.87 -38.35 -14.42
C ALA B 150 22.53 -39.03 -14.21
N PHE B 151 22.30 -39.56 -13.02
CA PHE B 151 21.02 -40.20 -12.69
C PHE B 151 19.97 -39.19 -12.23
N LYS B 152 20.30 -37.90 -12.22
CA LYS B 152 19.32 -36.86 -12.01
C LYS B 152 18.93 -36.16 -13.30
N TYR B 153 19.93 -35.84 -14.14
CA TYR B 153 19.64 -35.20 -15.42
C TYR B 153 18.83 -36.10 -16.33
N LEU B 154 19.17 -37.38 -16.39
CA LEU B 154 18.46 -38.31 -17.26
C LEU B 154 17.00 -38.49 -16.86
N ARG B 155 16.67 -38.22 -15.59
CA ARG B 155 15.32 -38.44 -15.10
C ARG B 155 14.49 -37.16 -15.05
N SER B 156 14.99 -36.05 -15.58
CA SER B 156 14.24 -34.80 -15.56
C SER B 156 13.83 -34.33 -16.94
N TRP B 157 14.79 -34.06 -17.85
CA TRP B 157 14.43 -33.62 -19.19
C TRP B 157 15.38 -34.14 -20.26
N PHE B 158 15.96 -35.33 -20.07
CA PHE B 158 16.92 -35.83 -21.05
C PHE B 158 16.25 -36.13 -22.38
N LEU B 159 15.13 -36.84 -22.36
CA LEU B 159 14.48 -37.24 -23.60
C LEU B 159 13.97 -36.02 -24.37
N LEU B 160 13.42 -35.03 -23.65
CA LEU B 160 12.94 -33.82 -24.32
C LEU B 160 14.10 -33.05 -24.95
N ASP B 161 15.23 -32.97 -24.25
CA ASP B 161 16.39 -32.27 -24.78
C ASP B 161 17.09 -33.05 -25.89
N LEU B 162 16.76 -34.33 -26.06
CA LEU B 162 17.33 -35.13 -27.14
C LEU B 162 16.43 -35.19 -28.37
N VAL B 163 15.11 -35.26 -28.18
CA VAL B 163 14.21 -35.21 -29.32
C VAL B 163 14.24 -33.84 -29.98
N SER B 164 14.47 -32.79 -29.20
CA SER B 164 14.50 -31.41 -29.70
C SER B 164 15.84 -31.02 -30.28
N THR B 165 16.69 -31.99 -30.64
CA THR B 165 17.95 -31.67 -31.32
C THR B 165 18.21 -32.59 -32.51
N ILE B 166 17.28 -33.47 -32.85
CA ILE B 166 17.45 -34.32 -34.03
C ILE B 166 17.39 -33.46 -35.27
N PRO B 167 18.33 -33.60 -36.20
CA PRO B 167 18.28 -32.79 -37.43
C PRO B 167 17.02 -33.07 -38.23
N SER B 168 16.47 -32.02 -38.84
CA SER B 168 15.24 -32.15 -39.62
C SER B 168 15.44 -33.02 -40.85
N GLU B 169 16.69 -33.21 -41.30
CA GLU B 169 16.93 -34.08 -42.44
C GLU B 169 16.54 -35.52 -42.14
N ALA B 170 16.84 -35.98 -40.92
CA ALA B 170 16.50 -37.35 -40.55
C ALA B 170 14.99 -37.56 -40.49
N ALA B 171 14.25 -36.59 -39.98
CA ALA B 171 12.81 -36.74 -39.85
C ALA B 171 12.10 -36.81 -41.19
N MET B 172 12.76 -36.37 -42.27
CA MET B 172 12.16 -36.47 -43.59
C MET B 172 12.00 -37.92 -44.02
N ARG B 173 12.97 -38.76 -43.68
CA ARG B 173 12.88 -40.18 -44.05
C ARG B 173 11.71 -40.85 -43.37
N ILE B 174 11.44 -40.49 -42.11
CA ILE B 174 10.31 -41.08 -41.40
C ILE B 174 9.00 -40.71 -42.08
N SER B 175 8.83 -39.43 -42.40
CA SER B 175 7.63 -38.96 -43.08
C SER B 175 7.90 -37.56 -43.61
N SER B 176 7.42 -37.30 -44.83
CA SER B 176 7.66 -36.02 -45.47
C SER B 176 6.67 -34.93 -45.04
N GLN B 177 5.58 -35.30 -44.37
CA GLN B 177 4.55 -34.35 -43.97
C GLN B 177 4.70 -33.88 -42.53
N SER B 178 5.76 -34.29 -41.84
CA SER B 178 5.99 -33.92 -40.46
C SER B 178 7.10 -32.88 -40.31
N TYR B 179 7.44 -32.17 -41.38
CA TYR B 179 8.52 -31.19 -41.33
C TYR B 179 8.25 -30.13 -40.27
N GLY B 180 7.18 -29.36 -40.45
CA GLY B 180 6.89 -28.28 -39.52
C GLY B 180 6.52 -28.77 -38.14
N LEU B 181 5.76 -29.87 -38.07
CA LEU B 181 5.36 -30.41 -36.77
C LEU B 181 6.58 -30.85 -35.96
N PHE B 182 7.54 -31.49 -36.61
CA PHE B 182 8.75 -31.90 -35.90
C PHE B 182 9.65 -30.72 -35.60
N ASN B 183 9.69 -29.72 -36.48
CA ASN B 183 10.52 -28.54 -36.23
C ASN B 183 9.95 -27.69 -35.11
N MET B 184 8.64 -27.77 -34.84
CA MET B 184 8.07 -27.05 -33.71
C MET B 184 8.47 -27.65 -32.36
N LEU B 185 9.05 -28.85 -32.35
CA LEU B 185 9.53 -29.44 -31.10
C LEU B 185 10.78 -28.74 -30.58
N ARG B 186 11.47 -27.98 -31.43
CA ARG B 186 12.67 -27.28 -30.97
C ARG B 186 12.35 -26.16 -29.99
N LEU B 187 11.07 -25.82 -29.82
CA LEU B 187 10.66 -24.76 -28.92
C LEU B 187 10.86 -25.17 -27.46
N TRP B 188 11.17 -26.45 -27.24
CA TRP B 188 11.44 -26.92 -25.89
C TRP B 188 12.65 -26.22 -25.27
N ARG B 189 13.53 -25.66 -26.10
CA ARG B 189 14.74 -25.01 -25.60
C ARG B 189 14.45 -23.69 -24.88
N LEU B 190 13.19 -23.26 -24.78
CA LEU B 190 12.85 -22.03 -24.08
C LEU B 190 13.05 -22.14 -22.57
N ARG B 191 13.29 -23.35 -22.05
CA ARG B 191 13.60 -23.49 -20.64
C ARG B 191 14.89 -22.76 -20.28
N ARG B 192 15.81 -22.62 -21.23
CA ARG B 192 17.02 -21.83 -21.00
C ARG B 192 16.66 -20.38 -20.68
N VAL B 193 15.81 -19.78 -21.50
CA VAL B 193 15.40 -18.39 -21.27
C VAL B 193 14.60 -18.29 -19.98
N GLY B 194 13.75 -19.27 -19.70
CA GLY B 194 13.00 -19.26 -18.45
C GLY B 194 13.91 -19.29 -17.24
N ALA B 195 14.92 -20.16 -17.26
CA ALA B 195 15.86 -20.24 -16.15
C ALA B 195 16.67 -18.97 -16.03
N LEU B 196 17.08 -18.37 -17.15
CA LEU B 196 17.82 -17.12 -17.08
C LEU B 196 16.97 -16.02 -16.45
N PHE B 197 15.69 -15.93 -16.83
CA PHE B 197 14.84 -14.91 -16.25
C PHE B 197 14.60 -15.15 -14.78
N ALA B 198 14.43 -16.43 -14.39
CA ALA B 198 14.28 -16.74 -12.97
C ALA B 198 15.53 -16.36 -12.19
N ARG B 199 16.71 -16.61 -12.75
CA ARG B 199 17.95 -16.25 -12.10
C ARG B 199 18.08 -14.73 -11.96
N LEU B 200 17.74 -13.99 -13.02
CA LEU B 200 17.84 -12.54 -12.96
C LEU B 200 16.82 -11.95 -12.00
N GLU B 201 15.71 -12.66 -11.77
CA GLU B 201 14.71 -12.18 -10.81
C GLU B 201 15.30 -12.10 -9.40
N LYS B 202 16.18 -13.04 -9.05
CA LYS B 202 16.77 -13.10 -7.73
C LYS B 202 18.21 -12.60 -7.71
N ASP B 203 18.51 -11.57 -8.50
CA ASP B 203 19.84 -10.99 -8.54
C ASP B 203 19.87 -9.71 -7.72
N ARG B 204 21.02 -9.05 -7.70
CA ARG B 204 21.22 -7.83 -6.94
C ARG B 204 21.52 -6.62 -7.80
N ASN B 205 22.37 -6.77 -8.82
CA ASN B 205 22.71 -5.66 -9.70
C ASN B 205 21.58 -5.29 -10.66
N PHE B 206 20.53 -6.10 -10.74
CA PHE B 206 19.42 -5.87 -11.66
C PHE B 206 18.14 -5.66 -10.88
N ASN B 207 17.32 -4.72 -11.37
CA ASN B 207 16.03 -4.46 -10.74
C ASN B 207 15.07 -5.62 -11.00
N TYR B 208 14.06 -5.73 -10.12
CA TYR B 208 13.10 -6.82 -10.23
C TYR B 208 12.01 -6.50 -11.26
N PHE B 209 11.34 -5.36 -11.09
CA PHE B 209 10.28 -4.99 -12.03
C PHE B 209 10.83 -4.74 -13.42
N TRP B 210 12.07 -4.26 -13.52
CA TRP B 210 12.68 -4.00 -14.82
C TRP B 210 13.04 -5.27 -15.57
N VAL B 211 13.11 -6.42 -14.91
CA VAL B 211 13.33 -7.68 -15.63
C VAL B 211 11.99 -8.36 -15.82
N ARG B 212 11.03 -8.10 -14.93
CA ARG B 212 9.66 -8.57 -15.16
C ARG B 212 9.09 -7.97 -16.44
N CYS B 213 9.29 -6.66 -16.63
CA CYS B 213 8.80 -6.02 -17.85
C CYS B 213 9.55 -6.51 -19.08
N ALA B 214 10.84 -6.79 -18.96
CA ALA B 214 11.59 -7.36 -20.08
C ALA B 214 11.04 -8.73 -20.45
N LYS B 215 10.73 -9.55 -19.45
CA LYS B 215 10.15 -10.86 -19.72
C LYS B 215 8.79 -10.73 -20.39
N LEU B 216 7.97 -9.78 -19.94
CA LEU B 216 6.68 -9.55 -20.59
C LEU B 216 6.85 -9.09 -22.04
N VAL B 217 7.83 -8.21 -22.30
CA VAL B 217 8.08 -7.76 -23.66
C VAL B 217 8.51 -8.94 -24.53
N CYS B 218 9.39 -9.79 -24.01
CA CYS B 218 9.85 -10.95 -24.77
C CYS B 218 8.70 -11.90 -25.09
N VAL B 219 7.84 -12.18 -24.10
CA VAL B 219 6.74 -13.10 -24.36
C VAL B 219 5.73 -12.47 -25.32
N THR B 220 5.55 -11.15 -25.25
CA THR B 220 4.66 -10.48 -26.20
C THR B 220 5.19 -10.62 -27.63
N LEU B 221 6.49 -10.40 -27.81
CA LEU B 221 7.09 -10.54 -29.14
C LEU B 221 6.96 -11.98 -29.64
N PHE B 222 7.22 -12.95 -28.76
CA PHE B 222 7.08 -14.35 -29.16
C PHE B 222 5.65 -14.68 -29.56
N ALA B 223 4.67 -14.17 -28.80
CA ALA B 223 3.28 -14.40 -29.13
C ALA B 223 2.93 -13.79 -30.48
N VAL B 224 3.41 -12.58 -30.75
CA VAL B 224 3.14 -11.94 -32.03
C VAL B 224 3.70 -12.77 -33.18
N HIS B 225 4.95 -13.22 -33.03
CA HIS B 225 5.58 -14.00 -34.08
C HIS B 225 4.85 -15.32 -34.32
N CYS B 226 4.50 -16.02 -33.23
CA CYS B 226 3.81 -17.29 -33.37
C CYS B 226 2.44 -17.12 -34.02
N ALA B 227 1.70 -16.09 -33.60
CA ALA B 227 0.39 -15.85 -34.19
C ALA B 227 0.50 -15.53 -35.67
N ALA B 228 1.48 -14.70 -36.05
CA ALA B 228 1.66 -14.38 -37.46
C ALA B 228 1.97 -15.63 -38.28
N CYS B 229 2.87 -16.47 -37.77
CA CYS B 229 3.24 -17.68 -38.49
C CYS B 229 2.04 -18.61 -38.64
N PHE B 230 1.29 -18.81 -37.54
CA PHE B 230 0.13 -19.70 -37.60
C PHE B 230 -0.93 -19.18 -38.55
N TYR B 231 -1.15 -17.86 -38.54
CA TYR B 231 -2.19 -17.29 -39.38
C TYR B 231 -1.82 -17.38 -40.85
N TYR B 232 -0.56 -17.14 -41.19
CA TYR B 232 -0.16 -17.35 -42.58
C TYR B 232 -0.21 -18.82 -42.97
N LEU B 233 0.10 -19.72 -42.04
CA LEU B 233 -0.04 -21.15 -42.33
C LEU B 233 -1.48 -21.50 -42.64
N ILE B 234 -2.42 -20.96 -41.86
CA ILE B 234 -3.84 -21.19 -42.12
C ILE B 234 -4.21 -20.67 -43.50
N ALA B 235 -3.73 -19.47 -43.85
CA ALA B 235 -4.04 -18.90 -45.16
C ALA B 235 -3.49 -19.76 -46.29
N ALA B 236 -2.25 -20.23 -46.16
CA ALA B 236 -1.59 -20.93 -47.26
C ALA B 236 -2.10 -22.36 -47.42
N ARG B 237 -2.39 -23.04 -46.31
CA ARG B 237 -2.82 -24.44 -46.36
C ARG B 237 -4.26 -24.60 -46.80
N ASN B 238 -4.89 -23.56 -47.33
CA ASN B 238 -6.28 -23.62 -47.78
C ASN B 238 -6.31 -23.57 -49.30
N SER B 239 -7.06 -24.49 -49.90
CA SER B 239 -7.25 -24.48 -51.34
C SER B 239 -8.04 -23.24 -51.75
N ASN B 240 -7.96 -22.90 -53.04
CA ASN B 240 -8.54 -21.67 -53.56
C ASN B 240 -8.00 -20.48 -52.75
N PRO B 241 -6.75 -20.08 -53.00
CA PRO B 241 -6.13 -19.04 -52.15
C PRO B 241 -6.93 -17.75 -52.06
N ALA B 242 -7.79 -17.47 -53.04
CA ALA B 242 -8.67 -16.32 -52.92
C ALA B 242 -9.68 -16.55 -51.79
N LYS B 243 -10.50 -15.53 -51.54
CA LYS B 243 -11.46 -15.56 -50.44
C LYS B 243 -10.77 -15.82 -49.10
N THR B 244 -9.57 -15.26 -48.94
CA THR B 244 -8.81 -15.36 -47.72
C THR B 244 -8.42 -13.97 -47.26
N TRP B 245 -7.86 -13.88 -46.05
CA TRP B 245 -7.52 -12.59 -45.49
C TRP B 245 -6.43 -11.89 -46.28
N ILE B 246 -5.50 -12.64 -46.87
CA ILE B 246 -4.42 -12.05 -47.64
C ILE B 246 -4.75 -12.15 -49.12
N GLY B 247 -5.57 -13.14 -49.49
CA GLY B 247 -5.94 -13.28 -50.88
C GLY B 247 -6.91 -12.23 -51.36
N ALA B 248 -7.71 -11.68 -50.45
CA ALA B 248 -8.65 -10.62 -50.84
C ALA B 248 -7.96 -9.29 -51.07
N ASN B 249 -6.85 -9.04 -50.36
CA ASN B 249 -6.11 -7.78 -50.51
C ASN B 249 -5.04 -7.93 -51.59
N VAL B 250 -4.14 -8.90 -51.43
CA VAL B 250 -3.11 -9.17 -52.43
C VAL B 250 -3.67 -10.13 -53.46
N ALA B 251 -3.47 -9.81 -54.74
CA ALA B 251 -4.03 -10.63 -55.81
C ALA B 251 -3.47 -12.05 -55.76
N ASN B 252 -2.15 -12.19 -55.93
CA ASN B 252 -1.48 -13.48 -55.92
C ASN B 252 -0.29 -13.43 -54.97
N PHE B 253 -0.57 -13.67 -53.68
CA PHE B 253 0.49 -13.62 -52.67
C PHE B 253 1.47 -14.77 -52.83
N LEU B 254 1.01 -15.91 -53.35
CA LEU B 254 1.88 -17.08 -53.49
C LEU B 254 2.97 -16.90 -54.53
N GLU B 255 2.89 -15.86 -55.35
CA GLU B 255 3.89 -15.57 -56.38
C GLU B 255 4.70 -14.33 -56.02
N GLU B 256 5.04 -14.19 -54.74
CA GLU B 256 5.75 -13.01 -54.25
C GLU B 256 6.77 -13.44 -53.20
N SER B 257 7.66 -12.50 -52.87
CA SER B 257 8.80 -12.82 -52.02
C SER B 257 8.35 -13.19 -50.61
N LEU B 258 9.14 -14.05 -49.97
CA LEU B 258 8.84 -14.46 -48.61
C LEU B 258 8.93 -13.28 -47.64
N TRP B 259 9.85 -12.35 -47.91
CA TRP B 259 10.03 -11.22 -47.01
C TRP B 259 8.77 -10.39 -46.90
N MET B 260 8.14 -10.08 -48.04
CA MET B 260 6.96 -9.23 -48.00
C MET B 260 5.78 -9.95 -47.35
N ARG B 261 5.63 -11.25 -47.63
CA ARG B 261 4.55 -12.01 -46.99
C ARG B 261 4.73 -12.06 -45.48
N TYR B 262 5.97 -12.30 -45.02
CA TYR B 262 6.23 -12.31 -43.59
C TYR B 262 5.97 -10.95 -42.98
N VAL B 263 6.37 -9.87 -43.66
CA VAL B 263 6.13 -8.53 -43.16
C VAL B 263 4.63 -8.25 -43.04
N THR B 264 3.87 -8.66 -44.06
CA THR B 264 2.42 -8.45 -44.02
C THR B 264 1.78 -9.23 -42.88
N SER B 265 2.19 -10.48 -42.69
CA SER B 265 1.62 -11.29 -41.62
C SER B 265 1.96 -10.69 -40.25
N MET B 266 3.20 -10.25 -40.07
CA MET B 266 3.58 -9.61 -38.80
C MET B 266 2.84 -8.30 -38.60
N TYR B 267 2.62 -7.54 -39.66
CA TYR B 267 1.86 -6.30 -39.56
C TYR B 267 0.43 -6.58 -39.12
N TRP B 268 -0.19 -7.61 -39.69
CA TRP B 268 -1.53 -7.98 -39.24
C TRP B 268 -1.53 -8.39 -37.77
N SER B 269 -0.54 -9.19 -37.38
CA SER B 269 -0.49 -9.64 -35.98
C SER B 269 -0.33 -8.48 -35.02
N ILE B 270 0.54 -7.52 -35.35
CA ILE B 270 0.74 -6.36 -34.49
C ILE B 270 -0.52 -5.49 -34.46
N THR B 271 -1.17 -5.32 -35.62
CA THR B 271 -2.40 -4.53 -35.66
C THR B 271 -3.47 -5.15 -34.79
N THR B 272 -3.61 -6.48 -34.83
CA THR B 272 -4.59 -7.13 -33.98
C THR B 272 -4.22 -7.04 -32.51
N LEU B 273 -2.93 -7.22 -32.18
CA LEU B 273 -2.52 -7.24 -30.78
C LEU B 273 -2.70 -5.88 -30.12
N THR B 274 -2.28 -4.81 -30.78
CA THR B 274 -2.43 -3.48 -30.22
C THR B 274 -3.85 -2.95 -30.31
N THR B 275 -4.79 -3.78 -30.76
CA THR B 275 -6.20 -3.41 -30.87
C THR B 275 -6.40 -2.16 -31.72
N VAL B 276 -5.59 -2.03 -32.77
CA VAL B 276 -5.79 -0.96 -33.74
C VAL B 276 -6.86 -1.34 -34.75
N GLY B 277 -6.67 -2.48 -35.41
CA GLY B 277 -7.67 -2.99 -36.34
C GLY B 277 -7.98 -2.02 -37.47
N TYR B 278 -7.03 -1.80 -38.37
CA TYR B 278 -7.24 -0.84 -39.45
C TYR B 278 -8.41 -1.26 -40.33
N GLY B 279 -8.48 -2.54 -40.69
CA GLY B 279 -9.59 -3.02 -41.48
C GLY B 279 -9.18 -3.92 -42.61
N ASP B 280 -8.02 -3.63 -43.21
CA ASP B 280 -7.45 -4.54 -44.18
C ASP B 280 -6.93 -5.79 -43.49
N LEU B 281 -6.88 -6.88 -44.24
CA LEU B 281 -6.43 -8.19 -43.73
C LEU B 281 -7.30 -8.65 -42.56
N HIS B 282 -8.58 -8.86 -42.87
CA HIS B 282 -9.52 -9.37 -41.89
C HIS B 282 -9.97 -10.77 -42.26
N PRO B 283 -10.35 -11.60 -41.28
CA PRO B 283 -10.76 -12.97 -41.57
C PRO B 283 -11.96 -13.02 -42.50
N VAL B 284 -11.98 -14.03 -43.37
CA VAL B 284 -13.04 -14.19 -44.35
C VAL B 284 -13.84 -15.45 -44.07
N ASN B 285 -13.17 -16.60 -44.11
CA ASN B 285 -13.85 -17.88 -43.88
C ASN B 285 -14.01 -18.10 -42.37
N THR B 286 -14.52 -19.27 -41.99
CA THR B 286 -14.80 -19.55 -40.59
C THR B 286 -13.56 -19.95 -39.80
N LYS B 287 -12.59 -20.62 -40.43
CA LYS B 287 -11.40 -21.05 -39.72
C LYS B 287 -10.61 -19.87 -39.19
N GLU B 288 -10.44 -18.84 -40.02
CA GLU B 288 -9.72 -17.65 -39.58
C GLU B 288 -10.45 -16.93 -38.46
N MET B 289 -11.78 -16.86 -38.53
CA MET B 289 -12.56 -16.25 -37.46
C MET B 289 -12.40 -17.03 -36.16
N ILE B 290 -12.44 -18.36 -36.22
CA ILE B 290 -12.30 -19.18 -35.02
C ILE B 290 -10.92 -18.98 -34.41
N PHE B 291 -9.87 -18.97 -35.23
CA PHE B 291 -8.53 -18.71 -34.70
C PHE B 291 -8.44 -17.31 -34.10
N ASP B 292 -9.01 -16.32 -34.78
CA ASP B 292 -8.87 -14.94 -34.36
C ASP B 292 -9.61 -14.66 -33.06
N ILE B 293 -10.70 -15.37 -32.80
CA ILE B 293 -11.42 -15.17 -31.55
C ILE B 293 -10.55 -15.53 -30.36
N PHE B 294 -9.93 -16.72 -30.40
CA PHE B 294 -9.03 -17.12 -29.33
C PHE B 294 -7.81 -16.22 -29.27
N TYR B 295 -7.31 -15.79 -30.43
CA TYR B 295 -6.16 -14.88 -30.44
C TYR B 295 -6.50 -13.58 -29.73
N MET B 296 -7.68 -13.02 -29.98
CA MET B 296 -8.07 -11.76 -29.35
C MET B 296 -8.30 -11.94 -27.85
N LEU B 297 -8.86 -13.08 -27.45
CA LEU B 297 -9.05 -13.33 -26.02
C LEU B 297 -7.70 -13.39 -25.30
N PHE B 298 -6.76 -14.15 -25.87
CA PHE B 298 -5.42 -14.19 -25.30
C PHE B 298 -4.78 -12.81 -25.30
N ASN B 299 -5.07 -12.00 -26.33
CA ASN B 299 -4.52 -10.66 -26.40
C ASN B 299 -5.04 -9.78 -25.27
N LEU B 300 -6.34 -9.88 -24.99
CA LEU B 300 -6.92 -9.10 -23.90
C LEU B 300 -6.30 -9.50 -22.57
N GLY B 301 -6.16 -10.81 -22.35
CA GLY B 301 -5.52 -11.26 -21.11
C GLY B 301 -4.09 -10.77 -20.98
N LEU B 302 -3.31 -10.89 -22.05
CA LEU B 302 -1.91 -10.47 -22.01
C LEU B 302 -1.80 -8.97 -21.80
N THR B 303 -2.66 -8.19 -22.46
CA THR B 303 -2.63 -6.75 -22.28
C THR B 303 -2.96 -6.35 -20.85
N ALA B 304 -3.97 -7.00 -20.25
CA ALA B 304 -4.30 -6.70 -18.87
C ALA B 304 -3.13 -7.02 -17.95
N TYR B 305 -2.51 -8.19 -18.15
CA TYR B 305 -1.38 -8.57 -17.31
C TYR B 305 -0.21 -7.60 -17.46
N LEU B 306 0.07 -7.19 -18.70
CA LEU B 306 1.18 -6.27 -18.94
C LEU B 306 0.91 -4.91 -18.32
N ILE B 307 -0.33 -4.43 -18.41
CA ILE B 307 -0.68 -3.16 -17.78
C ILE B 307 -0.53 -3.24 -16.28
N GLY B 308 -0.95 -4.36 -15.68
CA GLY B 308 -0.77 -4.53 -14.25
C GLY B 308 0.69 -4.51 -13.84
N ASN B 309 1.53 -5.21 -14.59
CA ASN B 309 2.96 -5.23 -14.28
C ASN B 309 3.58 -3.86 -14.43
N MET B 310 3.20 -3.12 -15.48
CA MET B 310 3.71 -1.76 -15.65
C MET B 310 3.27 -0.86 -14.52
N THR B 311 2.02 -1.02 -14.06
CA THR B 311 1.54 -0.22 -12.93
C THR B 311 2.34 -0.53 -11.67
N ASN B 312 2.62 -1.81 -11.42
CA ASN B 312 3.44 -2.16 -10.26
C ASN B 312 4.83 -1.56 -10.35
N LEU B 313 5.44 -1.62 -11.54
CA LEU B 313 6.77 -1.05 -11.74
C LEU B 313 6.75 0.45 -11.46
N VAL B 314 5.74 1.15 -11.98
CA VAL B 314 5.66 2.60 -11.77
C VAL B 314 5.45 2.91 -10.30
N VAL B 315 4.58 2.16 -9.63
CA VAL B 315 4.28 2.45 -8.22
C VAL B 315 5.53 2.25 -7.36
N HIS B 316 6.25 1.15 -7.58
CA HIS B 316 7.41 0.86 -6.75
C HIS B 316 8.70 1.45 -7.29
N GLY B 317 8.64 2.21 -8.38
CA GLY B 317 9.83 2.83 -8.95
C GLY B 317 10.00 4.31 -8.69
N THR B 318 9.05 4.95 -8.01
CA THR B 318 9.13 6.38 -7.73
C THR B 318 8.77 6.71 -6.28
N SER B 319 8.94 5.76 -5.37
CA SER B 319 8.56 6.00 -3.98
C SER B 319 9.53 6.94 -3.28
N ARG B 320 10.78 7.00 -3.75
CA ARG B 320 11.78 7.82 -3.06
C ARG B 320 11.42 9.30 -3.11
N THR B 321 11.02 9.80 -4.27
CA THR B 321 10.68 11.21 -4.40
C THR B 321 9.46 11.56 -3.57
N ARG B 322 8.45 10.69 -3.58
CA ARG B 322 7.24 10.94 -2.79
C ARG B 322 7.55 10.93 -1.29
N ASN B 323 8.40 9.99 -0.85
CA ASN B 323 8.79 9.95 0.56
C ASN B 323 9.54 11.21 0.95
N PHE B 324 10.47 11.66 0.10
CA PHE B 324 11.18 12.90 0.40
C PHE B 324 10.22 14.08 0.48
N ARG B 325 9.29 14.17 -0.46
CA ARG B 325 8.34 15.28 -0.49
C ARG B 325 7.48 15.29 0.76
N ASP B 326 6.93 14.14 1.15
CA ASP B 326 6.04 14.12 2.31
C ASP B 326 6.81 14.31 3.60
N THR B 327 8.06 13.84 3.68
CA THR B 327 8.87 14.09 4.85
C THR B 327 9.14 15.59 5.02
N ILE B 328 9.52 16.26 3.93
CA ILE B 328 9.76 17.70 4.00
C ILE B 328 8.48 18.44 4.35
N GLN B 329 7.34 18.01 3.78
CA GLN B 329 6.07 18.65 4.09
C GLN B 329 5.71 18.50 5.56
N ALA B 330 5.90 17.31 6.11
CA ALA B 330 5.61 17.09 7.53
C ALA B 330 6.53 17.92 8.41
N ALA B 331 7.81 18.00 8.06
CA ALA B 331 8.75 18.81 8.84
C ALA B 331 8.36 20.29 8.80
N SER B 332 7.99 20.78 7.63
CA SER B 332 7.56 22.17 7.52
C SER B 332 6.29 22.43 8.33
N ASN B 333 5.35 21.48 8.29
CA ASN B 333 4.14 21.64 9.08
C ASN B 333 4.44 21.66 10.57
N PHE B 334 5.35 20.79 11.02
CA PHE B 334 5.74 20.79 12.43
C PHE B 334 6.39 22.11 12.82
N ALA B 335 7.29 22.62 11.96
CA ALA B 335 7.95 23.88 12.26
C ALA B 335 6.95 25.03 12.31
N HIS B 336 5.98 25.04 11.41
CA HIS B 336 4.99 26.10 11.41
C HIS B 336 4.04 26.01 12.60
N ARG B 337 3.73 24.79 13.05
CA ARG B 337 2.75 24.64 14.11
C ARG B 337 3.22 25.30 15.41
N ASN B 338 4.50 25.15 15.75
CA ASN B 338 5.03 25.73 16.97
C ASN B 338 5.56 27.14 16.77
N HIS B 339 5.46 27.68 15.56
CA HIS B 339 5.86 29.06 15.26
C HIS B 339 7.32 29.31 15.60
N LEU B 340 8.19 28.45 15.06
CA LEU B 340 9.61 28.64 15.24
C LEU B 340 10.10 29.82 14.40
N PRO B 341 11.17 30.50 14.82
CA PRO B 341 11.72 31.58 14.00
C PRO B 341 12.33 31.01 12.73
N PRO B 342 12.41 31.81 11.66
CA PRO B 342 13.02 31.32 10.43
C PRO B 342 14.46 30.88 10.59
N ARG B 343 15.18 31.46 11.57
CA ARG B 343 16.57 31.10 11.82
C ARG B 343 16.72 29.62 12.14
N LEU B 344 15.66 28.97 12.63
CA LEU B 344 15.67 27.53 12.87
C LEU B 344 15.05 26.75 11.72
N GLN B 345 14.00 27.29 11.10
CA GLN B 345 13.35 26.58 10.00
C GLN B 345 14.29 26.38 8.83
N ASP B 346 15.05 27.42 8.47
CA ASP B 346 15.98 27.29 7.34
C ASP B 346 17.05 26.26 7.65
N GLN B 347 17.57 26.25 8.87
CA GLN B 347 18.61 25.29 9.24
C GLN B 347 18.08 23.86 9.21
N MET B 348 16.90 23.63 9.77
CA MET B 348 16.37 22.27 9.77
C MET B 348 16.01 21.81 8.36
N LEU B 349 15.49 22.72 7.53
CA LEU B 349 15.20 22.35 6.15
C LEU B 349 16.48 22.01 5.40
N ALA B 350 17.54 22.79 5.61
CA ALA B 350 18.82 22.49 4.96
C ALA B 350 19.36 21.15 5.43
N HIS B 351 19.27 20.86 6.72
CA HIS B 351 19.74 19.58 7.23
C HIS B 351 18.96 18.41 6.64
N LEU B 352 17.64 18.55 6.55
CA LEU B 352 16.82 17.47 6.01
C LEU B 352 17.07 17.29 4.51
N CYS B 353 17.22 18.38 3.76
CA CYS B 353 17.54 18.27 2.35
C CYS B 353 18.89 17.60 2.14
N LEU B 354 19.87 17.94 2.99
CA LEU B 354 21.17 17.27 2.92
C LEU B 354 21.04 15.78 3.23
N LYS B 355 20.24 15.44 4.23
CA LYS B 355 20.10 14.04 4.62
C LYS B 355 19.44 13.22 3.51
N TYR B 356 18.37 13.75 2.91
CA TYR B 356 17.64 13.02 1.88
C TYR B 356 18.18 13.26 0.48
N ARG B 357 19.23 14.06 0.32
CA ARG B 357 19.86 14.27 -0.97
C ARG B 357 21.11 13.41 -1.16
N THR B 358 21.96 13.32 -0.14
CA THR B 358 23.13 12.45 -0.20
C THR B 358 22.69 11.00 -0.15
N ASP B 359 22.73 10.32 -1.29
CA ASP B 359 22.26 8.95 -1.41
C ASP B 359 23.43 7.99 -1.29
N SER B 360 23.26 6.97 -0.44
CA SER B 360 24.16 5.86 -0.15
C SER B 360 25.27 6.22 0.84
N GLU B 361 25.36 7.46 1.31
CA GLU B 361 26.29 7.78 2.39
C GLU B 361 25.64 8.52 3.55
N GLY B 362 24.67 9.39 3.29
CA GLY B 362 24.07 10.18 4.34
C GLY B 362 23.05 9.43 5.17
N LEU B 363 21.95 9.01 4.54
CA LEU B 363 20.91 8.28 5.25
C LEU B 363 21.18 6.79 5.29
N GLN B 364 22.06 6.27 4.42
CA GLN B 364 22.33 4.84 4.40
C GLN B 364 23.00 4.39 5.70
N GLN B 365 23.96 5.16 6.20
CA GLN B 365 24.67 4.76 7.42
C GLN B 365 23.72 4.69 8.61
N GLN B 366 22.82 5.67 8.74
CA GLN B 366 21.86 5.65 9.84
C GLN B 366 20.85 4.51 9.65
N GLU B 367 20.30 4.38 8.45
CA GLU B 367 19.31 3.35 8.19
C GLU B 367 19.89 1.94 8.31
N THR B 368 21.21 1.81 8.27
CA THR B 368 21.84 0.52 8.51
C THR B 368 22.16 0.32 9.99
N LEU B 369 22.95 1.23 10.57
CA LEU B 369 23.41 1.05 11.95
C LEU B 369 22.29 1.12 12.97
N ASP B 370 21.14 1.73 12.63
CA ASP B 370 20.04 1.79 13.58
C ASP B 370 19.47 0.41 13.87
N ALA B 371 19.48 -0.47 12.87
CA ALA B 371 18.90 -1.81 12.98
C ALA B 371 19.87 -2.82 13.58
N LEU B 372 20.93 -2.37 14.24
CA LEU B 372 21.86 -3.30 14.87
C LEU B 372 21.69 -3.28 16.39
N PRO B 373 21.91 -4.41 17.06
CA PRO B 373 21.57 -4.49 18.49
C PRO B 373 22.65 -3.98 19.41
N LYS B 374 23.21 -2.81 19.11
CA LYS B 374 24.11 -2.09 20.01
C LYS B 374 25.40 -2.85 20.27
N ALA B 375 25.53 -4.05 19.71
CA ALA B 375 26.71 -4.88 19.89
C ALA B 375 27.50 -5.07 18.59
N ILE B 376 26.81 -5.47 17.51
CA ILE B 376 27.48 -5.60 16.23
C ILE B 376 27.86 -4.22 15.69
N ARG B 377 26.97 -3.24 15.85
CA ARG B 377 27.30 -1.89 15.42
C ARG B 377 28.42 -1.29 16.27
N SER B 378 28.55 -1.74 17.52
CA SER B 378 29.70 -1.33 18.32
C SER B 378 31.00 -1.79 17.68
N SER B 379 31.04 -3.04 17.21
CA SER B 379 32.23 -3.53 16.51
C SER B 379 32.42 -2.82 15.18
N ILE B 380 31.32 -2.48 14.50
CA ILE B 380 31.42 -1.75 13.24
C ILE B 380 32.07 -0.39 13.46
N SER B 381 31.62 0.33 14.49
CA SER B 381 32.22 1.63 14.79
C SER B 381 33.64 1.49 15.31
N HIS B 382 33.94 0.41 16.04
CA HIS B 382 35.30 0.16 16.48
C HIS B 382 36.24 -0.04 15.30
N PHE B 383 35.81 -0.79 14.30
CA PHE B 383 36.64 -1.01 13.12
C PHE B 383 36.73 0.23 12.24
N LEU B 384 35.63 0.97 12.11
CA LEU B 384 35.56 2.12 11.23
C LEU B 384 36.13 3.39 11.84
N PHE B 385 36.34 3.44 13.15
CA PHE B 385 36.80 4.66 13.82
C PHE B 385 37.90 4.35 14.82
N TYR B 386 38.87 3.54 14.42
CA TYR B 386 40.01 3.25 15.29
C TYR B 386 41.29 3.94 14.82
N SER B 387 41.58 3.88 13.52
CA SER B 387 42.78 4.54 13.00
C SER B 387 42.70 6.05 13.20
N LEU B 388 41.55 6.64 12.92
CA LEU B 388 41.37 8.07 13.14
C LEU B 388 41.40 8.40 14.62
N MET B 389 40.77 7.55 15.45
CA MET B 389 40.71 7.82 16.88
C MET B 389 42.10 7.79 17.51
N ASP B 390 42.94 6.84 17.10
CA ASP B 390 44.26 6.72 17.71
C ASP B 390 45.17 7.89 17.37
N LYS B 391 44.82 8.69 16.35
CA LYS B 391 45.68 9.80 15.94
C LYS B 391 45.51 11.04 16.81
N VAL B 392 44.45 11.11 17.62
CA VAL B 392 44.22 12.30 18.44
C VAL B 392 45.26 12.36 19.55
N TYR B 393 45.61 13.59 19.94
CA TYR B 393 46.61 13.78 20.99
C TYR B 393 46.06 13.46 22.37
N LEU B 394 44.75 13.60 22.57
CA LEU B 394 44.16 13.35 23.89
C LEU B 394 44.28 11.89 24.29
N PHE B 395 44.14 10.97 23.35
CA PHE B 395 44.15 9.53 23.62
C PHE B 395 45.46 8.97 23.07
N ARG B 396 46.50 8.98 23.90
CA ARG B 396 47.81 8.46 23.51
C ARG B 396 48.06 7.06 24.08
N GLY B 397 48.03 6.92 25.40
CA GLY B 397 48.34 5.65 26.02
C GLY B 397 47.34 5.23 27.07
N VAL B 398 46.06 5.50 26.83
CA VAL B 398 45.03 5.24 27.83
C VAL B 398 44.83 3.74 28.04
N SER B 399 44.39 3.04 27.00
CA SER B 399 44.09 1.61 27.08
C SER B 399 43.69 1.14 25.69
N ASN B 400 43.55 -0.18 25.56
CA ASN B 400 43.07 -0.79 24.32
C ASN B 400 41.62 -1.25 24.42
N ASP B 401 40.96 -0.99 25.55
CA ASP B 401 39.54 -1.30 25.71
C ASP B 401 38.78 -0.04 26.05
N LEU B 402 39.44 0.89 26.74
CA LEU B 402 38.84 2.20 26.99
C LEU B 402 38.55 2.91 25.67
N LEU B 403 39.47 2.82 24.72
CA LEU B 403 39.22 3.39 23.40
C LEU B 403 38.04 2.69 22.72
N PHE B 404 37.91 1.38 22.93
CA PHE B 404 36.76 0.66 22.38
C PHE B 404 35.46 1.20 22.93
N GLN B 405 35.39 1.39 24.26
CA GLN B 405 34.20 1.97 24.87
C GLN B 405 33.95 3.38 24.35
N LEU B 406 35.01 4.17 24.23
CA LEU B 406 34.86 5.54 23.77
C LEU B 406 34.28 5.59 22.36
N VAL B 407 34.85 4.82 21.43
CA VAL B 407 34.37 4.84 20.05
C VAL B 407 32.97 4.22 19.96
N SER B 408 32.64 3.28 20.84
CA SER B 408 31.29 2.76 20.87
C SER B 408 30.30 3.76 21.43
N GLU B 409 30.78 4.77 22.16
CA GLU B 409 29.92 5.78 22.76
C GLU B 409 29.96 7.11 22.01
N MET B 410 30.07 7.07 20.69
CA MET B 410 30.04 8.27 19.86
C MET B 410 28.81 8.26 18.96
N LYS B 411 28.32 9.45 18.64
CA LYS B 411 27.22 9.64 17.71
C LYS B 411 27.72 10.33 16.46
N ALA B 412 27.40 9.78 15.31
CA ALA B 412 27.83 10.33 14.02
C ALA B 412 26.85 11.41 13.57
N GLU B 413 27.40 12.55 13.15
CA GLU B 413 26.58 13.67 12.72
C GLU B 413 27.17 14.29 11.46
N TYR B 414 26.32 14.96 10.70
CA TYR B 414 26.73 15.65 9.49
C TYR B 414 26.27 17.10 9.56
N PHE B 415 27.04 17.99 8.93
CA PHE B 415 26.74 19.42 8.94
C PHE B 415 26.93 19.99 7.55
N PRO B 416 25.95 20.73 7.03
CA PRO B 416 26.15 21.42 5.77
C PRO B 416 27.17 22.54 5.93
N PRO B 417 27.84 22.94 4.85
CA PRO B 417 28.88 23.97 4.95
C PRO B 417 28.27 25.32 5.35
N LYS B 418 29.18 26.23 5.71
CA LYS B 418 28.83 27.59 6.13
C LYS B 418 27.92 27.61 7.35
N GLU B 419 28.11 26.64 8.26
CA GLU B 419 27.35 26.57 9.49
C GLU B 419 28.29 26.33 10.65
N ASP B 420 27.92 26.85 11.82
CA ASP B 420 28.76 26.77 13.01
C ASP B 420 28.23 25.66 13.92
N VAL B 421 29.15 24.81 14.40
CA VAL B 421 28.78 23.72 15.29
C VAL B 421 28.97 24.09 16.77
N ILE B 422 29.85 25.03 17.09
CA ILE B 422 30.09 25.45 18.46
C ILE B 422 30.07 26.97 18.52
N LEU B 423 29.28 27.52 19.44
CA LEU B 423 29.20 28.96 19.63
C LEU B 423 30.18 29.39 20.71
N GLN B 424 30.80 30.55 20.50
CA GLN B 424 31.74 31.08 21.48
C GLN B 424 31.02 31.46 22.76
N ASN B 425 31.65 31.16 23.89
CA ASN B 425 31.11 31.46 25.22
C ASN B 425 29.77 30.78 25.47
N GLU B 426 29.57 29.60 24.91
CA GLU B 426 28.36 28.83 25.16
C GLU B 426 28.59 27.90 26.36
N ALA B 427 27.52 27.22 26.78
CA ALA B 427 27.64 26.25 27.86
C ALA B 427 28.36 25.02 27.35
N PRO B 428 29.47 24.62 27.98
CA PRO B 428 30.21 23.44 27.49
C PRO B 428 29.43 22.16 27.78
N THR B 429 28.96 21.51 26.72
CA THR B 429 28.23 20.25 26.84
C THR B 429 28.73 19.13 25.94
N ASP B 430 29.35 19.44 24.81
CA ASP B 430 29.82 18.42 23.88
C ASP B 430 31.15 18.84 23.29
N PHE B 431 31.97 17.84 22.94
CA PHE B 431 33.20 18.05 22.20
C PHE B 431 33.19 17.11 20.99
N TYR B 432 33.61 17.64 19.85
CA TYR B 432 33.49 16.93 18.59
C TYR B 432 34.85 16.44 18.10
N ILE B 433 34.82 15.38 17.29
CA ILE B 433 35.98 14.86 16.61
C ILE B 433 35.69 14.89 15.12
N LEU B 434 36.49 15.62 14.37
CA LEU B 434 36.26 15.78 12.94
C LEU B 434 36.76 14.57 12.19
N VAL B 435 35.96 14.09 11.24
CA VAL B 435 36.27 12.91 10.44
C VAL B 435 36.56 13.29 8.99
N ASN B 436 35.71 14.11 8.39
CA ASN B 436 35.88 14.58 7.03
C ASN B 436 35.63 16.08 6.97
N GLY B 437 36.22 16.73 5.98
CA GLY B 437 36.03 18.15 5.78
C GLY B 437 36.93 18.99 6.65
N THR B 438 36.72 20.30 6.56
CA THR B 438 37.51 21.27 7.30
C THR B 438 36.59 22.30 7.96
N ALA B 439 37.07 22.88 9.05
CA ALA B 439 36.34 23.92 9.76
C ALA B 439 37.29 25.02 10.16
N ASP B 440 36.74 26.22 10.35
CA ASP B 440 37.53 27.40 10.70
C ASP B 440 37.18 27.83 12.12
N LEU B 441 38.19 27.95 12.97
CA LEU B 441 38.00 28.40 14.35
C LEU B 441 37.85 29.91 14.34
N VAL B 442 36.61 30.38 14.23
CA VAL B 442 36.32 31.80 14.12
C VAL B 442 36.29 32.42 15.50
N ASP B 443 37.08 33.47 15.70
CA ASP B 443 37.08 34.24 16.94
C ASP B 443 36.73 35.69 16.64
N VAL B 444 35.90 36.28 17.49
CA VAL B 444 35.44 37.65 17.32
C VAL B 444 35.90 38.48 18.51
N ASP B 445 36.54 39.61 18.23
CA ASP B 445 36.90 40.56 19.28
C ASP B 445 35.85 41.66 19.41
N THR B 446 35.63 42.41 18.32
CA THR B 446 34.55 43.39 18.27
C THR B 446 34.09 43.48 16.81
N GLY B 447 33.09 42.68 16.46
CA GLY B 447 32.56 42.67 15.11
C GLY B 447 33.53 42.25 14.04
N THR B 448 34.64 41.61 14.42
CA THR B 448 35.65 41.15 13.47
C THR B 448 35.76 39.63 13.56
N GLU B 449 35.36 38.95 12.50
CA GLU B 449 35.43 37.49 12.45
C GLU B 449 36.80 37.03 11.95
N SER B 450 37.81 37.30 12.78
CA SER B 450 39.18 36.95 12.44
C SER B 450 39.39 35.45 12.56
N ILE B 451 39.90 34.83 11.50
CA ILE B 451 40.15 33.39 11.52
C ILE B 451 41.41 33.13 12.33
N VAL B 452 41.31 32.25 13.32
CA VAL B 452 42.48 31.89 14.12
C VAL B 452 43.32 30.84 13.40
N ARG B 453 42.73 29.67 13.16
CA ARG B 453 43.43 28.60 12.45
C ARG B 453 42.39 27.64 11.90
N GLU B 454 42.83 26.82 10.95
CA GLU B 454 41.98 25.82 10.33
C GLU B 454 42.23 24.45 10.94
N VAL B 455 41.16 23.71 11.19
CA VAL B 455 41.23 22.36 11.73
C VAL B 455 40.91 21.38 10.62
N LYS B 456 41.73 20.34 10.50
CA LYS B 456 41.61 19.36 9.43
C LYS B 456 40.96 18.08 9.95
N ALA B 457 40.88 17.07 9.09
CA ALA B 457 40.29 15.80 9.48
C ALA B 457 41.14 15.08 10.53
N GLY B 458 40.47 14.23 11.30
CA GLY B 458 41.16 13.49 12.34
C GLY B 458 41.70 14.35 13.46
N ASP B 459 40.97 15.41 13.83
CA ASP B 459 41.39 16.31 14.88
C ASP B 459 40.20 16.60 15.79
N ILE B 460 40.50 16.91 17.06
CA ILE B 460 39.49 17.14 18.07
C ILE B 460 39.23 18.63 18.20
N ILE B 461 37.97 18.99 18.44
CA ILE B 461 37.57 20.39 18.58
C ILE B 461 36.65 20.51 19.79
N GLY B 462 36.70 21.67 20.44
CA GLY B 462 35.83 21.95 21.56
C GLY B 462 36.07 21.10 22.78
N GLU B 463 37.23 20.48 22.90
CA GLU B 463 37.53 19.63 24.06
C GLU B 463 38.05 20.41 25.25
N ILE B 464 38.62 21.59 25.02
CA ILE B 464 39.18 22.38 26.12
C ILE B 464 38.11 23.03 26.98
N GLY B 465 36.89 23.15 26.46
CA GLY B 465 35.82 23.75 27.23
C GLY B 465 35.08 22.76 28.12
N VAL B 466 35.05 21.50 27.72
CA VAL B 466 34.34 20.48 28.48
C VAL B 466 35.24 19.85 29.55
N LEU B 467 36.49 19.53 29.19
CA LEU B 467 37.42 18.99 30.18
C LEU B 467 37.76 20.05 31.23
N CYS B 468 38.34 21.16 30.77
CA CYS B 468 38.51 22.35 31.62
C CYS B 468 37.21 23.14 31.55
N TYR B 469 36.38 23.02 32.59
CA TYR B 469 35.06 23.63 32.58
C TYR B 469 35.15 25.14 32.39
N ARG B 470 34.66 25.62 31.25
CA ARG B 470 34.71 27.02 30.89
C ARG B 470 33.85 27.26 29.65
N PRO B 471 33.27 28.44 29.48
CA PRO B 471 32.60 28.75 28.21
C PRO B 471 33.57 28.62 27.04
N GLN B 472 33.03 28.19 25.90
CA GLN B 472 33.86 27.79 24.77
C GLN B 472 34.71 28.96 24.27
N LEU B 473 35.92 28.62 23.81
CA LEU B 473 36.89 29.63 23.43
C LEU B 473 36.59 30.19 22.04
N PHE B 474 36.57 29.34 21.02
CA PHE B 474 36.46 29.77 19.63
C PHE B 474 35.22 29.17 19.00
N THR B 475 34.56 29.95 18.15
CA THR B 475 33.43 29.47 17.36
C THR B 475 33.95 28.64 16.19
N VAL B 476 33.45 27.41 16.07
CA VAL B 476 33.88 26.48 15.03
C VAL B 476 32.84 26.54 13.92
N ARG B 477 33.18 27.19 12.82
CA ARG B 477 32.32 27.27 11.64
C ARG B 477 32.85 26.34 10.55
N THR B 478 31.96 25.53 9.99
CA THR B 478 32.35 24.54 9.00
C THR B 478 32.59 25.19 7.64
N LYS B 479 33.55 24.63 6.90
CA LYS B 479 33.89 25.13 5.57
C LYS B 479 33.27 24.27 4.47
N ARG B 480 33.60 22.98 4.43
CA ARG B 480 33.04 22.06 3.46
C ARG B 480 31.91 21.26 4.11
N LEU B 481 31.44 20.22 3.42
CA LEU B 481 30.53 19.25 4.01
C LEU B 481 31.32 18.32 4.92
N CYS B 482 31.06 18.39 6.22
CA CYS B 482 31.85 17.67 7.21
C CYS B 482 31.01 16.63 7.92
N GLN B 483 31.66 15.55 8.35
CA GLN B 483 31.05 14.54 9.20
C GLN B 483 31.77 14.55 10.54
N LEU B 484 31.01 14.70 11.62
CA LEU B 484 31.56 14.86 12.95
C LEU B 484 31.14 13.72 13.86
N LEU B 485 31.99 13.44 14.84
CA LEU B 485 31.68 12.49 15.90
C LEU B 485 31.50 13.26 17.20
N ARG B 486 30.32 13.17 17.79
CA ARG B 486 29.97 13.89 19.00
C ARG B 486 29.90 12.93 20.17
N MET B 487 30.51 13.33 21.30
CA MET B 487 30.43 12.56 22.53
C MET B 487 30.05 13.51 23.66
N ASN B 488 29.06 13.09 24.46
CA ASN B 488 28.51 13.95 25.50
C ASN B 488 29.49 14.11 26.65
N ARG B 489 29.47 15.29 27.28
CA ARG B 489 30.32 15.53 28.44
C ARG B 489 29.97 14.60 29.60
N THR B 490 28.67 14.42 29.84
CA THR B 490 28.23 13.57 30.95
C THR B 490 28.66 12.13 30.74
N THR B 491 28.50 11.61 29.52
CA THR B 491 28.92 10.24 29.24
C THR B 491 30.42 10.08 29.39
N PHE B 492 31.20 11.05 28.91
CA PHE B 492 32.65 10.97 29.03
C PHE B 492 33.08 11.02 30.49
N LEU B 493 32.44 11.87 31.29
CA LEU B 493 32.77 11.94 32.71
C LEU B 493 32.42 10.65 33.42
N ASN B 494 31.27 10.06 33.09
CA ASN B 494 30.89 8.78 33.69
C ASN B 494 31.87 7.68 33.32
N ILE B 495 32.30 7.64 32.06
CA ILE B 495 33.25 6.62 31.64
C ILE B 495 34.60 6.83 32.32
N ILE B 496 35.06 8.07 32.41
CA ILE B 496 36.34 8.36 33.04
C ILE B 496 36.31 8.02 34.52
N GLN B 497 35.21 8.36 35.20
CA GLN B 497 35.09 8.05 36.62
C GLN B 497 35.09 6.55 36.86
N ALA B 498 34.58 5.77 35.91
CA ALA B 498 34.60 4.31 36.04
C ALA B 498 36.00 3.74 35.91
N ASN B 499 36.92 4.43 35.23
CA ASN B 499 38.30 4.00 35.05
C ASN B 499 39.21 5.15 35.45
N VAL B 500 39.51 5.23 36.75
CA VAL B 500 40.28 6.35 37.27
C VAL B 500 41.74 6.30 36.80
N GLY B 501 42.27 5.10 36.55
CA GLY B 501 43.66 4.96 36.17
C GLY B 501 44.01 5.69 34.88
N ASP B 502 43.07 5.72 33.93
CA ASP B 502 43.29 6.45 32.69
C ASP B 502 42.94 7.92 32.78
N GLY B 503 42.28 8.34 33.86
CA GLY B 503 42.02 9.75 34.06
C GLY B 503 43.30 10.56 34.23
N THR B 504 44.28 10.00 34.93
CA THR B 504 45.57 10.68 35.06
C THR B 504 46.25 10.81 33.70
N ILE B 505 46.18 9.78 32.88
CA ILE B 505 46.76 9.84 31.53
C ILE B 505 46.07 10.94 30.72
N ILE B 506 44.74 10.99 30.79
CA ILE B 506 44.00 12.01 30.05
C ILE B 506 44.40 13.41 30.53
N MET B 507 44.48 13.59 31.85
CA MET B 507 44.81 14.90 32.39
C MET B 507 46.22 15.35 32.02
N ASN B 508 47.20 14.46 32.12
CA ASN B 508 48.56 14.87 31.78
C ASN B 508 48.72 15.06 30.27
N ASN B 509 48.00 14.28 29.46
CA ASN B 509 48.02 14.51 28.03
C ASN B 509 47.43 15.87 27.68
N LEU B 510 46.35 16.26 28.36
CA LEU B 510 45.79 17.59 28.15
C LEU B 510 46.78 18.67 28.60
N LEU B 511 47.42 18.46 29.76
CA LEU B 511 48.31 19.48 30.30
C LEU B 511 49.53 19.70 29.42
N GLN B 512 50.14 18.61 28.92
CA GLN B 512 51.33 18.77 28.09
C GLN B 512 51.02 19.43 26.77
N HIS B 513 49.81 19.23 26.24
CA HIS B 513 49.44 19.82 24.96
C HIS B 513 49.29 21.34 25.07
N LEU B 514 48.89 21.84 26.23
CA LEU B 514 48.62 23.26 26.41
C LEU B 514 49.97 24.00 26.50
N LYS B 515 50.59 24.19 25.33
CA LYS B 515 51.89 24.83 25.27
C LYS B 515 52.04 25.78 24.09
N GLU B 516 50.96 26.14 23.39
CA GLU B 516 51.07 27.04 22.26
C GLU B 516 51.08 28.50 22.74
N MET B 517 50.95 29.44 21.80
CA MET B 517 51.33 30.83 22.04
C MET B 517 50.21 31.55 22.80
N ASN B 518 50.37 31.66 24.11
CA ASN B 518 49.65 32.62 24.95
C ASN B 518 48.14 32.37 25.02
N ASP B 519 47.64 31.38 24.30
CA ASP B 519 46.21 31.10 24.37
C ASP B 519 45.87 30.31 25.63
N PRO B 520 46.53 29.18 25.92
CA PRO B 520 46.21 28.44 27.16
C PRO B 520 47.14 28.70 28.33
N VAL B 521 48.05 29.67 28.24
CA VAL B 521 49.06 29.84 29.28
C VAL B 521 48.41 30.18 30.62
N MET B 522 47.44 31.10 30.62
CA MET B 522 46.74 31.42 31.85
C MET B 522 45.89 30.26 32.32
N THR B 523 45.42 29.43 31.40
CA THR B 523 44.59 28.28 31.78
C THR B 523 45.37 27.31 32.66
N ASN B 524 46.64 27.04 32.31
CA ASN B 524 47.46 26.18 33.13
C ASN B 524 47.69 26.78 34.51
N VAL B 525 47.95 28.10 34.56
CA VAL B 525 48.18 28.76 35.84
C VAL B 525 46.91 28.81 36.67
N LEU B 526 45.78 29.15 36.03
CA LEU B 526 44.52 29.24 36.77
C LEU B 526 44.11 27.90 37.35
N LEU B 527 44.26 26.82 36.58
CA LEU B 527 43.97 25.49 37.10
C LEU B 527 44.94 25.11 38.21
N GLU B 528 46.21 25.49 38.07
CA GLU B 528 47.20 25.18 39.10
C GLU B 528 46.91 25.92 40.41
N ILE B 529 46.12 26.99 40.37
CA ILE B 529 45.70 27.65 41.60
C ILE B 529 44.87 26.70 42.44
N GLU B 530 43.92 26.00 41.81
CA GLU B 530 43.08 25.03 42.50
C GLU B 530 43.69 23.63 42.52
N ASN B 531 44.79 23.41 41.80
CA ASN B 531 45.47 22.12 41.83
C ASN B 531 46.47 22.01 42.97
N MET B 532 46.66 23.08 43.75
CA MET B 532 47.58 23.08 44.89
C MET B 532 49.00 22.72 44.46
N VAL C 71 -37.59 33.06 6.37
CA VAL C 71 -36.24 32.53 6.51
C VAL C 71 -36.30 31.03 6.79
N VAL C 72 -35.52 30.25 6.04
CA VAL C 72 -35.47 28.81 6.18
C VAL C 72 -34.02 28.39 6.36
N SER C 73 -33.83 27.27 7.05
CA SER C 73 -32.51 26.74 7.34
C SER C 73 -32.22 25.51 6.49
N PRO C 74 -30.96 25.25 6.15
CA PRO C 74 -30.61 24.03 5.41
C PRO C 74 -30.95 22.76 6.19
N TYR C 75 -30.79 21.61 5.54
CA TYR C 75 -31.10 20.28 6.06
C TYR C 75 -32.59 20.06 6.26
N ASP C 76 -33.43 21.06 5.98
CA ASP C 76 -34.87 20.89 6.10
C ASP C 76 -35.39 19.95 5.01
N HIS C 77 -36.38 19.13 5.37
CA HIS C 77 -36.94 18.17 4.43
C HIS C 77 -37.78 18.83 3.34
N LYS C 78 -38.14 20.10 3.49
CA LYS C 78 -38.81 20.83 2.43
C LYS C 78 -37.83 21.56 1.52
N TYR C 79 -36.53 21.49 1.81
CA TYR C 79 -35.50 22.15 1.02
C TYR C 79 -34.54 21.17 0.36
N ARG C 80 -34.11 20.13 1.10
CA ARG C 80 -33.28 19.10 0.49
C ARG C 80 -34.02 18.37 -0.61
N ILE C 81 -35.31 18.12 -0.42
CA ILE C 81 -36.13 17.52 -1.48
C ILE C 81 -36.20 18.46 -2.68
N TRP C 82 -36.29 19.76 -2.42
CA TRP C 82 -36.32 20.73 -3.52
C TRP C 82 -35.01 20.71 -4.31
N GLU C 83 -33.88 20.60 -3.61
CA GLU C 83 -32.59 20.51 -4.29
C GLU C 83 -32.50 19.21 -5.10
N ALA C 84 -32.96 18.10 -4.52
CA ALA C 84 -32.94 16.84 -5.25
C ALA C 84 -33.82 16.90 -6.48
N PHE C 85 -34.93 17.65 -6.41
CA PHE C 85 -35.77 17.83 -7.59
C PHE C 85 -35.10 18.72 -8.62
N LEU C 86 -34.38 19.76 -8.17
CA LEU C 86 -33.63 20.59 -9.12
C LEU C 86 -32.50 19.83 -9.78
N VAL C 87 -32.02 18.75 -9.15
CA VAL C 87 -30.95 17.96 -9.77
C VAL C 87 -31.41 17.38 -11.10
N VAL C 88 -32.62 16.84 -11.16
CA VAL C 88 -33.08 16.26 -12.42
C VAL C 88 -33.31 17.33 -13.47
N LEU C 89 -33.73 18.53 -13.06
CA LEU C 89 -33.83 19.63 -14.02
C LEU C 89 -32.46 20.03 -14.54
N VAL C 90 -31.44 20.01 -13.68
CA VAL C 90 -30.08 20.28 -14.14
C VAL C 90 -29.64 19.23 -15.15
N VAL C 91 -29.98 17.96 -14.89
CA VAL C 91 -29.64 16.90 -15.84
C VAL C 91 -30.33 17.12 -17.16
N TYR C 92 -31.62 17.49 -17.12
CA TYR C 92 -32.36 17.78 -18.34
C TYR C 92 -31.72 18.91 -19.13
N THR C 93 -31.33 19.99 -18.43
CA THR C 93 -30.67 21.10 -19.11
C THR C 93 -29.35 20.66 -19.73
N ALA C 94 -28.57 19.87 -18.99
CA ALA C 94 -27.29 19.42 -19.49
C ALA C 94 -27.44 18.55 -20.73
N TRP C 95 -28.52 17.78 -20.81
CA TRP C 95 -28.75 17.01 -22.03
C TRP C 95 -29.26 17.89 -23.17
N VAL C 96 -30.16 18.83 -22.88
CA VAL C 96 -30.88 19.52 -23.93
C VAL C 96 -30.04 20.62 -24.57
N SER C 97 -29.33 21.39 -23.75
CA SER C 97 -28.63 22.57 -24.29
C SER C 97 -27.67 22.24 -25.42
N PRO C 98 -26.77 21.26 -25.31
CA PRO C 98 -25.95 20.92 -26.48
C PRO C 98 -26.77 20.43 -27.67
N PHE C 99 -27.88 19.73 -27.43
CA PHE C 99 -28.70 19.25 -28.53
C PHE C 99 -29.29 20.41 -29.32
N GLU C 100 -29.81 21.42 -28.63
CA GLU C 100 -30.33 22.60 -29.32
C GLU C 100 -29.21 23.40 -29.96
N PHE C 101 -28.03 23.41 -29.33
CA PHE C 101 -26.90 24.12 -29.90
C PHE C 101 -26.47 23.50 -31.23
N GLY C 102 -26.47 22.17 -31.31
CA GLY C 102 -26.01 21.49 -32.51
C GLY C 102 -27.06 21.26 -33.57
N PHE C 103 -28.15 20.59 -33.20
CA PHE C 103 -29.13 20.11 -34.17
C PHE C 103 -30.25 21.10 -34.46
N LEU C 104 -30.33 22.21 -33.73
CA LEU C 104 -31.48 23.10 -33.83
C LEU C 104 -31.04 24.52 -34.20
N ARG C 105 -31.93 25.22 -34.89
CA ARG C 105 -31.73 26.62 -35.26
C ARG C 105 -32.79 27.52 -34.66
N LYS C 106 -34.05 27.15 -34.75
CA LYS C 106 -35.18 27.93 -34.27
C LYS C 106 -35.59 27.48 -32.87
N PRO C 107 -36.42 28.26 -32.18
CA PRO C 107 -36.86 27.84 -30.84
C PRO C 107 -37.58 26.50 -30.80
N ARG C 108 -38.21 26.08 -31.91
CA ARG C 108 -38.87 24.77 -31.99
C ARG C 108 -39.88 24.58 -30.86
N PRO C 109 -41.07 25.18 -30.98
CA PRO C 109 -42.07 25.16 -29.89
C PRO C 109 -42.26 23.80 -29.23
N PRO C 110 -42.08 22.67 -29.97
CA PRO C 110 -42.03 21.37 -29.28
C PRO C 110 -41.10 21.31 -28.06
N LEU C 111 -40.14 22.23 -27.97
CA LEU C 111 -39.19 22.23 -26.87
C LEU C 111 -39.04 23.56 -26.15
N SER C 112 -39.39 24.68 -26.78
CA SER C 112 -39.23 25.97 -26.13
C SER C 112 -40.16 26.14 -24.95
N ILE C 113 -41.32 25.49 -24.98
CA ILE C 113 -42.23 25.55 -23.83
C ILE C 113 -41.60 24.88 -22.62
N THR C 114 -40.97 23.72 -22.82
CA THR C 114 -40.28 23.05 -21.72
C THR C 114 -39.08 23.88 -21.24
N ASP C 115 -38.37 24.49 -22.17
CA ASP C 115 -37.26 25.36 -21.79
C ASP C 115 -37.74 26.52 -20.92
N ASN C 116 -38.87 27.14 -21.30
CA ASN C 116 -39.43 28.23 -20.52
C ASN C 116 -39.90 27.75 -19.15
N ILE C 117 -40.47 26.55 -19.10
CA ILE C 117 -40.89 26.00 -17.80
C ILE C 117 -39.70 25.82 -16.88
N VAL C 118 -38.61 25.26 -17.40
CA VAL C 118 -37.43 25.05 -16.58
C VAL C 118 -36.81 26.38 -16.17
N ASN C 119 -36.83 27.36 -17.08
CA ASN C 119 -36.32 28.69 -16.74
C ASN C 119 -37.15 29.33 -15.63
N ALA C 120 -38.47 29.17 -15.69
CA ALA C 120 -39.32 29.70 -14.63
C ALA C 120 -39.03 29.00 -13.30
N PHE C 121 -38.81 27.69 -13.33
CA PHE C 121 -38.47 26.97 -12.11
C PHE C 121 -37.16 27.48 -11.52
N PHE C 122 -36.16 27.71 -12.37
CA PHE C 122 -34.88 28.20 -11.87
C PHE C 122 -34.99 29.65 -11.40
N ALA C 123 -35.88 30.43 -11.99
CA ALA C 123 -36.15 31.77 -11.47
C ALA C 123 -36.79 31.72 -10.10
N ILE C 124 -37.72 30.77 -9.90
CA ILE C 124 -38.29 30.55 -8.58
C ILE C 124 -37.19 30.20 -7.58
N ASP C 125 -36.26 29.34 -8.00
CA ASP C 125 -35.15 28.98 -7.11
C ASP C 125 -34.27 30.18 -6.79
N ILE C 126 -33.94 30.99 -7.79
CA ILE C 126 -33.02 32.11 -7.56
C ILE C 126 -33.68 33.17 -6.71
N ILE C 127 -34.99 33.32 -6.78
CA ILE C 127 -35.65 34.27 -5.89
C ILE C 127 -35.83 33.66 -4.50
N MET C 128 -35.90 32.32 -4.41
CA MET C 128 -36.07 31.66 -3.13
C MET C 128 -34.77 31.62 -2.32
N THR C 129 -33.62 31.59 -2.99
CA THR C 129 -32.35 31.39 -2.31
C THR C 129 -31.96 32.55 -1.40
N PHE C 130 -32.65 33.69 -1.50
CA PHE C 130 -32.38 34.80 -0.59
C PHE C 130 -32.85 34.51 0.83
N PHE C 131 -33.62 33.45 1.05
CA PHE C 131 -34.24 33.17 2.33
C PHE C 131 -33.69 31.91 3.00
N VAL C 132 -32.52 31.44 2.55
CA VAL C 132 -31.93 30.22 3.09
C VAL C 132 -30.58 30.55 3.71
N GLY C 133 -30.31 29.99 4.88
CA GLY C 133 -29.05 30.20 5.56
C GLY C 133 -27.98 29.25 5.08
N TYR C 134 -26.85 29.29 5.77
CA TYR C 134 -25.70 28.46 5.41
C TYR C 134 -24.85 28.23 6.66
N LEU C 135 -23.77 27.49 6.49
CA LEU C 135 -22.79 27.23 7.54
C LEU C 135 -21.47 27.85 7.14
N ASP C 136 -20.91 28.67 8.02
CA ASP C 136 -19.62 29.32 7.79
C ASP C 136 -18.50 28.44 8.37
N LYS C 137 -17.30 29.00 8.44
CA LYS C 137 -16.17 28.25 9.00
C LYS C 137 -16.40 27.93 10.47
N SER C 138 -16.94 28.88 11.23
CA SER C 138 -17.19 28.69 12.66
C SER C 138 -18.60 29.13 13.06
N THR C 139 -19.55 29.12 12.12
CA THR C 139 -20.91 29.52 12.42
C THR C 139 -21.59 28.47 13.30
N TYR C 140 -22.65 28.91 13.98
CA TYR C 140 -23.42 28.03 14.85
C TYR C 140 -24.44 27.23 14.05
N LEU C 141 -23.98 26.55 13.01
CA LEU C 141 -24.74 25.67 12.13
C LEU C 141 -25.78 26.41 11.29
N ILE C 142 -25.91 27.73 11.45
CA ILE C 142 -26.89 28.50 10.68
C ILE C 142 -26.57 29.99 10.78
N VAL C 143 -26.82 30.72 9.69
CA VAL C 143 -26.68 32.17 9.67
C VAL C 143 -27.98 32.71 9.06
N ASP C 144 -28.92 33.09 9.91
CA ASP C 144 -30.25 33.51 9.48
C ASP C 144 -30.37 35.02 9.62
N ASP C 145 -30.10 35.73 8.53
CA ASP C 145 -30.21 37.19 8.49
C ASP C 145 -30.64 37.58 7.08
N ARG C 146 -30.64 38.89 6.82
CA ARG C 146 -30.80 39.39 5.45
C ARG C 146 -29.45 39.63 4.81
N LYS C 147 -28.64 40.51 5.41
CA LYS C 147 -27.27 40.69 5.00
C LYS C 147 -26.42 39.52 5.49
N GLN C 148 -25.22 39.42 4.92
CA GLN C 148 -24.26 38.33 5.12
C GLN C 148 -24.74 37.02 4.51
N ILE C 149 -25.97 36.95 4.01
CA ILE C 149 -26.41 35.90 3.10
C ILE C 149 -26.83 36.46 1.76
N ALA C 150 -27.59 37.57 1.76
CA ALA C 150 -27.89 38.24 0.50
C ALA C 150 -26.66 38.88 -0.11
N PHE C 151 -25.87 39.57 0.71
CA PHE C 151 -24.63 40.17 0.24
C PHE C 151 -23.53 39.16 -0.02
N LYS C 152 -23.71 37.91 0.41
CA LYS C 152 -22.78 36.85 0.06
C LYS C 152 -23.17 36.15 -1.23
N TYR C 153 -24.45 35.82 -1.38
CA TYR C 153 -24.91 35.16 -2.60
C TYR C 153 -24.75 36.08 -3.82
N LEU C 154 -25.09 37.36 -3.66
CA LEU C 154 -24.96 38.30 -4.76
C LEU C 154 -23.52 38.51 -5.17
N ARG C 155 -22.57 38.22 -4.29
CA ARG C 155 -21.16 38.46 -4.56
C ARG C 155 -20.41 37.21 -4.99
N SER C 156 -21.10 36.08 -5.18
CA SER C 156 -20.42 34.84 -5.55
C SER C 156 -20.82 34.34 -6.93
N TRP C 157 -22.09 34.04 -7.17
CA TRP C 157 -22.51 33.60 -8.51
C TRP C 157 -23.89 34.11 -8.91
N PHE C 158 -24.28 35.30 -8.44
CA PHE C 158 -25.62 35.78 -8.76
C PHE C 158 -25.77 36.06 -10.25
N LEU C 159 -24.81 36.78 -10.84
CA LEU C 159 -24.94 37.16 -12.25
C LEU C 159 -24.92 35.94 -13.17
N LEU C 160 -24.08 34.95 -12.87
CA LEU C 160 -24.03 33.75 -13.68
C LEU C 160 -25.34 32.96 -13.59
N ASP C 161 -25.92 32.89 -12.40
CA ASP C 161 -27.18 32.19 -12.21
C ASP C 161 -28.37 32.97 -12.78
N LEU C 162 -28.20 34.25 -13.11
CA LEU C 162 -29.25 35.04 -13.72
C LEU C 162 -29.16 35.08 -15.24
N VAL C 163 -27.94 35.16 -15.79
CA VAL C 163 -27.79 35.11 -17.24
C VAL C 163 -28.16 33.73 -17.77
N SER C 164 -27.94 32.68 -16.97
CA SER C 164 -28.22 31.31 -17.38
C SER C 164 -29.68 30.91 -17.15
N THR C 165 -30.59 31.87 -17.00
CA THR C 165 -32.02 31.55 -16.90
C THR C 165 -32.87 32.47 -17.76
N ILE C 166 -32.27 33.35 -18.55
CA ILE C 166 -33.05 34.20 -19.46
C ILE C 166 -33.67 33.33 -20.54
N PRO C 167 -34.96 33.46 -20.82
CA PRO C 167 -35.58 32.64 -21.88
C PRO C 167 -34.95 32.93 -23.23
N SER C 168 -34.82 31.86 -24.04
CA SER C 168 -34.20 31.99 -25.35
C SER C 168 -35.03 32.86 -26.29
N GLU C 169 -36.31 33.05 -26.00
CA GLU C 169 -37.14 33.91 -26.83
C GLU C 169 -36.65 35.36 -26.79
N ALA C 170 -36.24 35.83 -25.61
CA ALA C 170 -35.76 37.20 -25.49
C ALA C 170 -34.46 37.40 -26.25
N ALA C 171 -33.56 36.42 -26.20
CA ALA C 171 -32.27 36.57 -26.87
C ALA C 171 -32.41 36.63 -28.39
N MET C 172 -33.53 36.18 -28.95
CA MET C 172 -33.73 36.29 -30.39
C MET C 172 -33.83 37.73 -30.84
N ARG C 173 -34.46 38.59 -30.03
CA ARG C 173 -34.60 39.99 -30.39
C ARG C 173 -33.24 40.67 -30.46
N ILE C 174 -32.33 40.32 -29.54
CA ILE C 174 -31.00 40.91 -29.54
C ILE C 174 -30.26 40.54 -30.83
N SER C 175 -30.28 39.25 -31.18
CA SER C 175 -29.64 38.78 -32.40
C SER C 175 -30.15 37.38 -32.69
N SER C 176 -30.41 37.11 -33.97
CA SER C 176 -30.96 35.82 -34.38
C SER C 176 -29.88 34.74 -34.54
N GLN C 177 -28.61 35.11 -34.57
CA GLN C 177 -27.53 34.16 -34.77
C GLN C 177 -26.88 33.70 -33.47
N SER C 178 -27.40 34.12 -32.33
CA SER C 178 -26.85 33.75 -31.03
C SER C 178 -27.70 32.72 -30.30
N TYR C 179 -28.56 31.99 -31.03
CA TYR C 179 -29.45 31.01 -30.40
C TYR C 179 -28.65 29.95 -29.66
N GLY C 180 -27.84 29.18 -30.38
CA GLY C 180 -27.10 28.11 -29.74
C GLY C 180 -26.05 28.61 -28.78
N LEU C 181 -25.37 29.70 -29.13
CA LEU C 181 -24.33 30.24 -28.25
C LEU C 181 -24.91 30.70 -26.93
N PHE C 182 -26.08 31.33 -26.95
CA PHE C 182 -26.73 31.75 -25.71
C PHE C 182 -27.32 30.57 -24.96
N ASN C 183 -27.83 29.56 -25.68
CA ASN C 183 -28.39 28.39 -25.01
C ASN C 183 -27.31 27.54 -24.36
N MET C 184 -26.07 27.62 -24.85
CA MET C 184 -24.97 26.91 -24.21
C MET C 184 -24.59 27.51 -22.87
N LEU C 185 -25.07 28.72 -22.54
CA LEU C 185 -24.80 29.31 -21.25
C LEU C 185 -25.57 28.64 -20.12
N ARG C 186 -26.60 27.86 -20.45
CA ARG C 186 -27.37 27.16 -19.42
C ARG C 186 -26.56 26.06 -18.76
N LEU C 187 -25.40 25.71 -19.30
CA LEU C 187 -24.56 24.66 -18.75
C LEU C 187 -23.95 25.08 -17.42
N TRP C 188 -24.09 26.36 -17.07
CA TRP C 188 -23.61 26.84 -15.79
C TRP C 188 -24.28 26.15 -14.62
N ARG C 189 -25.47 25.58 -14.84
CA ARG C 189 -26.21 24.92 -13.78
C ARG C 189 -25.58 23.61 -13.32
N LEU C 190 -24.48 23.18 -13.93
CA LEU C 190 -23.81 21.95 -13.51
C LEU C 190 -23.16 22.07 -12.13
N ARG C 191 -23.07 23.29 -11.58
CA ARG C 191 -22.58 23.44 -10.22
C ARG C 191 -23.48 22.72 -9.23
N ARG C 192 -24.77 22.58 -9.54
CA ARG C 192 -25.66 21.80 -8.69
C ARG C 192 -25.20 20.35 -8.60
N VAL C 193 -24.91 19.74 -9.75
CA VAL C 193 -24.44 18.35 -9.76
C VAL C 193 -23.08 18.25 -9.10
N GLY C 194 -22.22 19.24 -9.32
CA GLY C 194 -20.91 19.22 -8.67
C GLY C 194 -21.03 19.25 -7.15
N ALA C 195 -21.89 20.14 -6.64
CA ALA C 195 -22.10 20.20 -5.19
C ALA C 195 -22.74 18.93 -4.66
N LEU C 196 -23.67 18.35 -5.42
CA LEU C 196 -24.29 17.10 -5.00
C LEU C 196 -23.25 15.99 -4.87
N PHE C 197 -22.36 15.88 -5.86
CA PHE C 197 -21.32 14.86 -5.81
C PHE C 197 -20.35 15.12 -4.68
N ALA C 198 -19.99 16.38 -4.45
CA ALA C 198 -19.11 16.71 -3.33
C ALA C 198 -19.75 16.33 -2.00
N ARG C 199 -21.04 16.59 -1.84
CA ARG C 199 -21.74 16.22 -0.62
C ARG C 199 -21.79 14.71 -0.46
N LEU C 200 -22.08 13.98 -1.54
CA LEU C 200 -22.13 12.53 -1.47
C LEU C 200 -20.77 11.91 -1.18
N GLU C 201 -19.69 12.61 -1.56
CA GLU C 201 -18.36 12.10 -1.28
C GLU C 201 -18.11 12.01 0.22
N LYS C 202 -18.60 12.97 0.99
CA LYS C 202 -18.38 13.04 2.43
C LYS C 202 -19.59 12.57 3.22
N ASP C 203 -20.30 11.56 2.72
CA ASP C 203 -21.45 11.01 3.42
C ASP C 203 -21.04 9.75 4.18
N ARG C 204 -22.01 9.08 4.78
CA ARG C 204 -21.76 7.88 5.57
C ARG C 204 -22.45 6.64 5.03
N ASN C 205 -23.66 6.78 4.50
CA ASN C 205 -24.40 5.65 3.97
C ASN C 205 -23.96 5.27 2.55
N PHE C 206 -23.10 6.07 1.93
CA PHE C 206 -22.65 5.83 0.56
C PHE C 206 -21.15 5.61 0.53
N ASN C 207 -20.71 4.69 -0.33
CA ASN C 207 -19.29 4.43 -0.48
C ASN C 207 -18.62 5.58 -1.22
N TYR C 208 -17.31 5.71 -1.00
CA TYR C 208 -16.56 6.80 -1.61
C TYR C 208 -16.19 6.47 -3.06
N PHE C 209 -15.53 5.34 -3.28
CA PHE C 209 -15.14 4.96 -4.63
C PHE C 209 -16.35 4.71 -5.52
N TRP C 210 -17.45 4.22 -4.93
CA TRP C 210 -18.66 3.97 -5.69
C TRP C 210 -19.37 5.23 -6.15
N VAL C 211 -19.08 6.38 -5.55
CA VAL C 211 -19.65 7.63 -6.05
C VAL C 211 -18.62 8.32 -6.94
N ARG C 212 -17.33 8.05 -6.68
CA ARG C 212 -16.31 8.53 -7.62
C ARG C 212 -16.52 7.92 -9.00
N CYS C 213 -16.78 6.62 -9.05
CA CYS C 213 -17.03 5.95 -10.33
C CYS C 213 -18.32 6.45 -10.98
N ALA C 214 -19.35 6.72 -10.18
CA ALA C 214 -20.57 7.28 -10.74
C ALA C 214 -20.32 8.66 -11.35
N LYS C 215 -19.52 9.48 -10.66
CA LYS C 215 -19.17 10.79 -11.21
C LYS C 215 -18.39 10.65 -12.52
N LEU C 216 -17.46 9.70 -12.57
CA LEU C 216 -16.72 9.47 -13.81
C LEU C 216 -17.64 9.00 -14.93
N VAL C 217 -18.60 8.13 -14.63
CA VAL C 217 -19.55 7.68 -15.64
C VAL C 217 -20.38 8.85 -16.15
N CYS C 218 -20.84 9.70 -15.24
CA CYS C 218 -21.64 10.86 -15.64
C CYS C 218 -20.84 11.81 -16.52
N VAL C 219 -19.60 12.08 -16.16
CA VAL C 219 -18.80 13.01 -16.98
C VAL C 219 -18.46 12.37 -18.31
N THR C 220 -18.27 11.05 -18.36
CA THR C 220 -18.03 10.38 -19.63
C THR C 220 -19.25 10.51 -20.55
N LEU C 221 -20.45 10.29 -20.00
CA LEU C 221 -21.66 10.43 -20.80
C LEU C 221 -21.83 11.86 -21.30
N PHE C 222 -21.57 12.84 -20.43
CA PHE C 222 -21.68 14.23 -20.84
C PHE C 222 -20.69 14.57 -21.94
N ALA C 223 -19.45 14.06 -21.82
CA ALA C 223 -18.46 14.31 -22.86
C ALA C 223 -18.87 13.69 -24.18
N VAL C 224 -19.42 12.47 -24.14
CA VAL C 224 -19.88 11.81 -25.36
C VAL C 224 -20.97 12.64 -26.03
N HIS C 225 -21.95 13.09 -25.24
CA HIS C 225 -23.04 13.87 -25.80
C HIS C 225 -22.55 15.18 -26.40
N CYS C 226 -21.68 15.89 -25.67
CA CYS C 226 -21.17 17.16 -26.16
C CYS C 226 -20.37 16.98 -27.44
N ALA C 227 -19.53 15.95 -27.49
CA ALA C 227 -18.73 15.71 -28.69
C ALA C 227 -19.62 15.38 -29.88
N ALA C 228 -20.64 14.55 -29.66
CA ALA C 228 -21.56 14.22 -30.76
C ALA C 228 -22.26 15.46 -31.29
N CYS C 229 -22.75 16.31 -30.37
CA CYS C 229 -23.45 17.52 -30.80
C CYS C 229 -22.51 18.45 -31.55
N PHE C 230 -21.29 18.65 -31.05
CA PHE C 230 -20.35 19.55 -31.72
C PHE C 230 -19.96 19.01 -33.08
N TYR C 231 -19.77 17.69 -33.20
CA TYR C 231 -19.34 17.11 -34.46
C TYR C 231 -20.45 17.21 -35.51
N TYR C 232 -21.70 16.96 -35.11
CA TYR C 232 -22.78 17.16 -36.07
C TYR C 232 -22.95 18.63 -36.43
N LEU C 233 -22.71 19.54 -35.47
CA LEU C 233 -22.76 20.96 -35.80
C LEU C 233 -21.71 21.31 -36.85
N ILE C 234 -20.50 20.77 -36.69
CA ILE C 234 -19.44 21.00 -37.68
C ILE C 234 -19.86 20.47 -39.04
N ALA C 235 -20.46 19.27 -39.06
CA ALA C 235 -20.90 18.70 -40.34
C ALA C 235 -21.97 19.55 -41.00
N ALA C 236 -22.95 20.02 -40.22
CA ALA C 236 -24.09 20.72 -40.80
C ALA C 236 -23.76 22.14 -41.21
N ARG C 237 -22.91 22.82 -40.44
CA ARG C 237 -22.58 24.22 -40.72
C ARG C 237 -21.60 24.39 -41.87
N ASN C 238 -21.35 23.34 -42.64
CA ASN C 238 -20.43 23.40 -43.77
C ASN C 238 -21.21 23.34 -45.07
N SER C 239 -20.91 24.26 -45.98
CA SER C 239 -21.51 24.24 -47.30
C SER C 239 -21.07 23.00 -48.06
N ASN C 240 -21.82 22.65 -49.11
CA ASN C 240 -21.62 21.42 -49.85
C ASN C 240 -21.65 20.24 -48.87
N PRO C 241 -22.83 19.83 -48.41
CA PRO C 241 -22.89 18.80 -47.36
C PRO C 241 -22.17 17.51 -47.70
N ALA C 242 -21.98 17.22 -48.99
CA ALA C 242 -21.16 16.08 -49.36
C ALA C 242 -19.71 16.31 -48.95
N LYS C 243 -18.88 15.29 -49.17
CA LYS C 243 -17.47 15.32 -48.77
C LYS C 243 -17.34 15.59 -47.26
N THR C 244 -18.26 15.04 -46.48
CA THR C 244 -18.25 15.14 -45.04
C THR C 244 -18.33 13.75 -44.44
N TRP C 245 -18.15 13.67 -43.12
CA TRP C 245 -18.13 12.38 -42.45
C TRP C 245 -19.47 11.67 -42.53
N ILE C 246 -20.58 12.43 -42.53
CA ILE C 246 -21.90 11.83 -42.59
C ILE C 246 -22.42 11.92 -44.02
N GLY C 247 -21.94 12.92 -44.78
CA GLY C 247 -22.37 13.06 -46.16
C GLY C 247 -21.81 11.99 -47.08
N ALA C 248 -20.65 11.43 -46.74
CA ALA C 248 -20.07 10.38 -47.55
C ALA C 248 -20.77 9.05 -47.36
N ASN C 249 -21.32 8.80 -46.17
CA ASN C 249 -22.03 7.56 -45.90
C ASN C 249 -23.51 7.69 -46.23
N VAL C 250 -24.18 8.65 -45.61
CA VAL C 250 -25.59 8.92 -45.90
C VAL C 250 -25.68 9.88 -47.08
N ALA C 251 -26.52 9.55 -48.05
CA ALA C 251 -26.63 10.36 -49.26
C ALA C 251 -27.08 11.78 -48.93
N ASN C 252 -28.28 11.92 -48.36
CA ASN C 252 -28.84 13.22 -48.00
C ASN C 252 -29.33 13.17 -46.54
N PHE C 253 -28.39 13.41 -45.62
CA PHE C 253 -28.75 13.37 -44.20
C PHE C 253 -29.67 14.51 -43.81
N LEU C 254 -29.56 15.65 -44.49
CA LEU C 254 -30.37 16.81 -44.15
C LEU C 254 -31.85 16.62 -44.45
N GLU C 255 -32.21 15.57 -45.19
CA GLU C 255 -33.61 15.28 -45.53
C GLU C 255 -34.11 14.06 -44.78
N GLU C 256 -33.72 13.92 -43.51
CA GLU C 256 -34.08 12.76 -42.72
C GLU C 256 -34.36 13.19 -41.28
N SER C 257 -34.95 12.28 -40.52
CA SER C 257 -35.43 12.61 -39.19
C SER C 257 -34.29 12.98 -38.25
N LEU C 258 -34.59 13.83 -37.28
CA LEU C 258 -33.59 14.23 -36.29
C LEU C 258 -33.16 13.05 -35.42
N TRP C 259 -34.08 12.11 -35.16
CA TRP C 259 -33.74 10.98 -34.31
C TRP C 259 -32.61 10.17 -34.90
N MET C 260 -32.67 9.85 -36.19
CA MET C 260 -31.65 9.01 -36.79
C MET C 260 -30.31 9.74 -36.87
N ARG C 261 -30.34 11.05 -37.18
CA ARG C 261 -29.09 11.81 -37.21
C ARG C 261 -28.45 11.87 -35.83
N TYR C 262 -29.25 12.09 -34.79
CA TYR C 262 -28.73 12.10 -33.43
C TYR C 262 -28.16 10.74 -33.07
N VAL C 263 -28.85 9.66 -33.43
CA VAL C 263 -28.37 8.32 -33.13
C VAL C 263 -27.05 8.05 -33.84
N THR C 264 -26.94 8.46 -35.11
CA THR C 264 -25.71 8.26 -35.85
C THR C 264 -24.55 9.04 -35.24
N SER C 265 -24.80 10.30 -34.85
CA SER C 265 -23.75 11.11 -34.24
C SER C 265 -23.31 10.50 -32.91
N MET C 266 -24.25 10.05 -32.09
CA MET C 266 -23.90 9.42 -30.82
C MET C 266 -23.15 8.12 -31.04
N TYR C 267 -23.54 7.36 -32.07
CA TYR C 267 -22.84 6.12 -32.38
C TYR C 267 -21.39 6.40 -32.78
N TRP C 268 -21.17 7.44 -33.59
CA TRP C 268 -19.81 7.81 -33.94
C TRP C 268 -19.02 8.22 -32.70
N SER C 269 -19.64 9.02 -31.83
CA SER C 269 -18.94 9.49 -30.64
C SER C 269 -18.55 8.32 -29.74
N ILE C 270 -19.46 7.37 -29.54
CA ILE C 270 -19.16 6.21 -28.70
C ILE C 270 -18.09 5.34 -29.35
N THR C 271 -18.17 5.16 -30.67
CA THR C 271 -17.17 4.36 -31.36
C THR C 271 -15.78 4.98 -31.21
N THR C 272 -15.69 6.31 -31.32
CA THR C 272 -14.40 6.97 -31.14
C THR C 272 -13.92 6.87 -29.70
N LEU C 273 -14.83 7.07 -28.73
CA LEU C 273 -14.42 7.09 -27.34
C LEU C 273 -13.91 5.72 -26.86
N THR C 274 -14.63 4.66 -27.21
CA THR C 274 -14.21 3.32 -26.80
C THR C 274 -13.06 2.79 -27.65
N THR C 275 -12.50 3.62 -28.53
CA THR C 275 -11.36 3.25 -29.37
C THR C 275 -11.66 2.00 -30.20
N VAL C 276 -12.91 1.88 -30.66
CA VAL C 276 -13.26 0.81 -31.58
C VAL C 276 -12.90 1.20 -33.01
N GLY C 277 -13.44 2.32 -33.47
CA GLY C 277 -13.10 2.82 -34.79
C GLY C 277 -13.42 1.85 -35.90
N TYR C 278 -14.70 1.62 -36.15
CA TYR C 278 -15.10 0.66 -37.18
C TYR C 278 -14.58 1.08 -38.56
N GLY C 279 -14.72 2.35 -38.89
CA GLY C 279 -14.21 2.83 -40.16
C GLY C 279 -15.18 3.74 -40.89
N ASP C 280 -16.47 3.44 -40.77
CA ASP C 280 -17.48 4.35 -41.29
C ASP C 280 -17.55 5.59 -40.42
N LEU C 281 -18.00 6.69 -41.02
CA LEU C 281 -18.11 7.99 -40.35
C LEU C 281 -16.74 8.45 -39.85
N HIS C 282 -15.83 8.66 -40.80
CA HIS C 282 -14.52 9.18 -40.47
C HIS C 282 -14.34 10.58 -41.03
N PRO C 283 -13.48 11.40 -40.41
CA PRO C 283 -13.31 12.77 -40.89
C PRO C 283 -12.79 12.81 -42.32
N VAL C 284 -13.24 13.83 -43.07
CA VAL C 284 -12.88 13.97 -44.47
C VAL C 284 -12.05 15.24 -44.67
N ASN C 285 -12.63 16.39 -44.35
CA ASN C 285 -11.94 17.67 -44.52
C ASN C 285 -11.00 17.89 -43.34
N THR C 286 -10.36 19.06 -43.30
CA THR C 286 -9.37 19.35 -42.26
C THR C 286 -9.99 19.76 -40.94
N LYS C 287 -11.15 20.43 -40.96
CA LYS C 287 -11.77 20.86 -39.71
C LYS C 287 -12.16 19.68 -38.84
N GLU C 288 -12.74 18.64 -39.43
CA GLU C 288 -13.11 17.46 -38.68
C GLU C 288 -11.89 16.75 -38.13
N MET C 289 -10.81 16.68 -38.90
CA MET C 289 -9.57 16.08 -38.40
C MET C 289 -9.01 16.86 -37.23
N ILE C 290 -9.01 18.19 -37.31
CA ILE C 290 -8.49 19.02 -36.23
C ILE C 290 -9.32 18.81 -34.96
N PHE C 291 -10.64 18.80 -35.10
CA PHE C 291 -11.49 18.55 -33.93
C PHE C 291 -11.24 17.16 -33.37
N ASP C 292 -11.12 16.16 -34.24
CA ASP C 292 -11.02 14.78 -33.80
C ASP C 292 -9.69 14.51 -33.11
N ILE C 293 -8.63 15.21 -33.48
CA ILE C 293 -7.34 15.03 -32.81
C ILE C 293 -7.45 15.38 -31.33
N PHE C 294 -8.00 16.57 -31.04
CA PHE C 294 -8.18 16.98 -29.66
C PHE C 294 -9.18 16.08 -28.95
N TYR C 295 -10.22 15.65 -29.66
CA TYR C 295 -11.19 14.75 -29.05
C TYR C 295 -10.52 13.44 -28.61
N MET C 296 -9.67 12.88 -29.46
CA MET C 296 -9.00 11.63 -29.12
C MET C 296 -7.99 11.81 -28.00
N LEU C 297 -7.30 12.95 -27.97
CA LEU C 297 -6.38 13.21 -26.86
C LEU C 297 -7.13 13.27 -25.53
N PHE C 298 -8.22 14.03 -25.50
CA PHE C 298 -9.06 14.07 -24.31
C PHE C 298 -9.59 12.69 -23.96
N ASN C 299 -9.89 11.89 -24.98
CA ASN C 299 -10.41 10.54 -24.74
C ASN C 299 -9.36 9.67 -24.06
N LEU C 300 -8.11 9.76 -24.53
CA LEU C 300 -7.03 8.99 -23.90
C LEU C 300 -6.85 9.40 -22.45
N GLY C 301 -6.85 10.72 -22.20
CA GLY C 301 -6.72 11.18 -20.82
C GLY C 301 -7.85 10.68 -19.93
N LEU C 302 -9.09 10.80 -20.41
CA LEU C 302 -10.24 10.37 -19.63
C LEU C 302 -10.22 8.88 -19.39
N THR C 303 -9.84 8.09 -20.40
CA THR C 303 -9.78 6.64 -20.23
C THR C 303 -8.73 6.26 -19.19
N ALA C 304 -7.55 6.91 -19.24
CA ALA C 304 -6.53 6.61 -18.25
C ALA C 304 -7.02 6.95 -16.84
N TYR C 305 -7.65 8.12 -16.68
CA TYR C 305 -8.16 8.50 -15.36
C TYR C 305 -9.22 7.52 -14.86
N LEU C 306 -10.14 7.11 -15.75
CA LEU C 306 -11.19 6.18 -15.36
C LEU C 306 -10.62 4.84 -14.97
N ILE C 307 -9.63 4.35 -15.72
CA ILE C 307 -8.99 3.08 -15.38
C ILE C 307 -8.31 3.17 -14.02
N GLY C 308 -7.63 4.29 -13.75
CA GLY C 308 -7.01 4.47 -12.45
C GLY C 308 -8.02 4.45 -11.32
N ASN C 309 -9.14 5.16 -11.50
CA ASN C 309 -10.17 5.18 -10.47
C ASN C 309 -10.77 3.80 -10.25
N MET C 310 -11.02 3.05 -11.34
CA MET C 310 -11.55 1.71 -11.20
C MET C 310 -10.56 0.79 -10.48
N THR C 311 -9.26 0.95 -10.77
CA THR C 311 -8.26 0.16 -10.08
C THR C 311 -8.24 0.47 -8.59
N ASN C 312 -8.34 1.75 -8.24
CA ASN C 312 -8.39 2.12 -6.83
C ASN C 312 -9.62 1.53 -6.15
N LEU C 313 -10.77 1.59 -6.81
CA LEU C 313 -12.00 1.01 -6.25
C LEU C 313 -11.84 -0.48 -6.03
N VAL C 314 -11.28 -1.19 -7.00
CA VAL C 314 -11.10 -2.63 -6.86
C VAL C 314 -10.14 -2.95 -5.74
N VAL C 315 -9.03 -2.21 -5.64
CA VAL C 315 -8.03 -2.47 -4.61
C VAL C 315 -8.61 -2.26 -3.23
N HIS C 316 -9.35 -1.18 -3.03
CA HIS C 316 -9.88 -0.87 -1.71
C HIS C 316 -11.25 -1.48 -1.46
N GLY C 317 -11.80 -2.24 -2.40
CA GLY C 317 -13.09 -2.86 -2.23
C GLY C 317 -13.09 -4.34 -1.90
N THR C 318 -11.92 -4.98 -1.85
CA THR C 318 -11.85 -6.41 -1.57
C THR C 318 -10.75 -6.73 -0.55
N SER C 319 -10.41 -5.78 0.31
CA SER C 319 -9.34 -6.01 1.28
C SER C 319 -9.78 -6.95 2.40
N ARG C 320 -11.08 -7.03 2.67
CA ARG C 320 -11.56 -7.83 3.79
C ARG C 320 -11.28 -9.32 3.57
N THR C 321 -11.58 -9.82 2.37
CA THR C 321 -11.35 -11.23 2.08
C THR C 321 -9.86 -11.57 2.12
N ARG C 322 -9.02 -10.69 1.56
CA ARG C 322 -7.58 -10.94 1.58
C ARG C 322 -7.04 -10.92 3.01
N ASN C 323 -7.51 -9.99 3.83
CA ASN C 323 -7.08 -9.94 5.22
C ASN C 323 -7.50 -11.20 5.96
N PHE C 324 -8.74 -11.66 5.75
CA PHE C 324 -9.18 -12.89 6.39
C PHE C 324 -8.32 -14.08 5.95
N ARG C 325 -8.06 -14.17 4.65
CA ARG C 325 -7.27 -15.29 4.13
C ARG C 325 -5.87 -15.30 4.72
N ASP C 326 -5.21 -14.13 4.74
CA ASP C 326 -3.84 -14.12 5.22
C ASP C 326 -3.77 -14.31 6.74
N THR C 327 -4.79 -13.83 7.47
CA THR C 327 -4.82 -14.09 8.91
C THR C 327 -4.98 -15.58 9.20
N ILE C 328 -5.88 -16.24 8.48
CA ILE C 328 -6.04 -17.68 8.68
C ILE C 328 -4.78 -18.43 8.28
N GLN C 329 -4.13 -18.00 7.20
CA GLN C 329 -2.89 -18.64 6.77
C GLN C 329 -1.80 -18.49 7.83
N ALA C 330 -1.66 -17.30 8.39
CA ALA C 330 -0.66 -17.07 9.43
C ALA C 330 -0.96 -17.89 10.68
N ALA C 331 -2.24 -17.97 11.06
CA ALA C 331 -2.59 -18.78 12.23
C ALA C 331 -2.29 -20.24 12.00
N SER C 332 -2.61 -20.76 10.80
CA SER C 332 -2.30 -22.15 10.48
C SER C 332 -0.79 -22.39 10.49
N ASN C 333 -0.01 -21.45 9.96
CA ASN C 333 1.43 -21.59 9.97
C ASN C 333 1.97 -21.62 11.39
N PHE C 334 1.46 -20.75 12.26
CA PHE C 334 1.88 -20.74 13.66
C PHE C 334 1.53 -22.05 14.35
N ALA C 335 0.32 -22.56 14.10
CA ALA C 335 -0.09 -23.82 14.72
C ALA C 335 0.78 -24.97 14.24
N HIS C 336 1.13 -24.98 12.96
CA HIS C 336 1.96 -26.06 12.43
C HIS C 336 3.40 -25.96 12.91
N ARG C 337 3.90 -24.73 13.13
CA ARG C 337 5.31 -24.57 13.50
C ARG C 337 5.61 -25.22 14.84
N ASN C 338 4.71 -25.08 15.81
CA ASN C 338 4.92 -25.65 17.14
C ASN C 338 4.37 -27.06 17.26
N HIS C 339 3.80 -27.61 16.19
CA HIS C 339 3.30 -28.99 16.15
C HIS C 339 2.25 -29.22 17.24
N LEU C 340 1.24 -28.38 17.24
CA LEU C 340 0.13 -28.56 18.16
C LEU C 340 -0.73 -29.75 17.71
N PRO C 341 -1.40 -30.41 18.65
CA PRO C 341 -2.31 -31.49 18.26
C PRO C 341 -3.50 -30.93 17.51
N PRO C 342 -4.14 -31.74 16.66
CA PRO C 342 -5.32 -31.25 15.94
C PRO C 342 -6.46 -30.81 16.85
N ARG C 343 -6.53 -31.38 18.06
CA ARG C 343 -7.57 -31.02 19.02
C ARG C 343 -7.52 -29.53 19.37
N LEU C 344 -6.37 -28.89 19.22
CA LEU C 344 -6.24 -27.45 19.41
C LEU C 344 -6.33 -26.67 18.10
N GLN C 345 -5.79 -27.22 17.01
CA GLN C 345 -5.83 -26.51 15.74
C GLN C 345 -7.26 -26.32 15.25
N ASP C 346 -8.08 -27.36 15.36
CA ASP C 346 -9.47 -27.23 14.92
C ASP C 346 -10.21 -26.19 15.74
N GLN C 347 -10.00 -26.17 17.05
CA GLN C 347 -10.68 -25.21 17.91
C GLN C 347 -10.25 -23.79 17.60
N MET C 348 -8.94 -23.56 17.44
CA MET C 348 -8.49 -22.20 17.14
C MET C 348 -8.95 -21.74 15.77
N LEU C 349 -8.95 -22.65 14.78
CA LEU C 349 -9.45 -22.29 13.46
C LEU C 349 -10.94 -21.96 13.51
N ALA C 350 -11.71 -22.74 14.27
CA ALA C 350 -13.14 -22.46 14.41
C ALA C 350 -13.36 -21.10 15.06
N HIS C 351 -12.59 -20.80 16.12
CA HIS C 351 -12.73 -19.52 16.79
C HIS C 351 -12.40 -18.36 15.86
N LEU C 352 -11.32 -18.49 15.08
CA LEU C 352 -10.92 -17.41 14.19
C LEU C 352 -11.91 -17.22 13.06
N CYS C 353 -12.41 -18.32 12.49
CA CYS C 353 -13.42 -18.22 11.45
C CYS C 353 -14.70 -17.60 11.99
N LEU C 354 -15.09 -17.96 13.21
CA LEU C 354 -16.26 -17.34 13.82
C LEU C 354 -16.06 -15.86 14.03
N LYS C 355 -14.88 -15.46 14.49
CA LYS C 355 -14.64 -14.04 14.78
C LYS C 355 -14.54 -13.20 13.51
N TYR C 356 -13.99 -13.75 12.44
CA TYR C 356 -13.91 -13.04 11.17
C TYR C 356 -15.16 -13.22 10.31
N ARG C 357 -16.10 -14.07 10.72
CA ARG C 357 -17.33 -14.27 9.97
C ARG C 357 -18.47 -13.40 10.50
N THR C 358 -18.62 -13.32 11.83
CA THR C 358 -19.62 -12.45 12.43
C THR C 358 -19.23 -11.00 12.18
N ASP C 359 -19.98 -10.33 11.30
CA ASP C 359 -19.68 -8.96 10.90
C ASP C 359 -20.54 -7.99 11.70
N SER C 360 -19.92 -6.90 12.14
CA SER C 360 -20.52 -5.76 12.86
C SER C 360 -20.83 -6.09 14.32
N GLU C 361 -20.67 -7.33 14.76
CA GLU C 361 -20.89 -7.64 16.17
C GLU C 361 -19.73 -8.39 16.82
N GLY C 362 -19.07 -9.28 16.08
CA GLY C 362 -17.99 -10.06 16.65
C GLY C 362 -16.69 -9.29 16.76
N LEU C 363 -16.12 -8.89 15.63
CA LEU C 363 -14.87 -8.15 15.64
C LEU C 363 -15.08 -6.66 15.85
N GLN C 364 -16.28 -6.15 15.61
CA GLN C 364 -16.52 -4.72 15.76
C GLN C 364 -16.36 -4.28 17.22
N GLN C 365 -16.89 -5.07 18.16
CA GLN C 365 -16.81 -4.69 19.57
C GLN C 365 -15.37 -4.62 20.04
N GLN C 366 -14.54 -5.59 19.66
CA GLN C 366 -13.14 -5.57 20.04
C GLN C 366 -12.40 -4.42 19.36
N GLU C 367 -12.60 -4.29 18.04
CA GLU C 367 -11.91 -3.24 17.28
C GLU C 367 -12.34 -1.85 17.71
N THR C 368 -13.47 -1.71 18.41
CA THR C 368 -13.86 -0.43 18.97
C THR C 368 -13.32 -0.24 20.38
N LEU C 369 -13.66 -1.16 21.30
CA LEU C 369 -13.30 -0.99 22.70
C LEU C 369 -11.80 -1.05 22.94
N ASP C 370 -11.03 -1.66 22.03
CA ASP C 370 -9.59 -1.71 22.23
C ASP C 370 -8.96 -0.33 22.15
N ALA C 371 -9.51 0.55 21.31
CA ALA C 371 -8.97 1.89 21.10
C ALA C 371 -9.47 2.90 22.13
N LEU C 372 -10.00 2.45 23.25
CA LEU C 372 -10.45 3.38 24.28
C LEU C 372 -9.49 3.37 25.47
N PRO C 373 -9.30 4.50 26.14
CA PRO C 373 -8.24 4.58 27.15
C PRO C 373 -8.66 4.07 28.52
N LYS C 374 -9.31 2.91 28.58
CA LYS C 374 -9.58 2.21 29.83
C LYS C 374 -10.52 2.98 30.74
N ALA C 375 -10.93 4.17 30.32
CA ALA C 375 -11.83 5.01 31.10
C ALA C 375 -13.18 5.20 30.44
N ILE C 376 -13.19 5.60 29.17
CA ILE C 376 -14.46 5.72 28.44
C ILE C 376 -15.07 4.34 28.22
N ARG C 377 -14.24 3.36 27.86
CA ARG C 377 -14.74 2.00 27.69
C ARG C 377 -15.23 1.42 29.01
N SER C 378 -14.67 1.88 30.14
CA SER C 378 -15.21 1.47 31.43
C SER C 378 -16.65 1.93 31.58
N SER C 379 -16.94 3.17 31.20
CA SER C 379 -18.31 3.66 31.24
C SER C 379 -19.19 2.94 30.22
N ILE C 380 -18.63 2.59 29.07
CA ILE C 380 -19.38 1.86 28.05
C ILE C 380 -19.81 0.51 28.60
N SER C 381 -18.88 -0.22 29.24
CA SER C 381 -19.22 -1.51 29.82
C SER C 381 -20.14 -1.37 31.01
N HIS C 382 -20.00 -0.28 31.77
CA HIS C 382 -20.91 -0.02 32.89
C HIS C 382 -22.34 0.17 32.40
N PHE C 383 -22.52 0.90 31.29
CA PHE C 383 -23.85 1.12 30.75
C PHE C 383 -24.39 -0.12 30.06
N LEU C 384 -23.53 -0.87 29.38
CA LEU C 384 -23.94 -2.03 28.59
C LEU C 384 -24.10 -3.30 29.42
N PHE C 385 -23.58 -3.33 30.65
CA PHE C 385 -23.59 -4.55 31.45
C PHE C 385 -23.98 -4.23 32.89
N TYR C 386 -25.02 -3.43 33.09
CA TYR C 386 -25.52 -3.14 34.42
C TYR C 386 -26.85 -3.82 34.71
N SER C 387 -27.80 -3.76 33.78
CA SER C 387 -29.08 -4.42 34.00
C SER C 387 -28.91 -5.92 34.14
N LEU C 388 -28.10 -6.53 33.27
CA LEU C 388 -27.84 -7.96 33.38
C LEU C 388 -27.05 -8.28 34.64
N MET C 389 -26.08 -7.43 34.99
CA MET C 389 -25.25 -7.70 36.15
C MET C 389 -26.07 -7.66 37.43
N ASP C 390 -27.00 -6.72 37.55
CA ASP C 390 -27.79 -6.60 38.77
C ASP C 390 -28.74 -7.77 38.97
N LYS C 391 -28.97 -8.59 37.95
CA LYS C 391 -29.91 -9.71 38.07
C LYS C 391 -29.30 -10.94 38.71
N VAL C 392 -27.97 -11.01 38.83
CA VAL C 392 -27.34 -12.20 39.38
C VAL C 392 -27.61 -12.28 40.87
N TYR C 393 -27.73 -13.50 41.38
CA TYR C 393 -28.01 -13.71 42.80
C TYR C 393 -26.81 -13.39 43.67
N LEU C 394 -25.60 -13.48 43.13
CA LEU C 394 -24.41 -13.22 43.94
C LEU C 394 -24.32 -11.76 44.36
N PHE C 395 -24.77 -10.85 43.51
CA PHE C 395 -24.69 -9.41 43.76
C PHE C 395 -26.11 -8.88 43.94
N ARG C 396 -26.56 -8.77 45.18
CA ARG C 396 -27.87 -8.23 45.49
C ARG C 396 -27.80 -6.92 46.25
N GLY C 397 -27.13 -6.89 47.40
CA GLY C 397 -27.01 -5.68 48.17
C GLY C 397 -25.55 -5.34 48.45
N VAL C 398 -24.70 -5.56 47.46
CA VAL C 398 -23.26 -5.45 47.68
C VAL C 398 -22.83 -3.98 47.74
N SER C 399 -23.10 -3.21 46.69
CA SER C 399 -22.68 -1.80 46.61
C SER C 399 -23.19 -1.25 45.29
N ASN C 400 -22.98 0.06 45.10
CA ASN C 400 -23.30 0.73 43.85
C ASN C 400 -22.05 1.23 43.13
N ASP C 401 -20.87 0.96 43.67
CA ASP C 401 -19.61 1.33 43.01
C ASP C 401 -18.74 0.11 42.83
N LEU C 402 -18.86 -0.85 43.75
CA LEU C 402 -18.15 -2.11 43.59
C LEU C 402 -18.63 -2.85 42.35
N LEU C 403 -19.94 -2.78 42.06
CA LEU C 403 -20.45 -3.33 40.82
C LEU C 403 -19.86 -2.60 39.61
N PHE C 404 -19.67 -1.29 39.72
CA PHE C 404 -19.03 -0.55 38.64
C PHE C 404 -17.62 -1.05 38.39
N GLN C 405 -16.84 -1.23 39.47
CA GLN C 405 -15.49 -1.76 39.31
C GLN C 405 -15.52 -3.15 38.70
N LEU C 406 -16.41 -4.01 39.17
CA LEU C 406 -16.50 -5.37 38.67
C LEU C 406 -16.81 -5.39 37.19
N VAL C 407 -17.84 -4.65 36.77
CA VAL C 407 -18.23 -4.65 35.36
C VAL C 407 -17.14 -4.01 34.51
N SER C 408 -16.42 -3.02 35.04
CA SER C 408 -15.28 -2.47 34.32
C SER C 408 -14.11 -3.44 34.26
N GLU C 409 -14.11 -4.48 35.09
CA GLU C 409 -13.03 -5.47 35.13
C GLU C 409 -13.46 -6.82 34.57
N MET C 410 -14.30 -6.82 33.53
CA MET C 410 -14.69 -8.05 32.84
C MET C 410 -14.15 -8.06 31.43
N LYS C 411 -13.85 -9.27 30.94
CA LYS C 411 -13.41 -9.48 29.57
C LYS C 411 -14.51 -10.19 28.80
N ALA C 412 -14.87 -9.64 27.64
CA ALA C 412 -15.91 -10.21 26.81
C ALA C 412 -15.33 -11.30 25.92
N GLU C 413 -16.01 -12.44 25.88
CA GLU C 413 -15.55 -13.57 25.08
C GLU C 413 -16.73 -14.20 24.35
N TYR C 414 -16.42 -14.86 23.23
CA TYR C 414 -17.41 -15.55 22.43
C TYR C 414 -16.98 -17.00 22.24
N PHE C 415 -17.96 -17.90 22.18
CA PHE C 415 -17.68 -19.32 22.04
C PHE C 415 -18.58 -19.92 20.97
N PRO C 416 -18.02 -20.69 20.02
CA PRO C 416 -18.86 -21.39 19.06
C PRO C 416 -19.66 -22.48 19.76
N PRO C 417 -20.79 -22.88 19.19
CA PRO C 417 -21.61 -23.92 19.82
C PRO C 417 -20.90 -25.26 19.85
N LYS C 418 -21.47 -26.18 20.64
CA LYS C 418 -20.94 -27.53 20.81
C LYS C 418 -19.53 -27.53 21.38
N GLU C 419 -19.22 -26.56 22.24
CA GLU C 419 -17.93 -26.48 22.91
C GLU C 419 -18.14 -26.30 24.41
N ASP C 420 -17.13 -26.69 25.17
CA ASP C 420 -17.15 -26.63 26.63
C ASP C 420 -16.25 -25.52 27.11
N VAL C 421 -16.79 -24.65 27.98
CA VAL C 421 -16.00 -23.55 28.54
C VAL C 421 -15.37 -23.91 29.87
N ILE C 422 -15.93 -24.88 30.60
CA ILE C 422 -15.41 -25.29 31.89
C ILE C 422 -15.36 -26.82 31.92
N LEU C 423 -14.22 -27.37 32.30
CA LEU C 423 -14.06 -28.81 32.42
C LEU C 423 -14.29 -29.24 33.86
N GLN C 424 -14.91 -30.41 34.02
CA GLN C 424 -15.18 -30.94 35.35
C GLN C 424 -13.87 -31.31 36.04
N ASN C 425 -13.80 -31.01 37.33
CA ASN C 425 -12.63 -31.31 38.15
C ASN C 425 -11.37 -30.63 37.64
N GLU C 426 -11.50 -29.43 37.07
CA GLU C 426 -10.35 -28.68 36.63
C GLU C 426 -9.89 -27.74 37.74
N ALA C 427 -8.78 -27.06 37.52
CA ALA C 427 -8.30 -26.08 38.48
C ALA C 427 -9.18 -24.84 38.43
N PRO C 428 -9.80 -24.44 39.55
CA PRO C 428 -10.67 -23.26 39.52
C PRO C 428 -9.86 -21.98 39.36
N THR C 429 -10.04 -21.33 38.20
CA THR C 429 -9.34 -20.09 37.91
C THR C 429 -10.24 -18.96 37.42
N ASP C 430 -11.38 -19.27 36.78
CA ASP C 430 -12.28 -18.25 36.27
C ASP C 430 -13.72 -18.68 36.47
N PHE C 431 -14.60 -17.71 36.63
CA PHE C 431 -16.05 -17.94 36.64
C PHE C 431 -16.69 -16.98 35.66
N TYR C 432 -17.65 -17.49 34.89
CA TYR C 432 -18.22 -16.76 33.77
C TYR C 432 -19.62 -16.29 34.09
N ILE C 433 -20.03 -15.24 33.38
CA ILE C 433 -21.40 -14.72 33.41
C ILE C 433 -21.93 -14.77 32.00
N LEU C 434 -23.04 -15.48 31.80
CA LEU C 434 -23.60 -15.65 30.47
C LEU C 434 -24.43 -14.43 30.08
N VAL C 435 -24.23 -13.97 28.84
CA VAL C 435 -24.92 -12.80 28.31
C VAL C 435 -25.95 -13.19 27.26
N ASN C 436 -25.56 -14.03 26.30
CA ASN C 436 -26.46 -14.51 25.26
C ASN C 436 -26.27 -16.01 25.09
N GLY C 437 -27.32 -16.65 24.60
CA GLY C 437 -27.25 -18.08 24.34
C GLY C 437 -27.55 -18.92 25.56
N THR C 438 -27.43 -20.23 25.37
CA THR C 438 -27.71 -21.21 26.41
C THR C 438 -26.56 -22.22 26.48
N ALA C 439 -26.36 -22.78 27.66
CA ALA C 439 -25.35 -23.80 27.87
C ALA C 439 -25.94 -24.91 28.74
N ASP C 440 -25.39 -26.11 28.60
CA ASP C 440 -25.86 -27.29 29.32
C ASP C 440 -24.80 -27.72 30.32
N LEU C 441 -25.20 -27.82 31.58
CA LEU C 441 -24.30 -28.27 32.63
C LEU C 441 -24.15 -29.79 32.56
N VAL C 442 -23.13 -30.26 31.85
CA VAL C 442 -22.94 -31.68 31.61
C VAL C 442 -22.18 -32.29 32.78
N ASP C 443 -22.75 -33.35 33.35
CA ASP C 443 -22.10 -34.13 34.39
C ASP C 443 -21.97 -35.57 33.93
N VAL C 444 -20.81 -36.17 34.21
CA VAL C 444 -20.52 -37.55 33.81
C VAL C 444 -20.25 -38.36 35.07
N ASP C 445 -20.93 -39.50 35.19
CA ASP C 445 -20.66 -40.45 36.26
C ASP C 445 -19.71 -41.55 35.80
N THR C 446 -20.10 -42.29 34.77
CA THR C 446 -19.21 -43.27 34.14
C THR C 446 -19.64 -43.37 32.67
N GLY C 447 -18.99 -42.56 31.83
CA GLY C 447 -19.28 -42.56 30.40
C GLY C 447 -20.68 -42.14 30.04
N THR C 448 -21.41 -41.49 30.95
CA THR C 448 -22.77 -41.04 30.71
C THR C 448 -22.82 -39.52 30.85
N GLU C 449 -23.04 -38.83 29.72
CA GLU C 449 -23.13 -37.37 29.71
C GLU C 449 -24.55 -36.92 30.02
N SER C 450 -24.97 -37.18 31.27
CA SER C 450 -26.32 -36.84 31.71
C SER C 450 -26.42 -35.33 31.90
N ILE C 451 -27.45 -34.73 31.30
CA ILE C 451 -27.66 -33.30 31.44
C ILE C 451 -28.27 -33.01 32.80
N VAL C 452 -27.61 -32.14 33.57
CA VAL C 452 -28.16 -31.78 34.88
C VAL C 452 -29.26 -30.74 34.73
N ARG C 453 -28.91 -29.57 34.18
CA ARG C 453 -29.89 -28.51 33.96
C ARG C 453 -29.32 -27.53 32.95
N GLU C 454 -30.20 -26.71 32.39
CA GLU C 454 -29.83 -25.71 31.41
C GLU C 454 -29.71 -24.34 32.07
N VAL C 455 -28.67 -23.61 31.68
CA VAL C 455 -28.44 -22.26 32.16
C VAL C 455 -28.76 -21.27 31.04
N LYS C 456 -29.51 -20.23 31.37
CA LYS C 456 -29.98 -19.27 30.39
C LYS C 456 -29.14 -17.99 30.49
N ALA C 457 -29.54 -16.98 29.72
CA ALA C 457 -28.83 -15.71 29.71
C ALA C 457 -29.00 -14.99 31.05
N GLY C 458 -28.04 -14.12 31.35
CA GLY C 458 -28.07 -13.37 32.59
C GLY C 458 -27.91 -14.23 33.82
N ASP C 459 -27.11 -15.28 33.75
CA ASP C 459 -26.88 -16.18 34.87
C ASP C 459 -25.39 -16.47 35.00
N ILE C 460 -24.96 -16.79 36.22
CA ILE C 460 -23.56 -17.01 36.53
C ILE C 460 -23.27 -18.50 36.50
N ILE C 461 -22.09 -18.86 36.04
CA ILE C 461 -21.66 -20.26 35.96
C ILE C 461 -20.24 -20.39 36.48
N GLY C 462 -19.95 -21.54 37.08
CA GLY C 462 -18.61 -21.81 37.55
C GLY C 462 -18.13 -20.96 38.70
N GLU C 463 -19.05 -20.32 39.42
CA GLU C 463 -18.68 -19.47 40.55
C GLU C 463 -18.48 -20.24 41.85
N ILE C 464 -19.10 -21.41 41.98
CA ILE C 464 -18.97 -22.19 43.21
C ILE C 464 -17.60 -22.84 43.35
N GLY C 465 -16.85 -22.97 42.26
CA GLY C 465 -15.54 -23.57 42.33
C GLY C 465 -14.44 -22.58 42.68
N VAL C 466 -14.63 -21.31 42.33
CA VAL C 466 -13.61 -20.30 42.58
C VAL C 466 -13.81 -19.65 43.95
N LEU C 467 -15.04 -19.32 44.32
CA LEU C 467 -15.31 -18.75 45.64
C LEU C 467 -15.03 -19.80 46.70
N CYS C 468 -15.75 -20.91 46.65
CA CYS C 468 -15.46 -22.08 47.47
C CYS C 468 -14.42 -22.90 46.73
N TYR C 469 -13.16 -22.78 47.15
CA TYR C 469 -12.06 -23.41 46.44
C TYR C 469 -12.25 -24.92 46.37
N ARG C 470 -12.48 -25.42 45.17
CA ARG C 470 -12.83 -26.81 44.92
C ARG C 470 -12.73 -27.08 43.42
N PRO C 471 -12.37 -28.29 43.01
CA PRO C 471 -12.43 -28.62 41.58
C PRO C 471 -13.85 -28.44 41.04
N GLN C 472 -13.93 -28.02 39.79
CA GLN C 472 -15.22 -27.63 39.21
C GLN C 472 -16.20 -28.79 39.23
N LEU C 473 -17.47 -28.46 39.49
CA LEU C 473 -18.49 -29.48 39.69
C LEU C 473 -18.99 -30.05 38.37
N PHE C 474 -19.53 -29.20 37.49
CA PHE C 474 -20.16 -29.64 36.27
C PHE C 474 -19.47 -29.03 35.06
N THR C 475 -19.38 -29.81 33.98
CA THR C 475 -18.83 -29.33 32.73
C THR C 475 -19.88 -28.50 32.00
N VAL C 476 -19.54 -27.27 31.66
CA VAL C 476 -20.46 -26.34 31.02
C VAL C 476 -20.20 -26.41 29.52
N ARG C 477 -21.08 -27.09 28.80
CA ARG C 477 -20.98 -27.21 27.35
C ARG C 477 -22.02 -26.30 26.71
N THR C 478 -21.57 -25.51 25.73
CA THR C 478 -22.43 -24.54 25.09
C THR C 478 -23.38 -25.20 24.09
N LYS C 479 -24.57 -24.60 23.93
CA LYS C 479 -25.55 -25.08 22.97
C LYS C 479 -25.62 -24.20 21.73
N ARG C 480 -25.88 -22.91 21.89
CA ARG C 480 -25.92 -21.98 20.77
C ARG C 480 -24.62 -21.19 20.71
N LEU C 481 -24.59 -20.15 19.89
CA LEU C 481 -23.49 -19.18 19.90
C LEU C 481 -23.68 -18.24 21.07
N CYS C 482 -22.74 -18.25 22.02
CA CYS C 482 -22.88 -17.50 23.26
C CYS C 482 -21.82 -16.41 23.36
N GLN C 483 -22.16 -15.36 24.10
CA GLN C 483 -21.21 -14.34 24.51
C GLN C 483 -21.09 -14.36 26.02
N LEU C 484 -19.86 -14.47 26.53
CA LEU C 484 -19.62 -14.65 27.94
C LEU C 484 -18.76 -13.50 28.49
N LEU C 485 -18.94 -13.24 29.78
CA LEU C 485 -18.11 -12.30 30.53
C LEU C 485 -17.28 -13.10 31.53
N ARG C 486 -15.96 -12.95 31.45
CA ARG C 486 -15.04 -13.71 32.27
C ARG C 486 -14.45 -12.82 33.36
N MET C 487 -14.45 -13.33 34.59
CA MET C 487 -13.86 -12.65 35.73
C MET C 487 -12.77 -13.53 36.32
N ASN C 488 -11.58 -12.99 36.47
CA ASN C 488 -10.45 -13.75 36.99
C ASN C 488 -10.57 -13.92 38.49
N ARG C 489 -10.20 -15.11 38.97
CA ARG C 489 -10.27 -15.38 40.41
C ARG C 489 -9.32 -14.48 41.18
N THR C 490 -8.09 -14.30 40.69
CA THR C 490 -7.12 -13.47 41.38
C THR C 490 -7.58 -12.01 41.43
N THR C 491 -8.05 -11.49 40.29
CA THR C 491 -8.51 -10.10 40.26
C THR C 491 -9.72 -9.90 41.16
N PHE C 492 -10.66 -10.84 41.13
CA PHE C 492 -11.85 -10.72 41.98
C PHE C 492 -11.47 -10.79 43.45
N LEU C 493 -10.55 -11.67 43.81
CA LEU C 493 -10.11 -11.77 45.19
C LEU C 493 -9.40 -10.49 45.64
N ASN C 494 -8.57 -9.91 44.77
CA ASN C 494 -7.91 -8.65 45.11
C ASN C 494 -8.93 -7.53 45.28
N ILE C 495 -9.95 -7.49 44.42
CA ILE C 495 -10.98 -6.46 44.53
C ILE C 495 -11.76 -6.64 45.83
N ILE C 496 -12.12 -7.87 46.17
CA ILE C 496 -12.87 -8.13 47.39
C ILE C 496 -12.04 -7.79 48.62
N GLN C 497 -10.76 -8.16 48.60
CA GLN C 497 -9.89 -7.86 49.75
C GLN C 497 -9.76 -6.35 49.96
N ALA C 498 -9.86 -5.56 48.89
CA ALA C 498 -9.79 -4.11 49.04
C ALA C 498 -11.03 -3.54 49.71
N ASN C 499 -12.18 -4.21 49.57
CA ASN C 499 -13.44 -3.77 50.18
C ASN C 499 -13.98 -4.93 51.02
N VAL C 500 -13.53 -4.99 52.27
CA VAL C 500 -13.90 -6.11 53.15
C VAL C 500 -15.38 -6.08 53.51
N GLY C 501 -15.95 -4.89 53.71
CA GLY C 501 -17.35 -4.78 54.12
C GLY C 501 -18.33 -5.41 53.16
N ASP C 502 -17.97 -5.54 51.89
CA ASP C 502 -18.82 -6.21 50.92
C ASP C 502 -18.52 -7.70 50.78
N GLY C 503 -17.36 -8.15 51.28
CA GLY C 503 -17.08 -9.57 51.29
C GLY C 503 -18.06 -10.36 52.13
N THR C 504 -18.49 -9.80 53.26
CA THR C 504 -19.51 -10.46 54.08
C THR C 504 -20.83 -10.59 53.32
N ILE C 505 -21.21 -9.53 52.60
CA ILE C 505 -22.43 -9.59 51.79
C ILE C 505 -22.32 -10.66 50.73
N ILE C 506 -21.18 -10.72 50.04
CA ILE C 506 -20.99 -11.73 48.99
C ILE C 506 -21.05 -13.13 49.60
N MET C 507 -20.39 -13.33 50.73
CA MET C 507 -20.36 -14.65 51.36
C MET C 507 -21.74 -15.09 51.82
N ASN C 508 -22.51 -14.21 52.46
CA ASN C 508 -23.84 -14.63 52.92
C ASN C 508 -24.80 -14.81 51.75
N ASN C 509 -24.63 -14.02 50.69
CA ASN C 509 -25.44 -14.24 49.49
C ASN C 509 -25.14 -15.60 48.87
N LEU C 510 -23.85 -15.98 48.85
CA LEU C 510 -23.50 -17.31 48.38
C LEU C 510 -24.08 -18.40 49.29
N LEU C 511 -24.00 -18.20 50.61
CA LEU C 511 -24.45 -19.22 51.54
C LEU C 511 -25.95 -19.44 51.47
N GLN C 512 -26.73 -18.35 51.36
CA GLN C 512 -28.18 -18.51 51.32
C GLN C 512 -28.62 -19.20 50.03
N HIS C 513 -27.89 -18.98 48.93
CA HIS C 513 -28.24 -19.63 47.68
C HIS C 513 -27.98 -21.13 47.72
N LEU C 514 -27.05 -21.57 48.57
CA LEU C 514 -26.71 -22.98 48.64
C LEU C 514 -27.79 -23.77 49.36
N LYS C 515 -28.95 -23.95 48.71
CA LYS C 515 -30.07 -24.61 49.34
C LYS C 515 -30.80 -25.57 48.40
N GLU C 516 -30.22 -25.95 47.27
CA GLU C 516 -30.88 -26.84 46.33
C GLU C 516 -30.76 -28.29 46.84
N MET C 517 -31.21 -29.25 46.04
CA MET C 517 -31.40 -30.62 46.49
C MET C 517 -30.08 -31.38 46.45
N ASN C 518 -29.45 -31.51 47.62
CA ASN C 518 -28.39 -32.48 47.88
C ASN C 518 -27.10 -32.21 47.11
N ASP C 519 -27.09 -31.18 46.26
CA ASP C 519 -25.86 -30.88 45.53
C ASP C 519 -24.86 -30.12 46.40
N PRO C 520 -25.19 -28.98 47.01
CA PRO C 520 -24.21 -28.28 47.85
C PRO C 520 -24.34 -28.53 49.35
N VAL C 521 -25.19 -29.46 49.77
CA VAL C 521 -25.48 -29.62 51.20
C VAL C 521 -24.21 -29.97 51.97
N MET C 522 -23.41 -30.92 51.45
CA MET C 522 -22.17 -31.26 52.11
C MET C 522 -21.17 -30.11 52.03
N THR C 523 -21.24 -29.31 50.96
CA THR C 523 -20.34 -28.17 50.84
C THR C 523 -20.57 -27.16 51.96
N ASN C 524 -21.84 -26.89 52.29
CA ASN C 524 -22.14 -26.00 53.41
C ASN C 524 -21.63 -26.57 54.72
N VAL C 525 -21.79 -27.87 54.92
CA VAL C 525 -21.32 -28.49 56.16
C VAL C 525 -19.80 -28.53 56.20
N LEU C 526 -19.16 -28.88 55.08
CA LEU C 526 -17.71 -28.99 55.05
C LEU C 526 -17.05 -27.64 55.32
N LEU C 527 -17.57 -26.56 54.72
CA LEU C 527 -17.04 -25.24 55.00
C LEU C 527 -17.30 -24.83 56.44
N GLU C 528 -18.46 -25.20 56.99
CA GLU C 528 -18.77 -24.89 58.37
C GLU C 528 -17.85 -25.61 59.35
N ILE C 529 -17.22 -26.71 58.92
CA ILE C 529 -16.23 -27.37 59.77
C ILE C 529 -15.06 -26.42 60.02
N GLU C 530 -14.57 -25.77 58.97
CA GLU C 530 -13.48 -24.82 59.08
C GLU C 530 -13.94 -23.42 59.43
N ASN C 531 -15.25 -23.17 59.42
CA ASN C 531 -15.78 -21.86 59.80
C ASN C 531 -16.02 -21.74 61.30
N MET C 532 -15.76 -22.81 62.07
CA MET C 532 -15.92 -22.80 63.51
C MET C 532 -17.36 -22.45 63.92
N LEU D 28 24.94 -15.36 3.92
CA LEU D 28 24.55 -15.56 2.53
C LEU D 28 23.49 -16.67 2.43
N LEU D 29 23.80 -17.82 3.02
CA LEU D 29 22.87 -18.94 2.99
C LEU D 29 21.57 -18.59 3.73
N CYS D 30 21.69 -17.95 4.89
CA CYS D 30 20.50 -17.56 5.64
C CYS D 30 19.66 -16.55 4.88
N GLY D 31 20.32 -15.58 4.23
CA GLY D 31 19.60 -14.56 3.47
C GLY D 31 18.82 -15.19 2.33
N GLN D 32 19.42 -16.18 1.65
CA GLN D 32 18.71 -16.88 0.58
C GLN D 32 17.48 -17.60 1.12
N VAL D 33 17.61 -18.24 2.29
CA VAL D 33 16.48 -18.95 2.88
C VAL D 33 15.35 -17.99 3.23
N GLN D 34 15.69 -16.81 3.78
CA GLN D 34 14.67 -15.83 4.12
C GLN D 34 13.92 -15.34 2.89
N ASP D 35 14.64 -15.12 1.79
CA ASP D 35 13.99 -14.68 0.56
C ASP D 35 13.03 -15.76 0.04
N GLU D 36 13.44 -17.02 0.11
CA GLU D 36 12.60 -18.13 -0.33
C GLU D 36 11.45 -18.36 0.64
N PHE D 70 -36.12 -38.10 6.86
CA PHE D 70 -34.79 -38.57 6.49
C PHE D 70 -33.97 -37.43 5.88
N VAL D 71 -33.76 -36.37 6.66
CA VAL D 71 -33.01 -35.23 6.16
C VAL D 71 -31.53 -35.58 6.06
N VAL D 72 -30.79 -34.74 5.34
CA VAL D 72 -29.36 -34.90 5.17
C VAL D 72 -28.67 -33.58 5.48
N SER D 73 -27.43 -33.67 5.94
CA SER D 73 -26.66 -32.49 6.27
C SER D 73 -26.22 -31.75 5.00
N PRO D 74 -26.09 -30.43 5.07
CA PRO D 74 -25.61 -29.68 3.89
C PRO D 74 -24.11 -29.79 3.70
N TYR D 75 -23.46 -30.67 4.47
CA TYR D 75 -22.02 -30.86 4.37
C TYR D 75 -21.63 -32.29 4.05
N ASP D 76 -22.59 -33.16 3.76
CA ASP D 76 -22.28 -34.54 3.44
C ASP D 76 -21.50 -34.62 2.13
N HIS D 77 -20.56 -35.57 2.07
CA HIS D 77 -19.75 -35.73 0.87
C HIS D 77 -20.61 -36.12 -0.33
N LYS D 78 -21.58 -37.01 -0.13
CA LYS D 78 -22.47 -37.41 -1.21
C LYS D 78 -23.38 -36.28 -1.67
N TYR D 79 -23.58 -35.25 -0.85
CA TYR D 79 -24.36 -34.10 -1.28
C TYR D 79 -23.50 -33.03 -1.92
N ARG D 80 -22.28 -32.83 -1.41
CA ARG D 80 -21.37 -31.86 -2.02
C ARG D 80 -20.89 -32.34 -3.39
N ILE D 81 -20.72 -33.65 -3.56
CA ILE D 81 -20.31 -34.17 -4.86
C ILE D 81 -21.44 -34.11 -5.88
N TRP D 82 -22.68 -33.95 -5.44
CA TRP D 82 -23.81 -33.83 -6.36
C TRP D 82 -24.16 -32.38 -6.64
N GLU D 83 -24.05 -31.50 -5.64
CA GLU D 83 -24.32 -30.10 -5.86
C GLU D 83 -23.33 -29.51 -6.85
N ALA D 84 -22.04 -29.88 -6.74
CA ALA D 84 -21.05 -29.42 -7.70
C ALA D 84 -21.30 -29.97 -9.09
N PHE D 85 -22.00 -31.10 -9.22
CA PHE D 85 -22.35 -31.61 -10.53
C PHE D 85 -23.33 -30.69 -11.25
N LEU D 86 -24.21 -30.04 -10.49
CA LEU D 86 -25.17 -29.12 -11.10
C LEU D 86 -24.51 -27.89 -11.69
N VAL D 87 -23.26 -27.60 -11.35
CA VAL D 87 -22.56 -26.49 -11.96
C VAL D 87 -22.34 -26.73 -13.44
N VAL D 88 -22.09 -27.99 -13.82
CA VAL D 88 -21.95 -28.33 -15.24
C VAL D 88 -23.24 -28.02 -15.99
N LEU D 89 -24.38 -28.41 -15.40
CA LEU D 89 -25.66 -28.12 -16.03
C LEU D 89 -25.95 -26.62 -16.06
N VAL D 90 -25.52 -25.89 -15.04
CA VAL D 90 -25.69 -24.44 -15.03
C VAL D 90 -24.90 -23.82 -16.17
N VAL D 91 -23.66 -24.28 -16.38
CA VAL D 91 -22.86 -23.79 -17.50
C VAL D 91 -23.54 -24.13 -18.83
N TYR D 92 -24.04 -25.35 -18.95
CA TYR D 92 -24.70 -25.77 -20.18
C TYR D 92 -25.90 -24.89 -20.49
N THR D 93 -26.76 -24.65 -19.49
CA THR D 93 -27.95 -23.84 -19.74
C THR D 93 -27.59 -22.38 -19.95
N ALA D 94 -26.54 -21.89 -19.29
CA ALA D 94 -26.09 -20.51 -19.52
C ALA D 94 -25.58 -20.33 -20.94
N TRP D 95 -25.00 -21.37 -21.52
CA TRP D 95 -24.64 -21.28 -22.94
C TRP D 95 -25.85 -21.42 -23.85
N VAL D 96 -26.76 -22.33 -23.52
CA VAL D 96 -27.83 -22.68 -24.45
C VAL D 96 -28.89 -21.59 -24.52
N SER D 97 -29.32 -21.09 -23.37
CA SER D 97 -30.48 -20.18 -23.34
C SER D 97 -30.33 -18.95 -24.23
N PRO D 98 -29.19 -18.24 -24.27
CA PRO D 98 -29.10 -17.13 -25.23
C PRO D 98 -29.03 -17.61 -26.67
N PHE D 99 -28.35 -18.73 -26.93
CA PHE D 99 -28.30 -19.27 -28.27
C PHE D 99 -29.68 -19.67 -28.76
N GLU D 100 -30.45 -20.33 -27.90
CA GLU D 100 -31.82 -20.70 -28.26
C GLU D 100 -32.72 -19.48 -28.38
N PHE D 101 -32.45 -18.44 -27.60
CA PHE D 101 -33.25 -17.22 -27.66
C PHE D 101 -32.99 -16.44 -28.93
N GLY D 102 -31.77 -16.46 -29.44
CA GLY D 102 -31.43 -15.67 -30.60
C GLY D 102 -31.53 -16.40 -31.93
N PHE D 103 -30.98 -17.61 -31.99
CA PHE D 103 -30.86 -18.32 -33.26
C PHE D 103 -32.02 -19.27 -33.56
N LEU D 104 -32.84 -19.61 -32.57
CA LEU D 104 -33.91 -20.58 -32.75
C LEU D 104 -35.25 -19.97 -32.39
N ARG D 105 -36.27 -20.29 -33.18
CA ARG D 105 -37.63 -19.87 -32.91
C ARG D 105 -38.56 -21.01 -32.54
N LYS D 106 -38.19 -22.25 -32.85
CA LYS D 106 -38.97 -23.42 -32.48
C LYS D 106 -38.05 -24.48 -31.89
N PRO D 107 -38.56 -25.29 -30.96
CA PRO D 107 -37.71 -26.29 -30.30
C PRO D 107 -37.29 -27.39 -31.29
N ARG D 108 -35.99 -27.45 -31.56
CA ARG D 108 -35.42 -28.51 -32.38
C ARG D 108 -35.17 -29.75 -31.54
N PRO D 109 -35.22 -30.93 -32.13
CA PRO D 109 -35.06 -32.17 -31.36
C PRO D 109 -33.75 -32.23 -30.59
N PRO D 110 -32.58 -32.06 -31.23
CA PRO D 110 -31.33 -32.31 -30.50
C PRO D 110 -31.11 -31.37 -29.33
N LEU D 111 -31.76 -30.20 -29.32
CA LEU D 111 -31.70 -29.31 -28.17
C LEU D 111 -32.86 -29.48 -27.22
N SER D 112 -34.06 -29.76 -27.74
CA SER D 112 -35.22 -29.92 -26.85
C SER D 112 -35.07 -31.14 -25.97
N ILE D 113 -34.49 -32.22 -26.49
CA ILE D 113 -34.32 -33.43 -25.68
C ILE D 113 -33.41 -33.15 -24.50
N THR D 114 -32.26 -32.50 -24.76
CA THR D 114 -31.33 -32.19 -23.68
C THR D 114 -31.92 -31.16 -22.73
N ASP D 115 -32.70 -30.21 -23.24
CA ASP D 115 -33.37 -29.25 -22.36
C ASP D 115 -34.35 -29.95 -21.43
N ASN D 116 -35.10 -30.91 -21.95
CA ASN D 116 -36.01 -31.68 -21.10
C ASN D 116 -35.25 -32.48 -20.06
N ILE D 117 -34.11 -33.07 -20.44
CA ILE D 117 -33.31 -33.82 -19.48
C ILE D 117 -32.81 -32.91 -18.36
N VAL D 118 -32.32 -31.72 -18.73
CA VAL D 118 -31.81 -30.80 -17.72
C VAL D 118 -32.94 -30.27 -16.83
N ASN D 119 -34.11 -30.04 -17.42
CA ASN D 119 -35.26 -29.62 -16.62
C ASN D 119 -35.67 -30.70 -15.64
N ALA D 120 -35.63 -31.96 -16.05
CA ALA D 120 -35.92 -33.06 -15.14
C ALA D 120 -34.90 -33.11 -14.01
N PHE D 121 -33.62 -32.90 -14.33
CA PHE D 121 -32.59 -32.90 -13.29
C PHE D 121 -32.83 -31.77 -12.29
N PHE D 122 -33.18 -30.58 -12.77
CA PHE D 122 -33.41 -29.47 -11.86
C PHE D 122 -34.69 -29.64 -11.06
N ALA D 123 -35.70 -30.30 -11.64
CA ALA D 123 -36.90 -30.64 -10.86
C ALA D 123 -36.56 -31.63 -9.75
N ILE D 124 -35.68 -32.60 -10.05
CA ILE D 124 -35.21 -33.52 -9.01
C ILE D 124 -34.48 -32.74 -7.93
N ASP D 125 -33.67 -31.77 -8.31
CA ASP D 125 -32.99 -30.92 -7.32
C ASP D 125 -34.01 -30.17 -6.47
N ILE D 126 -35.06 -29.64 -7.08
CA ILE D 126 -36.06 -28.88 -6.34
C ILE D 126 -36.77 -29.79 -5.33
N ILE D 127 -37.16 -30.98 -5.76
CA ILE D 127 -37.88 -31.87 -4.85
C ILE D 127 -36.95 -32.42 -3.78
N MET D 128 -35.64 -32.47 -4.04
CA MET D 128 -34.69 -32.94 -3.04
C MET D 128 -34.32 -31.87 -2.02
N THR D 129 -34.28 -30.60 -2.43
CA THR D 129 -33.80 -29.54 -1.54
C THR D 129 -34.69 -29.33 -0.33
N PHE D 130 -35.91 -29.88 -0.32
CA PHE D 130 -36.75 -29.81 0.86
C PHE D 130 -36.24 -30.69 2.00
N PHE D 131 -35.29 -31.59 1.72
CA PHE D 131 -34.76 -32.53 2.71
C PHE D 131 -33.33 -32.19 3.11
N VAL D 132 -32.94 -30.92 2.95
CA VAL D 132 -31.58 -30.48 3.26
C VAL D 132 -31.67 -29.36 4.29
N GLY D 133 -31.03 -29.56 5.43
CA GLY D 133 -31.01 -28.53 6.45
C GLY D 133 -30.04 -27.41 6.11
N TYR D 134 -30.23 -26.28 6.77
CA TYR D 134 -29.37 -25.11 6.61
C TYR D 134 -28.75 -24.73 7.94
N LEU D 135 -27.83 -23.77 7.89
CA LEU D 135 -27.10 -23.32 9.07
C LEU D 135 -27.63 -21.95 9.47
N ASP D 136 -28.24 -21.87 10.65
CA ASP D 136 -28.74 -20.60 11.14
C ASP D 136 -27.58 -19.67 11.49
N LYS D 137 -27.74 -18.38 11.13
CA LYS D 137 -26.70 -17.41 11.38
C LYS D 137 -26.60 -17.01 12.85
N SER D 138 -27.71 -17.05 13.57
CA SER D 138 -27.73 -16.69 14.98
C SER D 138 -27.47 -17.88 15.90
N THR D 139 -27.28 -19.07 15.34
CA THR D 139 -27.04 -20.27 16.14
C THR D 139 -25.84 -21.09 15.69
N TYR D 140 -25.46 -21.03 14.41
CA TYR D 140 -24.36 -21.83 13.88
C TYR D 140 -24.59 -23.32 14.10
N LEU D 141 -25.84 -23.75 13.93
CA LEU D 141 -26.22 -25.14 14.09
C LEU D 141 -27.14 -25.56 12.95
N ILE D 142 -27.10 -26.84 12.62
CA ILE D 142 -28.02 -27.38 11.63
C ILE D 142 -29.44 -27.34 12.18
N VAL D 143 -30.36 -26.75 11.41
CA VAL D 143 -31.70 -26.52 11.91
C VAL D 143 -32.43 -27.84 12.14
N ASP D 144 -32.41 -28.73 11.15
CA ASP D 144 -33.03 -30.05 11.25
C ASP D 144 -34.50 -29.96 11.65
N ASP D 145 -35.20 -28.97 11.11
CA ASP D 145 -36.62 -28.78 11.38
C ASP D 145 -37.34 -28.68 10.03
N ARG D 146 -38.02 -29.77 9.65
CA ARG D 146 -38.69 -29.80 8.35
C ARG D 146 -39.78 -28.74 8.24
N LYS D 147 -40.35 -28.31 9.36
CA LYS D 147 -41.29 -27.18 9.33
C LYS D 147 -40.59 -25.90 8.90
N GLN D 148 -39.42 -25.62 9.46
CA GLN D 148 -38.70 -24.39 9.16
C GLN D 148 -38.01 -24.44 7.80
N ILE D 149 -37.57 -25.63 7.37
CA ILE D 149 -36.86 -25.74 6.10
C ILE D 149 -37.76 -25.33 4.95
N ALA D 150 -39.00 -25.84 4.94
CA ALA D 150 -39.92 -25.51 3.86
C ALA D 150 -40.28 -24.03 3.87
N PHE D 151 -40.55 -23.47 5.05
CA PHE D 151 -40.90 -22.06 5.14
C PHE D 151 -39.71 -21.13 4.92
N LYS D 152 -38.49 -21.65 4.90
CA LYS D 152 -37.36 -20.85 4.46
C LYS D 152 -37.15 -20.97 2.95
N TYR D 153 -37.29 -22.18 2.41
CA TYR D 153 -37.11 -22.38 0.97
C TYR D 153 -38.17 -21.63 0.17
N LEU D 154 -39.43 -21.69 0.64
CA LEU D 154 -40.50 -20.99 -0.07
C LEU D 154 -40.28 -19.48 -0.06
N ARG D 155 -39.84 -18.94 1.08
CA ARG D 155 -39.66 -17.50 1.18
C ARG D 155 -38.41 -17.03 0.43
N SER D 156 -37.38 -17.89 0.32
CA SER D 156 -36.15 -17.46 -0.32
C SER D 156 -36.25 -17.53 -1.83
N TRP D 157 -36.37 -18.74 -2.39
CA TRP D 157 -36.57 -18.90 -3.83
C TRP D 157 -37.22 -20.26 -4.09
N PHE D 158 -38.51 -20.26 -4.34
CA PHE D 158 -39.19 -21.48 -4.78
C PHE D 158 -39.92 -21.32 -6.10
N LEU D 159 -40.61 -20.20 -6.29
CA LEU D 159 -41.31 -19.99 -7.56
C LEU D 159 -40.33 -19.67 -8.68
N LEU D 160 -39.25 -18.95 -8.36
CA LEU D 160 -38.23 -18.66 -9.37
C LEU D 160 -37.54 -19.93 -9.83
N ASP D 161 -37.27 -20.86 -8.91
CA ASP D 161 -36.72 -22.15 -9.30
C ASP D 161 -37.73 -22.98 -10.08
N LEU D 162 -39.02 -22.84 -9.75
CA LEU D 162 -40.03 -23.64 -10.43
C LEU D 162 -40.22 -23.19 -11.87
N VAL D 163 -40.29 -21.87 -12.10
CA VAL D 163 -40.51 -21.37 -13.46
C VAL D 163 -39.32 -21.68 -14.35
N SER D 164 -38.13 -21.86 -13.77
CA SER D 164 -36.95 -22.19 -14.55
C SER D 164 -36.82 -23.69 -14.80
N THR D 165 -37.89 -24.45 -14.59
CA THR D 165 -37.88 -25.89 -14.84
C THR D 165 -39.00 -26.36 -15.76
N ILE D 166 -39.95 -25.50 -16.09
CA ILE D 166 -41.04 -25.91 -16.99
C ILE D 166 -40.47 -26.17 -18.37
N PRO D 167 -40.77 -27.30 -19.01
CA PRO D 167 -40.25 -27.56 -20.35
C PRO D 167 -40.78 -26.54 -21.35
N SER D 168 -39.96 -26.26 -22.36
CA SER D 168 -40.31 -25.25 -23.36
C SER D 168 -41.54 -25.63 -24.18
N GLU D 169 -41.88 -26.92 -24.23
CA GLU D 169 -43.07 -27.34 -24.95
C GLU D 169 -44.33 -26.75 -24.32
N ALA D 170 -44.38 -26.73 -22.98
CA ALA D 170 -45.53 -26.15 -22.30
C ALA D 170 -45.63 -24.65 -22.57
N ALA D 171 -44.48 -23.96 -22.64
CA ALA D 171 -44.50 -22.54 -22.93
C ALA D 171 -45.05 -22.27 -24.33
N MET D 172 -44.68 -23.10 -25.31
CA MET D 172 -45.22 -22.95 -26.65
C MET D 172 -46.72 -23.20 -26.67
N ARG D 173 -47.18 -24.17 -25.87
CA ARG D 173 -48.61 -24.45 -25.79
C ARG D 173 -49.41 -23.24 -25.31
N ILE D 174 -48.84 -22.47 -24.39
CA ILE D 174 -49.52 -21.26 -23.90
C ILE D 174 -49.62 -20.23 -25.02
N SER D 175 -48.52 -19.99 -25.73
CA SER D 175 -48.50 -19.01 -26.81
C SER D 175 -47.27 -19.24 -27.67
N SER D 176 -47.44 -19.12 -28.98
CA SER D 176 -46.31 -19.23 -29.90
C SER D 176 -45.38 -18.03 -29.83
N GLN D 177 -45.91 -16.86 -29.43
CA GLN D 177 -45.06 -15.68 -29.26
C GLN D 177 -44.06 -15.86 -28.13
N SER D 178 -44.31 -16.80 -27.21
CA SER D 178 -43.38 -17.14 -26.15
C SER D 178 -42.28 -18.05 -26.69
N TYR D 179 -41.55 -18.69 -25.78
CA TYR D 179 -40.43 -19.59 -26.01
C TYR D 179 -39.16 -18.81 -26.37
N GLY D 180 -39.25 -17.51 -26.60
CA GLY D 180 -38.05 -16.70 -26.72
C GLY D 180 -37.71 -16.08 -25.38
N LEU D 181 -38.66 -15.36 -24.80
CA LEU D 181 -38.45 -14.73 -23.50
C LEU D 181 -38.60 -15.72 -22.35
N PHE D 182 -39.15 -16.90 -22.59
CA PHE D 182 -39.25 -17.92 -21.55
C PHE D 182 -37.94 -18.66 -21.33
N ASN D 183 -37.13 -18.81 -22.38
CA ASN D 183 -35.84 -19.47 -22.21
C ASN D 183 -34.86 -18.60 -21.41
N MET D 184 -34.99 -17.27 -21.52
CA MET D 184 -34.15 -16.39 -20.73
C MET D 184 -34.46 -16.47 -19.23
N LEU D 185 -35.62 -17.01 -18.86
CA LEU D 185 -35.93 -17.21 -17.45
C LEU D 185 -35.06 -18.31 -16.85
N ARG D 186 -34.54 -19.22 -17.67
CA ARG D 186 -33.66 -20.27 -17.18
C ARG D 186 -32.31 -19.73 -16.71
N LEU D 187 -32.00 -18.46 -17.00
CA LEU D 187 -30.78 -17.86 -16.50
C LEU D 187 -30.80 -17.63 -14.99
N TRP D 188 -31.95 -17.83 -14.35
CA TRP D 188 -32.02 -17.71 -12.90
C TRP D 188 -31.10 -18.70 -12.20
N ARG D 189 -30.74 -19.79 -12.88
CA ARG D 189 -29.84 -20.81 -12.34
C ARG D 189 -28.41 -20.32 -12.21
N LEU D 190 -28.13 -19.04 -12.43
CA LEU D 190 -26.77 -18.52 -12.34
C LEU D 190 -26.40 -18.10 -10.91
N ARG D 191 -27.27 -18.33 -9.94
CA ARG D 191 -26.89 -18.06 -8.55
C ARG D 191 -25.93 -19.11 -8.03
N ARG D 192 -25.98 -20.33 -8.58
CA ARG D 192 -25.13 -21.41 -8.10
C ARG D 192 -23.66 -21.11 -8.36
N VAL D 193 -23.34 -20.60 -9.54
CA VAL D 193 -21.94 -20.29 -9.84
C VAL D 193 -21.45 -19.13 -8.99
N GLY D 194 -22.31 -18.16 -8.72
CA GLY D 194 -21.92 -17.07 -7.83
C GLY D 194 -21.63 -17.56 -6.42
N ALA D 195 -22.49 -18.42 -5.91
CA ALA D 195 -22.26 -19.00 -4.58
C ALA D 195 -20.98 -19.83 -4.56
N LEU D 196 -20.74 -20.60 -5.62
CA LEU D 196 -19.53 -21.40 -5.69
C LEU D 196 -18.29 -20.51 -5.70
N PHE D 197 -18.32 -19.42 -6.46
CA PHE D 197 -17.19 -18.52 -6.50
C PHE D 197 -16.96 -17.85 -5.15
N ALA D 198 -18.05 -17.48 -4.46
CA ALA D 198 -17.90 -16.91 -3.11
C ALA D 198 -17.26 -17.92 -2.16
N ARG D 199 -17.71 -19.18 -2.22
CA ARG D 199 -17.12 -20.20 -1.37
C ARG D 199 -15.65 -20.42 -1.69
N LEU D 200 -15.30 -20.42 -2.98
CA LEU D 200 -13.91 -20.60 -3.37
C LEU D 200 -13.05 -19.44 -2.90
N GLU D 201 -13.58 -18.21 -2.97
CA GLU D 201 -12.85 -17.06 -2.46
C GLU D 201 -12.65 -17.15 -0.96
N LYS D 202 -13.65 -17.67 -0.24
CA LYS D 202 -13.55 -17.86 1.20
C LYS D 202 -12.95 -19.21 1.58
N ASP D 203 -12.16 -19.81 0.70
CA ASP D 203 -11.53 -21.10 0.95
C ASP D 203 -10.02 -20.96 0.86
N ARG D 204 -9.31 -21.75 1.65
CA ARG D 204 -7.86 -21.69 1.74
C ARG D 204 -7.16 -22.56 0.71
N ASN D 205 -7.73 -23.73 0.41
CA ASN D 205 -7.05 -24.69 -0.46
C ASN D 205 -6.90 -24.20 -1.89
N PHE D 206 -7.69 -23.21 -2.31
CA PHE D 206 -7.68 -22.71 -3.68
C PHE D 206 -6.99 -21.35 -3.73
N ASN D 207 -6.15 -21.17 -4.74
CA ASN D 207 -5.42 -19.92 -4.89
C ASN D 207 -6.37 -18.78 -5.23
N TYR D 208 -6.16 -17.63 -4.58
CA TYR D 208 -7.00 -16.47 -4.82
C TYR D 208 -6.82 -15.95 -6.24
N PHE D 209 -5.58 -15.94 -6.73
CA PHE D 209 -5.29 -15.39 -8.06
C PHE D 209 -6.03 -16.16 -9.15
N TRP D 210 -5.94 -17.49 -9.11
CA TRP D 210 -6.59 -18.29 -10.14
C TRP D 210 -8.11 -18.24 -10.02
N VAL D 211 -8.64 -18.15 -8.80
CA VAL D 211 -10.08 -18.01 -8.62
C VAL D 211 -10.57 -16.71 -9.26
N ARG D 212 -9.86 -15.61 -8.99
CA ARG D 212 -10.26 -14.33 -9.58
C ARG D 212 -10.14 -14.37 -11.10
N CYS D 213 -9.06 -14.97 -11.62
CA CYS D 213 -8.90 -15.05 -13.07
C CYS D 213 -10.02 -15.87 -13.71
N ALA D 214 -10.38 -16.99 -13.10
CA ALA D 214 -11.47 -17.81 -13.62
C ALA D 214 -12.79 -17.06 -13.59
N LYS D 215 -13.04 -16.33 -12.51
CA LYS D 215 -14.27 -15.54 -12.44
C LYS D 215 -14.33 -14.49 -13.55
N LEU D 216 -13.22 -13.79 -13.76
CA LEU D 216 -13.20 -12.77 -14.81
C LEU D 216 -13.40 -13.39 -16.19
N VAL D 217 -12.75 -14.53 -16.44
CA VAL D 217 -12.89 -15.21 -17.73
C VAL D 217 -14.34 -15.63 -17.95
N CYS D 218 -14.97 -16.21 -16.93
CA CYS D 218 -16.36 -16.62 -17.05
C CYS D 218 -17.25 -15.43 -17.35
N VAL D 219 -17.04 -14.32 -16.63
CA VAL D 219 -17.88 -13.14 -16.82
C VAL D 219 -17.76 -12.61 -18.24
N THR D 220 -16.52 -12.47 -18.73
CA THR D 220 -16.34 -11.89 -20.05
C THR D 220 -16.84 -12.83 -21.14
N LEU D 221 -16.66 -14.14 -20.97
CA LEU D 221 -17.18 -15.08 -21.96
C LEU D 221 -18.70 -15.04 -22.01
N PHE D 222 -19.36 -14.99 -20.85
CA PHE D 222 -20.81 -14.91 -20.83
C PHE D 222 -21.30 -13.62 -21.48
N ALA D 223 -20.62 -12.50 -21.20
CA ALA D 223 -21.01 -11.24 -21.81
C ALA D 223 -20.88 -11.31 -23.33
N VAL D 224 -19.78 -11.88 -23.82
CA VAL D 224 -19.58 -11.99 -25.26
C VAL D 224 -20.69 -12.83 -25.88
N HIS D 225 -20.99 -13.99 -25.27
CA HIS D 225 -22.00 -14.87 -25.84
C HIS D 225 -23.38 -14.21 -25.86
N CYS D 226 -23.76 -13.57 -24.76
CA CYS D 226 -25.06 -12.93 -24.70
C CYS D 226 -25.18 -11.80 -25.72
N ALA D 227 -24.13 -10.98 -25.84
CA ALA D 227 -24.16 -9.89 -26.81
C ALA D 227 -24.26 -10.43 -28.23
N ALA D 228 -23.50 -11.47 -28.55
CA ALA D 228 -23.54 -12.05 -29.89
C ALA D 228 -24.93 -12.57 -30.21
N CYS D 229 -25.55 -13.30 -29.27
CA CYS D 229 -26.88 -13.83 -29.50
C CYS D 229 -27.90 -12.72 -29.69
N PHE D 230 -27.84 -11.68 -28.83
CA PHE D 230 -28.79 -10.58 -28.95
C PHE D 230 -28.64 -9.85 -30.28
N TYR D 231 -27.39 -9.65 -30.71
CA TYR D 231 -27.17 -8.88 -31.93
C TYR D 231 -27.59 -9.67 -33.16
N TYR D 232 -27.34 -10.98 -33.18
CA TYR D 232 -27.87 -11.79 -34.27
C TYR D 232 -29.40 -11.82 -34.25
N LEU D 233 -30.01 -11.83 -33.06
CA LEU D 233 -31.46 -11.78 -32.99
C LEU D 233 -31.99 -10.48 -33.59
N ILE D 234 -31.34 -9.36 -33.28
CA ILE D 234 -31.75 -8.08 -33.86
C ILE D 234 -31.61 -8.13 -35.38
N ALA D 235 -30.54 -8.75 -35.88
CA ALA D 235 -30.36 -8.86 -37.31
C ALA D 235 -31.46 -9.70 -37.96
N ALA D 236 -31.75 -10.87 -37.39
CA ALA D 236 -32.68 -11.79 -38.03
C ALA D 236 -34.11 -11.28 -37.98
N ARG D 237 -34.56 -10.80 -36.82
CA ARG D 237 -35.92 -10.31 -36.69
C ARG D 237 -36.07 -8.95 -37.33
N ASN D 238 -35.92 -8.89 -38.66
CA ASN D 238 -36.01 -7.64 -39.39
C ASN D 238 -36.36 -7.93 -40.83
N SER D 239 -37.36 -7.21 -41.35
CA SER D 239 -37.68 -7.31 -42.76
C SER D 239 -36.57 -6.68 -43.60
N ASN D 240 -36.50 -7.08 -44.87
CA ASN D 240 -35.47 -6.63 -45.79
C ASN D 240 -34.10 -6.99 -45.23
N PRO D 241 -33.72 -8.28 -45.24
CA PRO D 241 -32.46 -8.68 -44.61
C PRO D 241 -31.22 -8.05 -45.22
N ALA D 242 -31.31 -7.53 -46.44
CA ALA D 242 -30.17 -6.88 -47.07
C ALA D 242 -29.77 -5.57 -46.40
N LYS D 243 -30.60 -5.05 -45.50
CA LYS D 243 -30.32 -3.81 -44.79
C LYS D 243 -29.90 -4.08 -43.34
N THR D 244 -29.19 -5.18 -43.12
CA THR D 244 -28.69 -5.55 -41.81
C THR D 244 -27.17 -5.64 -41.84
N TRP D 245 -26.58 -5.74 -40.65
CA TRP D 245 -25.11 -5.79 -40.57
C TRP D 245 -24.56 -7.05 -41.21
N ILE D 246 -25.24 -8.19 -41.04
CA ILE D 246 -24.79 -9.43 -41.67
C ILE D 246 -25.33 -9.60 -43.08
N GLY D 247 -26.46 -8.95 -43.41
CA GLY D 247 -26.99 -9.02 -44.75
C GLY D 247 -26.24 -8.17 -45.76
N ALA D 248 -25.50 -7.17 -45.30
CA ALA D 248 -24.70 -6.34 -46.19
C ALA D 248 -23.32 -6.90 -46.44
N ASN D 249 -22.91 -7.93 -45.70
CA ASN D 249 -21.60 -8.55 -45.86
C ASN D 249 -21.68 -9.91 -46.55
N VAL D 250 -22.50 -10.81 -46.02
CA VAL D 250 -22.67 -12.13 -46.62
C VAL D 250 -23.70 -12.11 -47.74
N ALA D 251 -24.81 -11.39 -47.53
CA ALA D 251 -25.91 -11.22 -48.47
C ALA D 251 -26.67 -12.52 -48.74
N ASN D 252 -26.32 -13.63 -48.08
CA ASN D 252 -27.04 -14.88 -48.28
C ASN D 252 -27.26 -15.62 -46.97
N PHE D 253 -27.28 -14.90 -45.84
CA PHE D 253 -27.56 -15.56 -44.57
C PHE D 253 -29.04 -15.97 -44.51
N LEU D 254 -29.39 -16.68 -43.44
CA LEU D 254 -30.64 -17.40 -43.26
C LEU D 254 -30.77 -18.58 -44.21
N GLU D 255 -29.70 -18.91 -44.96
CA GLU D 255 -29.72 -20.04 -45.88
C GLU D 255 -28.56 -21.01 -45.70
N GLU D 256 -27.42 -20.57 -45.18
CA GLU D 256 -26.30 -21.46 -44.98
C GLU D 256 -26.30 -22.01 -43.55
N SER D 257 -25.20 -22.68 -43.20
CA SER D 257 -25.13 -23.42 -41.95
C SER D 257 -25.28 -22.49 -40.74
N LEU D 258 -25.92 -23.03 -39.70
CA LEU D 258 -26.04 -22.28 -38.45
C LEU D 258 -24.69 -22.05 -37.80
N TRP D 259 -23.74 -22.96 -38.01
CA TRP D 259 -22.41 -22.80 -37.44
C TRP D 259 -21.72 -21.55 -37.98
N MET D 260 -21.86 -21.28 -39.27
CA MET D 260 -21.25 -20.09 -39.85
C MET D 260 -21.82 -18.82 -39.21
N ARG D 261 -23.14 -18.76 -39.08
CA ARG D 261 -23.76 -17.57 -38.49
C ARG D 261 -23.35 -17.40 -37.03
N TYR D 262 -23.29 -18.51 -36.29
CA TYR D 262 -22.89 -18.42 -34.89
C TYR D 262 -21.46 -17.92 -34.76
N VAL D 263 -20.54 -18.48 -35.55
CA VAL D 263 -19.14 -18.05 -35.43
C VAL D 263 -18.97 -16.63 -35.93
N THR D 264 -19.73 -16.22 -36.94
CA THR D 264 -19.66 -14.83 -37.41
C THR D 264 -20.12 -13.86 -36.33
N SER D 265 -21.24 -14.17 -35.69
CA SER D 265 -21.73 -13.28 -34.63
C SER D 265 -20.78 -13.25 -33.45
N MET D 266 -20.22 -14.40 -33.08
CA MET D 266 -19.25 -14.43 -31.99
C MET D 266 -17.99 -13.65 -32.35
N TYR D 267 -17.52 -13.75 -33.60
CA TYR D 267 -16.36 -13.00 -34.03
C TYR D 267 -16.63 -11.50 -33.97
N TRP D 268 -17.83 -11.07 -34.38
CA TRP D 268 -18.19 -9.67 -34.24
C TRP D 268 -18.18 -9.24 -32.78
N SER D 269 -18.76 -10.06 -31.90
CA SER D 269 -18.80 -9.70 -30.49
C SER D 269 -17.41 -9.58 -29.90
N ILE D 270 -16.52 -10.51 -30.25
CA ILE D 270 -15.14 -10.46 -29.75
C ILE D 270 -14.42 -9.23 -30.26
N THR D 271 -14.59 -8.92 -31.56
CA THR D 271 -13.94 -7.73 -32.10
C THR D 271 -14.44 -6.46 -31.43
N THR D 272 -15.74 -6.38 -31.14
CA THR D 272 -16.28 -5.19 -30.50
C THR D 272 -15.81 -5.09 -29.05
N LEU D 273 -15.77 -6.21 -28.33
CA LEU D 273 -15.39 -6.18 -26.92
C LEU D 273 -13.93 -5.76 -26.75
N THR D 274 -13.03 -6.40 -27.49
CA THR D 274 -11.61 -6.08 -27.38
C THR D 274 -11.25 -4.78 -28.08
N THR D 275 -12.25 -4.02 -28.54
CA THR D 275 -12.05 -2.71 -29.18
C THR D 275 -11.11 -2.80 -30.37
N VAL D 276 -11.16 -3.90 -31.12
CA VAL D 276 -10.39 -3.99 -32.36
C VAL D 276 -11.11 -3.25 -33.48
N GLY D 277 -12.37 -3.60 -33.73
CA GLY D 277 -13.17 -2.90 -34.71
C GLY D 277 -12.58 -2.92 -36.11
N TYR D 278 -12.54 -4.10 -36.72
CA TYR D 278 -11.96 -4.21 -38.05
C TYR D 278 -12.71 -3.34 -39.06
N GLY D 279 -14.03 -3.45 -39.09
CA GLY D 279 -14.82 -2.62 -39.99
C GLY D 279 -15.91 -3.37 -40.70
N ASP D 280 -15.65 -4.64 -41.03
CA ASP D 280 -16.73 -5.50 -41.51
C ASP D 280 -17.67 -5.82 -40.36
N LEU D 281 -18.92 -6.10 -40.70
CA LEU D 281 -19.96 -6.40 -39.72
C LEU D 281 -20.14 -5.23 -38.74
N HIS D 282 -20.58 -4.11 -39.29
CA HIS D 282 -20.86 -2.91 -38.53
C HIS D 282 -22.34 -2.56 -38.63
N PRO D 283 -22.89 -1.88 -37.62
CA PRO D 283 -24.32 -1.56 -37.65
C PRO D 283 -24.69 -0.67 -38.84
N VAL D 284 -25.91 -0.88 -39.34
CA VAL D 284 -26.40 -0.15 -40.50
C VAL D 284 -27.63 0.67 -40.12
N ASN D 285 -28.67 0.00 -39.63
CA ASN D 285 -29.90 0.68 -39.26
C ASN D 285 -29.78 1.25 -37.85
N THR D 286 -30.87 1.85 -37.35
CA THR D 286 -30.84 2.55 -36.07
C THR D 286 -30.83 1.61 -34.87
N LYS D 287 -31.58 0.51 -34.93
CA LYS D 287 -31.64 -0.40 -33.78
C LYS D 287 -30.27 -0.99 -33.48
N GLU D 288 -29.55 -1.40 -34.53
CA GLU D 288 -28.20 -1.93 -34.32
C GLU D 288 -27.28 -0.86 -33.76
N MET D 289 -27.43 0.38 -34.21
CA MET D 289 -26.60 1.46 -33.66
C MET D 289 -26.87 1.66 -32.18
N ILE D 290 -28.13 1.65 -31.76
CA ILE D 290 -28.45 1.84 -30.35
C ILE D 290 -27.90 0.70 -29.51
N PHE D 291 -28.11 -0.54 -29.98
CA PHE D 291 -27.61 -1.69 -29.24
C PHE D 291 -26.10 -1.65 -29.15
N ASP D 292 -25.42 -1.28 -30.23
CA ASP D 292 -23.96 -1.23 -30.21
C ASP D 292 -23.46 -0.10 -29.30
N ILE D 293 -24.19 1.01 -29.25
CA ILE D 293 -23.84 2.09 -28.32
C ILE D 293 -23.86 1.57 -26.90
N PHE D 294 -24.95 0.90 -26.52
CA PHE D 294 -25.05 0.39 -25.15
C PHE D 294 -24.00 -0.69 -24.89
N TYR D 295 -23.73 -1.53 -25.90
CA TYR D 295 -22.74 -2.58 -25.73
C TYR D 295 -21.34 -2.00 -25.50
N MET D 296 -20.95 -1.00 -26.29
CA MET D 296 -19.64 -0.39 -26.07
C MET D 296 -19.58 0.34 -24.73
N LEU D 297 -20.68 0.98 -24.33
CA LEU D 297 -20.71 1.62 -23.02
C LEU D 297 -20.47 0.62 -21.91
N PHE D 298 -21.08 -0.57 -22.02
CA PHE D 298 -20.82 -1.62 -21.04
C PHE D 298 -19.38 -2.12 -21.13
N ASN D 299 -18.85 -2.25 -22.36
CA ASN D 299 -17.53 -2.82 -22.55
C ASN D 299 -16.45 -1.94 -21.95
N LEU D 300 -16.64 -0.62 -22.00
CA LEU D 300 -15.66 0.29 -21.39
C LEU D 300 -15.49 -0.04 -19.91
N GLY D 301 -16.60 -0.12 -19.18
CA GLY D 301 -16.53 -0.45 -17.77
C GLY D 301 -16.01 -1.86 -17.53
N LEU D 302 -16.38 -2.80 -18.41
CA LEU D 302 -15.89 -4.17 -18.23
C LEU D 302 -14.37 -4.24 -18.36
N THR D 303 -13.81 -3.58 -19.37
CA THR D 303 -12.36 -3.57 -19.54
C THR D 303 -11.68 -2.84 -18.39
N ALA D 304 -12.27 -1.73 -17.92
CA ALA D 304 -11.69 -1.04 -16.78
C ALA D 304 -11.67 -1.94 -15.55
N TYR D 305 -12.76 -2.68 -15.32
CA TYR D 305 -12.83 -3.60 -14.19
C TYR D 305 -11.80 -4.71 -14.31
N LEU D 306 -11.64 -5.27 -15.52
CA LEU D 306 -10.65 -6.31 -15.72
C LEU D 306 -9.24 -5.80 -15.46
N ILE D 307 -8.92 -4.61 -15.96
CA ILE D 307 -7.58 -4.06 -15.75
C ILE D 307 -7.35 -3.78 -14.27
N GLY D 308 -8.36 -3.25 -13.58
CA GLY D 308 -8.22 -3.01 -12.15
C GLY D 308 -7.98 -4.28 -11.36
N ASN D 309 -8.74 -5.34 -11.69
CA ASN D 309 -8.54 -6.61 -11.02
C ASN D 309 -7.15 -7.19 -11.29
N MET D 310 -6.69 -7.08 -12.54
CA MET D 310 -5.37 -7.59 -12.87
C MET D 310 -4.29 -6.82 -12.11
N THR D 311 -4.42 -5.51 -12.01
CA THR D 311 -3.47 -4.71 -11.25
C THR D 311 -3.49 -5.10 -9.77
N ASN D 312 -4.69 -5.29 -9.22
CA ASN D 312 -4.80 -5.67 -7.82
C ASN D 312 -4.17 -7.03 -7.55
N LEU D 313 -4.34 -7.97 -8.48
CA LEU D 313 -3.71 -9.28 -8.32
C LEU D 313 -2.20 -9.18 -8.45
N VAL D 314 -1.71 -8.34 -9.38
CA VAL D 314 -0.27 -8.17 -9.56
C VAL D 314 0.38 -7.53 -8.34
N VAL D 315 -0.30 -6.59 -7.69
CA VAL D 315 0.25 -5.93 -6.52
C VAL D 315 -0.25 -6.65 -5.28
N HIS D 316 0.38 -6.38 -4.13
CA HIS D 316 0.04 -6.96 -2.84
C HIS D 316 0.47 -8.44 -2.79
N GLY D 317 0.91 -8.97 -3.93
CA GLY D 317 1.47 -10.31 -3.94
C GLY D 317 2.97 -10.29 -3.75
N THR D 318 3.66 -9.43 -4.49
CA THR D 318 5.08 -9.20 -4.32
C THR D 318 5.40 -7.97 -3.47
N SER D 319 4.37 -7.32 -2.92
CA SER D 319 4.60 -6.08 -2.18
C SER D 319 5.32 -6.32 -0.87
N ARG D 320 4.88 -7.32 -0.09
CA ARG D 320 5.49 -7.57 1.21
C ARG D 320 6.85 -8.23 1.10
N THR D 321 7.24 -8.70 -0.08
CA THR D 321 8.62 -9.12 -0.29
C THR D 321 9.52 -7.93 -0.55
N ARG D 322 8.97 -6.85 -1.10
CA ARG D 322 9.78 -5.71 -1.52
C ARG D 322 10.33 -4.92 -0.34
N ASN D 323 9.58 -4.85 0.77
CA ASN D 323 10.11 -4.19 1.96
C ASN D 323 11.35 -4.90 2.46
N PHE D 324 11.31 -6.22 2.56
CA PHE D 324 12.49 -6.99 2.93
C PHE D 324 13.61 -6.77 1.91
N ARG D 325 13.26 -6.82 0.62
CA ARG D 325 14.28 -6.72 -0.42
C ARG D 325 15.03 -5.40 -0.34
N ASP D 326 14.30 -4.28 -0.20
CA ASP D 326 15.01 -3.00 -0.19
C ASP D 326 15.68 -2.72 1.15
N THR D 327 15.09 -3.17 2.27
CA THR D 327 15.75 -2.96 3.56
C THR D 327 17.02 -3.78 3.68
N ILE D 328 17.11 -4.89 2.95
CA ILE D 328 18.37 -5.62 2.92
C ILE D 328 19.29 -5.12 1.82
N GLN D 329 18.74 -4.54 0.75
CA GLN D 329 19.57 -3.96 -0.31
C GLN D 329 20.35 -2.76 0.23
N ALA D 330 19.71 -1.93 1.05
CA ALA D 330 20.41 -0.79 1.64
C ALA D 330 21.57 -1.27 2.51
N ALA D 331 21.34 -2.29 3.33
CA ALA D 331 22.40 -2.83 4.17
C ALA D 331 23.52 -3.41 3.32
N SER D 332 23.17 -4.16 2.27
CA SER D 332 24.18 -4.79 1.44
C SER D 332 25.04 -3.76 0.72
N ASN D 333 24.43 -2.71 0.18
CA ASN D 333 25.23 -1.73 -0.56
C ASN D 333 26.06 -0.87 0.39
N PHE D 334 25.51 -0.54 1.57
CA PHE D 334 26.29 0.20 2.55
C PHE D 334 27.47 -0.63 3.05
N ALA D 335 27.29 -1.94 3.16
CA ALA D 335 28.40 -2.82 3.56
C ALA D 335 29.43 -2.92 2.44
N HIS D 336 28.98 -3.05 1.19
CA HIS D 336 29.90 -3.17 0.07
C HIS D 336 30.74 -1.91 -0.09
N ARG D 337 30.12 -0.74 0.04
CA ARG D 337 30.86 0.52 -0.03
C ARG D 337 31.34 0.90 1.36
N ASN D 338 32.13 1.98 1.42
CA ASN D 338 32.54 2.60 2.68
C ASN D 338 33.27 1.60 3.59
N HIS D 339 34.44 1.16 3.12
CA HIS D 339 35.36 0.34 3.91
C HIS D 339 34.69 -0.97 4.36
N LEU D 340 34.42 -1.81 3.38
CA LEU D 340 33.74 -3.08 3.61
C LEU D 340 34.50 -3.92 4.64
N PRO D 341 33.85 -4.34 5.72
CA PRO D 341 34.52 -5.16 6.72
C PRO D 341 34.86 -6.54 6.18
N PRO D 342 35.88 -7.20 6.74
CA PRO D 342 36.22 -8.55 6.27
C PRO D 342 35.11 -9.56 6.49
N ARG D 343 34.66 -9.68 7.74
CA ARG D 343 33.59 -10.61 8.09
C ARG D 343 32.50 -10.00 8.96
N LEU D 344 32.69 -8.79 9.47
CA LEU D 344 31.64 -8.15 10.27
C LEU D 344 30.41 -7.86 9.41
N GLN D 345 30.62 -7.48 8.15
CA GLN D 345 29.49 -7.25 7.25
C GLN D 345 28.69 -8.51 7.01
N ASP D 346 29.35 -9.67 7.03
CA ASP D 346 28.63 -10.93 6.92
C ASP D 346 27.82 -11.21 8.19
N GLN D 347 28.35 -10.80 9.35
CA GLN D 347 27.65 -11.03 10.61
C GLN D 347 26.36 -10.22 10.70
N MET D 348 26.39 -8.97 10.25
CA MET D 348 25.23 -8.10 10.44
C MET D 348 24.07 -8.50 9.54
N LEU D 349 24.36 -8.93 8.30
CA LEU D 349 23.29 -9.34 7.40
C LEU D 349 22.59 -10.59 7.93
N ALA D 350 23.33 -11.51 8.53
CA ALA D 350 22.69 -12.65 9.18
C ALA D 350 21.81 -12.22 10.33
N HIS D 351 22.25 -11.20 11.09
CA HIS D 351 21.42 -10.67 12.16
C HIS D 351 20.13 -10.08 11.62
N LEU D 352 20.21 -9.34 10.52
CA LEU D 352 19.00 -8.78 9.92
C LEU D 352 18.07 -9.88 9.42
N CYS D 353 18.65 -10.91 8.80
CA CYS D 353 17.86 -12.04 8.33
C CYS D 353 17.13 -12.72 9.48
N LEU D 354 17.82 -12.93 10.60
CA LEU D 354 17.20 -13.55 11.75
C LEU D 354 16.14 -12.64 12.38
N LYS D 355 16.39 -11.33 12.42
CA LYS D 355 15.43 -10.41 12.98
C LYS D 355 14.15 -10.37 12.16
N TYR D 356 14.28 -10.38 10.83
CA TYR D 356 13.09 -10.38 9.98
C TYR D 356 12.26 -11.63 10.20
N ARG D 357 12.90 -12.76 10.45
CA ARG D 357 12.16 -13.97 10.79
C ARG D 357 11.59 -13.90 12.19
N THR D 358 12.34 -13.31 13.13
CA THR D 358 11.92 -13.27 14.52
C THR D 358 10.67 -12.42 14.70
N ASP D 359 10.66 -11.21 14.16
CA ASP D 359 9.52 -10.33 14.33
C ASP D 359 8.27 -10.85 13.62
N SER D 360 8.44 -11.51 12.47
CA SER D 360 7.30 -12.08 11.77
C SER D 360 6.62 -13.16 12.61
N GLU D 361 7.42 -14.10 13.13
CA GLU D 361 6.86 -15.12 14.01
C GLU D 361 6.33 -14.51 15.30
N GLY D 362 7.03 -13.51 15.84
CA GLY D 362 6.55 -12.82 17.02
C GLY D 362 5.29 -12.02 16.80
N LEU D 363 4.99 -11.66 15.55
CA LEU D 363 3.76 -10.95 15.21
C LEU D 363 2.63 -11.90 14.81
N GLN D 364 2.94 -12.96 14.07
CA GLN D 364 1.92 -13.95 13.74
C GLN D 364 1.38 -14.61 15.01
N GLN D 365 2.27 -14.97 15.93
CA GLN D 365 1.84 -15.55 17.20
C GLN D 365 1.01 -14.54 17.99
N GLN D 366 1.44 -13.28 18.00
CA GLN D 366 0.66 -12.24 18.69
C GLN D 366 -0.67 -11.99 17.98
N GLU D 367 -0.70 -12.12 16.66
CA GLU D 367 -1.95 -11.88 15.93
C GLU D 367 -2.95 -13.01 16.15
N THR D 368 -2.50 -14.26 16.08
CA THR D 368 -3.41 -15.38 16.28
C THR D 368 -3.89 -15.46 17.72
N LEU D 369 -3.04 -15.06 18.67
CA LEU D 369 -3.45 -14.96 20.06
C LEU D 369 -4.07 -13.59 20.31
N ASP D 370 -4.49 -13.36 21.56
CA ASP D 370 -5.14 -12.12 21.98
C ASP D 370 -6.47 -11.92 21.24
N ALA D 371 -6.87 -12.91 20.44
CA ALA D 371 -8.16 -12.93 19.77
C ALA D 371 -9.00 -14.15 20.14
N LEU D 372 -8.43 -15.10 20.87
CA LEU D 372 -9.02 -16.32 21.39
C LEU D 372 -9.36 -16.15 22.86
N PRO D 373 -10.33 -16.92 23.37
CA PRO D 373 -10.67 -16.82 24.80
C PRO D 373 -9.53 -17.33 25.67
N LYS D 374 -9.55 -16.88 26.92
CA LYS D 374 -8.49 -17.26 27.85
C LYS D 374 -8.48 -18.77 28.09
N ALA D 375 -9.65 -19.40 28.01
CA ALA D 375 -9.74 -20.83 28.30
C ALA D 375 -8.95 -21.70 27.31
N ILE D 376 -8.73 -21.22 26.10
CA ILE D 376 -7.99 -21.99 25.09
C ILE D 376 -6.54 -21.55 25.05
N ARG D 377 -6.30 -20.26 25.29
CA ARG D 377 -4.92 -19.78 25.36
C ARG D 377 -4.18 -20.41 26.54
N SER D 378 -4.87 -20.55 27.67
CA SER D 378 -4.26 -21.22 28.81
C SER D 378 -3.94 -22.67 28.48
N SER D 379 -4.82 -23.36 27.77
CA SER D 379 -4.56 -24.74 27.39
C SER D 379 -3.36 -24.84 26.45
N ILE D 380 -3.26 -23.91 25.50
CA ILE D 380 -2.13 -23.90 24.57
C ILE D 380 -0.83 -23.68 25.34
N SER D 381 -0.82 -22.69 26.24
CA SER D 381 0.38 -22.40 27.01
C SER D 381 0.76 -23.58 27.90
N HIS D 382 -0.23 -24.24 28.49
CA HIS D 382 0.05 -25.43 29.30
C HIS D 382 0.64 -26.55 28.45
N PHE D 383 0.11 -26.75 27.24
CA PHE D 383 0.67 -27.77 26.36
C PHE D 383 2.11 -27.43 25.98
N LEU D 384 2.40 -26.14 25.80
CA LEU D 384 3.72 -25.76 25.30
C LEU D 384 4.77 -25.71 26.40
N PHE D 385 4.44 -25.14 27.57
CA PHE D 385 5.45 -24.75 28.53
C PHE D 385 5.35 -25.39 29.90
N TYR D 386 4.25 -26.08 30.22
CA TYR D 386 4.11 -26.64 31.56
C TYR D 386 5.17 -27.70 31.84
N SER D 387 5.45 -28.56 30.85
CA SER D 387 6.47 -29.59 31.05
C SER D 387 7.84 -28.97 31.26
N LEU D 388 8.17 -27.94 30.48
CA LEU D 388 9.46 -27.28 30.64
C LEU D 388 9.57 -26.58 31.99
N MET D 389 8.49 -25.96 32.45
CA MET D 389 8.51 -25.20 33.69
C MET D 389 8.71 -26.08 34.92
N ASP D 390 8.48 -27.39 34.81
CA ASP D 390 8.69 -28.27 35.96
C ASP D 390 10.14 -28.29 36.41
N LYS D 391 11.08 -27.97 35.51
CA LYS D 391 12.49 -27.98 35.83
C LYS D 391 12.96 -26.67 36.47
N VAL D 392 12.08 -25.68 36.60
CA VAL D 392 12.47 -24.41 37.18
C VAL D 392 12.76 -24.59 38.67
N TYR D 393 13.90 -24.07 39.12
CA TYR D 393 14.34 -24.30 40.49
C TYR D 393 13.52 -23.54 41.52
N LEU D 394 13.07 -22.34 41.21
CA LEU D 394 12.28 -21.57 42.18
C LEU D 394 10.96 -22.27 42.49
N PHE D 395 10.29 -22.79 41.47
CA PHE D 395 9.00 -23.45 41.66
C PHE D 395 9.21 -24.96 41.84
N ARG D 396 9.74 -25.30 43.01
CA ARG D 396 9.94 -26.68 43.42
C ARG D 396 9.25 -26.88 44.76
N GLY D 397 8.24 -27.75 44.79
CA GLY D 397 7.45 -27.99 45.98
C GLY D 397 6.23 -27.11 46.11
N VAL D 398 6.07 -26.10 45.25
CA VAL D 398 4.91 -25.24 45.32
C VAL D 398 3.66 -26.02 44.91
N SER D 399 2.50 -25.50 45.31
CA SER D 399 1.23 -26.13 44.96
C SER D 399 1.06 -26.18 43.45
N ASN D 400 0.48 -27.27 42.97
CA ASN D 400 0.42 -27.51 41.53
C ASN D 400 -0.44 -26.47 40.82
N ASP D 401 -1.52 -26.01 41.44
CA ASP D 401 -2.38 -25.03 40.81
C ASP D 401 -1.65 -23.73 40.53
N LEU D 402 -0.76 -23.33 41.43
CA LEU D 402 0.01 -22.10 41.23
C LEU D 402 0.88 -22.20 39.98
N LEU D 403 1.42 -23.39 39.72
CA LEU D 403 2.17 -23.61 38.49
C LEU D 403 1.28 -23.40 37.27
N PHE D 404 0.04 -23.91 37.32
CA PHE D 404 -0.88 -23.71 36.21
C PHE D 404 -1.17 -22.23 36.00
N GLN D 405 -1.42 -21.50 37.09
CA GLN D 405 -1.69 -20.07 36.97
C GLN D 405 -0.50 -19.32 36.39
N LEU D 406 0.72 -19.67 36.82
CA LEU D 406 1.90 -19.03 36.29
C LEU D 406 2.08 -19.32 34.81
N VAL D 407 1.87 -20.58 34.40
CA VAL D 407 2.02 -20.95 33.00
C VAL D 407 0.97 -20.25 32.14
N SER D 408 -0.24 -20.05 32.67
CA SER D 408 -1.31 -19.46 31.89
C SER D 408 -1.05 -18.00 31.51
N GLU D 409 -0.07 -17.35 32.13
CA GLU D 409 0.21 -15.93 31.90
C GLU D 409 1.70 -15.68 31.71
N MET D 410 2.33 -16.47 30.84
CA MET D 410 3.78 -16.40 30.71
C MET D 410 4.26 -15.53 29.54
N LYS D 411 3.44 -15.36 28.50
CA LYS D 411 3.71 -14.39 27.44
C LYS D 411 5.06 -14.65 26.77
N ALA D 412 5.13 -15.79 26.06
CA ALA D 412 6.34 -16.19 25.38
C ALA D 412 6.75 -15.16 24.33
N GLU D 413 8.07 -15.01 24.15
CA GLU D 413 8.63 -14.05 23.21
C GLU D 413 9.84 -14.67 22.52
N TYR D 414 10.34 -13.97 21.51
CA TYR D 414 11.52 -14.37 20.77
C TYR D 414 12.53 -13.23 20.74
N PHE D 415 13.81 -13.59 20.59
CA PHE D 415 14.87 -12.59 20.58
C PHE D 415 15.97 -12.99 19.61
N PRO D 416 16.48 -12.06 18.81
CA PRO D 416 17.57 -12.38 17.88
C PRO D 416 18.87 -12.59 18.64
N PRO D 417 19.86 -13.22 18.02
CA PRO D 417 21.16 -13.39 18.68
C PRO D 417 21.84 -12.04 18.91
N LYS D 418 22.69 -12.01 19.94
CA LYS D 418 23.41 -10.80 20.35
C LYS D 418 22.45 -9.66 20.67
N GLU D 419 21.38 -10.00 21.40
CA GLU D 419 20.40 -9.03 21.85
C GLU D 419 20.38 -9.00 23.37
N ASP D 420 20.27 -7.79 23.93
CA ASP D 420 20.28 -7.60 25.38
C ASP D 420 18.85 -7.61 25.87
N VAL D 421 18.40 -8.76 26.37
CA VAL D 421 17.05 -8.86 26.93
C VAL D 421 16.94 -8.05 28.21
N ILE D 422 17.97 -8.10 29.06
CA ILE D 422 18.02 -7.36 30.31
C ILE D 422 19.36 -6.66 30.40
N LEU D 423 19.34 -5.37 30.69
CA LEU D 423 20.55 -4.57 30.83
C LEU D 423 20.79 -4.26 32.31
N GLN D 424 22.07 -4.18 32.68
CA GLN D 424 22.43 -4.00 34.08
C GLN D 424 21.97 -2.65 34.60
N ASN D 425 21.57 -2.62 35.87
CA ASN D 425 21.15 -1.40 36.56
C ASN D 425 19.93 -0.77 35.86
N GLU D 426 18.84 -1.52 35.84
CA GLU D 426 17.57 -1.03 35.32
C GLU D 426 16.47 -1.32 36.35
N ALA D 427 15.34 -0.66 36.16
CA ALA D 427 14.22 -0.83 37.08
C ALA D 427 13.71 -2.28 37.02
N PRO D 428 13.51 -2.94 38.16
CA PRO D 428 13.05 -4.34 38.12
C PRO D 428 11.58 -4.45 37.73
N THR D 429 11.33 -4.92 36.52
CA THR D 429 9.96 -5.08 36.02
C THR D 429 9.62 -6.51 35.67
N ASP D 430 10.48 -7.20 34.93
CA ASP D 430 10.20 -8.54 34.43
C ASP D 430 11.38 -9.46 34.72
N PHE D 431 11.07 -10.76 34.83
CA PHE D 431 12.09 -11.79 34.90
C PHE D 431 11.79 -12.84 33.83
N TYR D 432 12.85 -13.33 33.20
CA TYR D 432 12.75 -14.16 32.01
C TYR D 432 13.12 -15.60 32.30
N ILE D 433 12.69 -16.49 31.41
CA ILE D 433 13.03 -17.91 31.47
C ILE D 433 13.39 -18.35 30.05
N LEU D 434 14.47 -19.13 29.93
CA LEU D 434 14.90 -19.60 28.63
C LEU D 434 14.15 -20.85 28.20
N VAL D 435 13.93 -20.98 26.89
CA VAL D 435 13.31 -22.15 26.30
C VAL D 435 14.22 -22.79 25.26
N ASN D 436 14.79 -21.98 24.37
CA ASN D 436 15.71 -22.47 23.35
C ASN D 436 16.91 -21.55 23.30
N GLY D 437 18.04 -22.10 22.84
CA GLY D 437 19.26 -21.34 22.77
C GLY D 437 19.91 -21.16 24.13
N THR D 438 20.86 -20.23 24.17
CA THR D 438 21.58 -19.94 25.40
C THR D 438 21.99 -18.47 25.41
N ALA D 439 22.25 -17.97 26.61
CA ALA D 439 22.64 -16.58 26.81
C ALA D 439 23.81 -16.52 27.78
N ASP D 440 24.54 -15.40 27.72
CA ASP D 440 25.71 -15.18 28.56
C ASP D 440 25.46 -14.01 29.50
N LEU D 441 25.90 -14.17 30.75
CA LEU D 441 25.73 -13.13 31.76
C LEU D 441 26.96 -12.24 31.77
N VAL D 442 26.77 -10.96 31.45
CA VAL D 442 27.86 -9.99 31.43
C VAL D 442 27.48 -8.82 32.33
N ASP D 443 28.50 -8.12 32.82
CA ASP D 443 28.29 -6.97 33.68
C ASP D 443 29.40 -5.96 33.44
N VAL D 444 29.03 -4.68 33.36
CA VAL D 444 29.98 -3.60 33.15
C VAL D 444 30.37 -2.91 34.46
N ASP D 445 30.05 -3.54 35.60
CA ASP D 445 30.39 -2.95 36.89
C ASP D 445 31.90 -2.88 37.11
N THR D 446 32.66 -3.75 36.46
CA THR D 446 34.12 -3.74 36.57
C THR D 446 34.78 -2.88 35.50
N GLY D 447 34.01 -2.21 34.66
CA GLY D 447 34.55 -1.39 33.59
C GLY D 447 34.79 -2.11 32.28
N THR D 448 34.59 -3.42 32.24
CA THR D 448 34.79 -4.20 31.04
C THR D 448 33.62 -5.17 30.86
N GLU D 449 33.38 -5.57 29.61
CA GLU D 449 32.31 -6.50 29.28
C GLU D 449 32.88 -7.90 29.31
N SER D 450 32.87 -8.50 30.51
CA SER D 450 33.38 -9.84 30.73
C SER D 450 32.24 -10.76 31.15
N ILE D 451 32.13 -11.91 30.51
CA ILE D 451 31.07 -12.86 30.84
C ILE D 451 31.35 -13.48 32.20
N VAL D 452 30.28 -13.81 32.92
CA VAL D 452 30.38 -14.43 34.24
C VAL D 452 29.95 -15.89 34.20
N ARG D 453 28.79 -16.16 33.62
CA ARG D 453 28.28 -17.52 33.51
C ARG D 453 27.33 -17.58 32.32
N GLU D 454 27.20 -18.78 31.76
CA GLU D 454 26.33 -19.02 30.61
C GLU D 454 25.10 -19.78 31.09
N VAL D 455 23.92 -19.28 30.71
CA VAL D 455 22.65 -19.88 31.10
C VAL D 455 22.07 -20.63 29.90
N LYS D 456 21.65 -21.87 30.14
CA LYS D 456 21.07 -22.72 29.13
C LYS D 456 19.55 -22.71 29.24
N ALA D 457 18.90 -23.50 28.40
CA ALA D 457 17.45 -23.57 28.37
C ALA D 457 16.95 -24.27 29.64
N GLY D 458 16.21 -23.55 30.47
CA GLY D 458 15.66 -24.13 31.68
C GLY D 458 16.04 -23.43 32.96
N ASP D 459 16.45 -22.17 32.87
CA ASP D 459 16.82 -21.40 34.04
C ASP D 459 16.20 -20.01 33.96
N ILE D 460 16.04 -19.39 35.12
CA ILE D 460 15.40 -18.08 35.22
C ILE D 460 16.45 -17.00 34.97
N ILE D 461 15.99 -15.84 34.51
CA ILE D 461 16.85 -14.71 34.19
C ILE D 461 16.38 -13.51 35.01
N GLY D 462 17.30 -12.95 35.80
CA GLY D 462 17.01 -11.73 36.53
C GLY D 462 15.91 -11.85 37.57
N GLU D 463 15.82 -13.02 38.23
CA GLU D 463 14.81 -13.21 39.25
C GLU D 463 15.18 -12.57 40.58
N ILE D 464 16.46 -12.26 40.80
CA ILE D 464 16.87 -11.65 42.07
C ILE D 464 16.37 -10.22 42.16
N GLY D 465 16.48 -9.46 41.07
CA GLY D 465 16.08 -8.06 41.11
C GLY D 465 14.60 -7.87 41.32
N VAL D 466 13.78 -8.71 40.67
CA VAL D 466 12.33 -8.56 40.77
C VAL D 466 11.84 -8.94 42.16
N LEU D 467 12.42 -9.99 42.76
CA LEU D 467 11.96 -10.43 44.07
C LEU D 467 12.35 -9.46 45.17
N CYS D 468 13.58 -8.95 45.13
CA CYS D 468 14.07 -8.05 46.16
C CYS D 468 13.79 -6.58 45.87
N TYR D 469 13.22 -6.27 44.71
CA TYR D 469 12.88 -4.90 44.32
C TYR D 469 14.12 -4.01 44.33
N ARG D 470 15.13 -4.44 43.57
CA ARG D 470 16.38 -3.73 43.42
C ARG D 470 16.80 -3.80 41.95
N PRO D 471 17.67 -2.88 41.51
CA PRO D 471 18.10 -2.90 40.11
C PRO D 471 18.82 -4.19 39.76
N GLN D 472 18.74 -4.56 38.48
CA GLN D 472 19.26 -5.84 38.01
C GLN D 472 20.76 -5.93 38.25
N LEU D 473 21.25 -7.17 38.26
CA LEU D 473 22.64 -7.48 38.59
C LEU D 473 23.54 -7.54 37.36
N PHE D 474 23.15 -8.29 36.34
CA PHE D 474 23.99 -8.50 35.17
C PHE D 474 23.20 -8.28 33.90
N THR D 475 23.89 -7.78 32.87
CA THR D 475 23.31 -7.67 31.54
C THR D 475 23.30 -9.04 30.88
N VAL D 476 22.17 -9.40 30.29
CA VAL D 476 21.97 -10.71 29.68
C VAL D 476 22.00 -10.55 28.17
N ARG D 477 22.95 -11.19 27.52
CA ARG D 477 23.10 -11.14 26.07
C ARG D 477 22.86 -12.52 25.50
N THR D 478 21.96 -12.60 24.52
CA THR D 478 21.62 -13.88 23.89
C THR D 478 22.62 -14.16 22.77
N LYS D 479 23.55 -15.08 23.01
CA LYS D 479 24.54 -15.44 22.00
C LYS D 479 23.96 -16.26 20.86
N ARG D 480 22.66 -16.48 20.84
CA ARG D 480 22.02 -17.30 19.82
C ARG D 480 20.54 -16.92 19.76
N LEU D 481 19.86 -17.40 18.73
CA LEU D 481 18.43 -17.14 18.59
C LEU D 481 17.71 -17.84 19.73
N CYS D 482 17.25 -17.07 20.71
CA CYS D 482 16.67 -17.60 21.94
C CYS D 482 15.19 -17.26 22.02
N GLN D 483 14.40 -18.24 22.42
CA GLN D 483 12.98 -18.04 22.68
C GLN D 483 12.78 -17.95 24.19
N LEU D 484 12.22 -16.83 24.64
CA LEU D 484 12.05 -16.55 26.06
C LEU D 484 10.56 -16.36 26.37
N LEU D 485 10.28 -16.24 27.65
CA LEU D 485 8.92 -16.02 28.12
C LEU D 485 8.97 -15.24 29.43
N ARG D 486 8.40 -14.04 29.43
CA ARG D 486 8.54 -13.09 30.52
C ARG D 486 7.18 -12.73 31.09
N MET D 487 7.13 -12.60 32.42
CA MET D 487 5.89 -12.27 33.10
C MET D 487 6.18 -11.21 34.16
N ASN D 488 5.24 -10.27 34.31
CA ASN D 488 5.52 -9.02 35.00
C ASN D 488 5.64 -9.22 36.51
N ARG D 489 6.21 -8.21 37.16
CA ARG D 489 6.34 -8.24 38.62
C ARG D 489 4.99 -8.04 39.29
N THR D 490 4.18 -7.10 38.80
CA THR D 490 2.88 -6.85 39.39
C THR D 490 1.98 -8.07 39.30
N THR D 491 2.01 -8.75 38.15
CA THR D 491 1.24 -9.99 38.01
C THR D 491 1.72 -11.04 38.98
N PHE D 492 3.04 -11.16 39.17
CA PHE D 492 3.57 -12.13 40.11
C PHE D 492 3.11 -11.83 41.53
N LEU D 493 3.15 -10.56 41.93
CA LEU D 493 2.72 -10.19 43.27
C LEU D 493 1.23 -10.42 43.45
N ASN D 494 0.43 -10.13 42.42
CA ASN D 494 -1.01 -10.40 42.51
C ASN D 494 -1.29 -11.89 42.64
N ILE D 495 -0.59 -12.72 41.88
CA ILE D 495 -0.79 -14.17 41.96
C ILE D 495 -0.39 -14.69 43.34
N ILE D 496 0.76 -14.22 43.84
CA ILE D 496 1.23 -14.67 45.14
C ILE D 496 0.27 -14.22 46.24
N GLN D 497 -0.26 -13.00 46.12
CA GLN D 497 -1.16 -12.47 47.14
C GLN D 497 -2.43 -13.31 47.26
N ALA D 498 -2.98 -13.75 46.13
CA ALA D 498 -4.18 -14.58 46.15
C ALA D 498 -3.83 -16.06 46.28
N ASN D 499 -3.01 -16.38 47.28
CA ASN D 499 -2.58 -17.74 47.54
C ASN D 499 -2.04 -17.81 48.96
N VAL D 500 -1.81 -19.04 49.43
CA VAL D 500 -1.22 -19.29 50.74
C VAL D 500 0.15 -19.93 50.65
N GLY D 501 0.51 -20.52 49.51
CA GLY D 501 1.83 -21.09 49.36
C GLY D 501 2.81 -20.13 48.73
N ASP D 502 3.58 -19.43 49.55
CA ASP D 502 4.60 -18.50 49.07
C ASP D 502 5.92 -18.59 49.82
N GLY D 503 5.98 -19.22 50.99
CA GLY D 503 7.24 -19.36 51.70
C GLY D 503 8.21 -20.25 50.95
N THR D 504 7.69 -21.28 50.26
CA THR D 504 8.57 -22.20 49.53
C THR D 504 9.40 -21.47 48.50
N ILE D 505 8.83 -20.46 47.85
CA ILE D 505 9.55 -19.71 46.82
C ILE D 505 10.76 -19.00 47.43
N ILE D 506 10.56 -18.31 48.56
CA ILE D 506 11.67 -17.59 49.16
C ILE D 506 12.69 -18.54 49.76
N MET D 507 12.25 -19.68 50.30
CA MET D 507 13.21 -20.67 50.79
C MET D 507 14.06 -21.21 49.65
N ASN D 508 13.45 -21.51 48.50
CA ASN D 508 14.21 -21.98 47.36
C ASN D 508 15.18 -20.90 46.86
N ASN D 509 14.73 -19.65 46.84
CA ASN D 509 15.62 -18.56 46.44
C ASN D 509 16.82 -18.46 47.36
N LEU D 510 16.59 -18.42 48.67
CA LEU D 510 17.69 -18.29 49.62
C LEU D 510 18.62 -19.49 49.56
N LEU D 511 18.07 -20.68 49.34
CA LEU D 511 18.91 -21.86 49.15
C LEU D 511 19.78 -21.71 47.91
N GLN D 512 19.22 -21.14 46.84
CA GLN D 512 20.00 -20.95 45.62
C GLN D 512 21.10 -19.91 45.81
N HIS D 513 20.86 -18.87 46.62
CA HIS D 513 21.91 -17.88 46.86
C HIS D 513 23.12 -18.50 47.54
N LEU D 514 22.93 -19.58 48.31
CA LEU D 514 24.06 -20.22 48.97
C LEU D 514 24.93 -20.99 47.99
N LYS D 515 24.35 -21.51 46.91
CA LYS D 515 25.13 -22.26 45.92
C LYS D 515 26.03 -21.37 45.06
N GLU D 516 25.83 -20.06 45.09
CA GLU D 516 26.68 -19.12 44.38
C GLU D 516 27.46 -18.31 45.41
N MET D 517 28.78 -18.26 45.25
CA MET D 517 29.67 -17.70 46.26
C MET D 517 29.94 -16.22 46.00
N ASN D 518 29.63 -15.39 47.01
CA ASN D 518 30.07 -14.01 47.18
C ASN D 518 29.46 -13.05 46.15
N ASP D 519 28.80 -13.56 45.13
CA ASP D 519 28.08 -12.67 44.24
C ASP D 519 26.69 -12.37 44.82
N PRO D 520 25.91 -13.37 45.25
CA PRO D 520 24.65 -13.07 45.92
C PRO D 520 24.77 -12.84 47.42
N VAL D 521 25.89 -13.19 48.03
CA VAL D 521 26.01 -13.15 49.50
C VAL D 521 25.83 -11.73 50.00
N MET D 522 26.40 -10.74 49.30
CA MET D 522 26.18 -9.35 49.68
C MET D 522 24.70 -9.01 49.62
N THR D 523 24.02 -9.41 48.54
CA THR D 523 22.58 -9.27 48.47
C THR D 523 21.89 -10.13 49.51
N ASN D 524 22.42 -11.34 49.75
CA ASN D 524 21.85 -12.20 50.80
C ASN D 524 22.04 -11.58 52.17
N VAL D 525 23.21 -10.99 52.43
CA VAL D 525 23.44 -10.32 53.71
C VAL D 525 22.49 -9.14 53.87
N LEU D 526 22.30 -8.37 52.80
CA LEU D 526 21.37 -7.25 52.85
C LEU D 526 19.95 -7.72 53.13
N LEU D 527 19.53 -8.80 52.46
CA LEU D 527 18.18 -9.34 52.68
C LEU D 527 18.01 -9.82 54.11
N GLU D 528 19.03 -10.48 54.66
CA GLU D 528 18.96 -10.91 56.06
C GLU D 528 18.87 -9.71 56.99
N ILE D 529 19.62 -8.65 56.69
CA ILE D 529 19.50 -7.42 57.47
C ILE D 529 18.17 -6.75 57.22
N GLU D 530 17.69 -6.75 55.97
CA GLU D 530 16.42 -6.10 55.65
C GLU D 530 15.23 -6.87 56.21
N ASN D 531 15.34 -8.20 56.32
CA ASN D 531 14.24 -8.99 56.84
C ASN D 531 13.93 -8.63 58.29
N MET D 532 14.97 -8.44 59.09
CA MET D 532 14.79 -8.10 60.50
C MET D 532 14.20 -6.69 60.65
C1 PTY E . 11.40 11.48 -18.96
O4 PTY E . 10.81 12.25 -20.03
C5 PTY E . 10.97 9.41 -17.57
C6 PTY E . 10.56 10.24 -18.76
O7 PTY E . 10.63 9.42 -19.96
C8 PTY E . 9.68 8.50 -20.15
O10 PTY E . 8.68 8.46 -19.46
C11 PTY E . 9.97 7.52 -21.24
C12 PTY E . 8.88 6.50 -21.42
C13 PTY E . 9.25 5.39 -22.38
C14 PTY E . 8.21 4.31 -22.49
C15 PTY E . 8.63 3.11 -23.31
C16 PTY E . 7.60 2.01 -23.33
C17 PTY E . 8.02 0.77 -24.08
C18 PTY E . 8.37 1.01 -25.53
C19 PTY E . 8.48 -0.24 -26.35
C20 PTY E . 9.46 -1.25 -25.82
C21 PTY E . 9.51 -2.54 -26.60
C22 PTY E . 8.19 -3.28 -26.65
C30 PTY E . 11.38 13.42 -20.30
C31 PTY E . 10.59 14.19 -21.32
O30 PTY E . 12.40 13.80 -19.78
C32 PTY E . 11.15 15.54 -21.61
C33 PTY E . 10.26 16.34 -22.56
C34 PTY E . 10.09 15.72 -23.92
C35 PTY E . 9.20 16.53 -24.85
C36 PTY E . 9.67 17.94 -25.08
C37 PTY E . 8.77 18.75 -25.98
C38 PTY E . 7.35 18.88 -25.49
C39 PTY E . 6.48 19.76 -26.36
C40 PTY E . 6.34 19.27 -27.78
C41 PTY E . 5.56 20.21 -28.67
C42 PTY E . 5.48 19.77 -30.11
C43 PTY E . 4.67 18.52 -30.35
C44 PTY E . 3.20 18.69 -30.03
P1 PTY E . 10.94 9.45 -14.92
O11 PTY E . 12.51 9.12 -14.95
O12 PTY E . 10.19 8.15 -14.92
O13 PTY E . 10.68 10.47 -13.85
O14 PTY E . 10.69 10.16 -16.34
K K F . -9.54 -0.08 -32.70
K K G . -8.53 -0.08 -29.23
K K H . -11.27 -0.09 -38.64
C1 PTY I . 6.36 -16.01 -17.40
O4 PTY I . 7.12 -15.70 -18.59
C5 PTY I . 4.75 -14.92 -15.77
C6 PTY I . 5.42 -14.86 -17.13
O7 PTY I . 4.42 -14.71 -18.18
C8 PTY I . 3.52 -15.69 -18.41
O10 PTY I . 3.47 -16.72 -17.80
C11 PTY I . 2.56 -15.33 -19.51
C12 PTY I . 1.14 -15.28 -19.06
C13 PTY I . 0.16 -15.21 -20.22
C14 PTY I . -1.30 -15.21 -19.81
C15 PTY I . -2.26 -15.49 -20.94
C16 PTY I . -3.70 -15.55 -20.53
C17 PTY I . -4.63 -16.05 -21.61
C18 PTY I . -6.09 -16.05 -21.25
C19 PTY I . -6.66 -14.67 -21.02
C20 PTY I . -8.16 -14.65 -20.81
C21 PTY I . -8.73 -13.25 -20.64
C22 PTY I . -10.23 -13.21 -20.50
C30 PTY I . 8.09 -16.55 -18.92
C31 PTY I . 8.92 -16.00 -20.04
O30 PTY I . 8.26 -17.60 -18.37
C32 PTY I . 8.95 -16.88 -21.26
C33 PTY I . 9.56 -16.18 -22.46
C34 PTY I . 9.68 -17.05 -23.69
C35 PTY I . 10.09 -16.31 -24.94
C36 PTY I . 11.36 -15.52 -24.80
C37 PTY I . 11.79 -14.81 -26.06
C38 PTY I . 12.11 -15.74 -27.20
C39 PTY I . 12.55 -15.04 -28.47
C40 PTY I . 11.50 -14.16 -29.09
C41 PTY I . 11.92 -13.52 -30.39
C42 PTY I . 10.84 -12.71 -31.06
C43 PTY I . 11.26 -12.08 -32.36
C44 PTY I . 10.16 -11.28 -33.03
P1 PTY I . 5.36 -14.74 -13.21
O11 PTY I . 6.71 -15.07 -12.41
O12 PTY I . 5.07 -13.28 -13.03
O13 PTY I . 4.31 -15.76 -12.83
O14 PTY I . 5.78 -14.98 -14.73
C1 PTY J . -14.74 15.95 -11.33
O4 PTY J . -16.02 15.63 -11.92
C5 PTY J . -12.50 14.86 -10.81
C6 PTY J . -13.80 14.80 -11.60
O7 PTY J . -13.53 14.63 -13.02
C8 PTY J . -12.89 15.61 -13.70
O10 PTY J . -12.52 16.65 -13.21
C11 PTY J . -12.67 15.25 -15.15
C12 PTY J . -11.23 15.20 -15.54
C13 PTY J . -11.02 15.13 -17.03
C14 PTY J . -9.58 15.13 -17.46
C15 PTY J . -9.38 15.40 -18.94
C16 PTY J . -7.93 15.45 -19.38
C17 PTY J . -7.74 15.96 -20.78
C18 PTY J . -6.31 15.95 -21.26
C19 PTY J . -5.70 14.57 -21.38
C20 PTY J . -4.33 14.55 -22.00
C21 PTY J . -3.76 13.16 -22.16
C22 PTY J . -2.41 13.11 -22.84
C30 PTY J . -17.02 16.48 -11.68
C31 PTY J . -18.32 15.93 -12.19
O30 PTY J . -16.86 17.54 -11.13
C32 PTY J . -19.00 16.81 -13.19
C33 PTY J . -20.16 16.11 -13.87
C34 PTY J . -20.92 16.98 -14.85
C35 PTY J . -21.94 16.23 -15.67
C36 PTY J . -22.94 15.44 -14.87
C37 PTY J . -23.97 14.73 -15.70
C38 PTY J . -24.86 15.64 -16.50
C39 PTY J . -25.91 14.94 -17.32
C40 PTY J . -25.35 14.06 -18.41
C41 PTY J . -26.41 13.40 -19.28
C42 PTY J . -25.86 12.59 -20.42
C43 PTY J . -26.91 11.94 -21.29
C44 PTY J . -26.34 11.15 -22.43
P1 PTY J . -11.63 14.70 -8.32
O11 PTY J . -12.35 15.03 -6.93
O12 PTY J . -11.30 13.23 -8.32
O13 PTY J . -10.55 15.72 -8.57
O14 PTY J . -12.81 14.92 -9.40
C1 PTY K . -19.80 -11.55 -9.80
O4 PTY K . -19.87 -12.33 -11.02
C5 PTY K . -18.69 -9.48 -8.87
C6 PTY K . -18.98 -10.31 -10.10
O7 PTY K . -19.68 -9.49 -11.07
C8 PTY K . -18.98 -8.57 -11.75
O10 PTY K . -17.79 -8.53 -11.70
C11 PTY K . -19.82 -7.60 -12.52
C12 PTY K . -19.00 -6.58 -13.26
C13 PTY K . -19.84 -5.48 -13.87
C14 PTY K . -19.02 -4.39 -14.52
C15 PTY K . -19.81 -3.20 -14.99
C16 PTY K . -18.97 -2.09 -15.55
C17 PTY K . -19.72 -0.86 -15.98
C18 PTY K . -20.78 -1.12 -17.02
C19 PTY K . -21.32 0.14 -17.67
C20 PTY K . -21.87 1.16 -16.70
C21 PTY K . -22.33 2.44 -17.35
C22 PTY K . -21.24 3.18 -18.08
C30 PTY K . -20.49 -13.50 -10.93
C31 PTY K . -20.38 -14.27 -12.22
O30 PTY K . -21.07 -13.87 -9.95
C32 PTY K . -21.00 -15.63 -12.16
C33 PTY K . -20.77 -16.43 -13.43
C34 PTY K . -21.36 -15.82 -14.67
C35 PTY K . -21.10 -16.62 -15.93
C36 PTY K . -21.62 -18.03 -15.87
C37 PTY K . -21.34 -18.85 -17.11
C38 PTY K . -19.89 -18.98 -17.46
C39 PTY K . -19.61 -19.86 -18.65
C40 PTY K . -20.26 -19.38 -19.93
C41 PTY K . -20.08 -20.32 -21.10
C42 PTY K . -20.78 -19.90 -22.36
C43 PTY K . -20.23 -18.65 -22.99
C44 PTY K . -18.82 -18.81 -23.52
P1 PTY K . -17.24 -9.50 -6.66
O11 PTY K . -18.58 -9.17 -5.84
O12 PTY K . -16.61 -8.19 -7.06
O13 PTY K . -16.44 -10.51 -5.89
O14 PTY K . -17.79 -10.21 -7.98
#